data_7QOK
#
_entry.id   7QOK
#
_cell.length_a   1.00
_cell.length_b   1.00
_cell.length_c   1.00
_cell.angle_alpha   90.00
_cell.angle_beta   90.00
_cell.angle_gamma   90.00
#
_symmetry.space_group_name_H-M   'P 1'
#
loop_
_entity.id
_entity.type
_entity.pdbx_description
1 polymer 'Muzzle protein gp44'
2 polymer 'Muzzle bound helix'
3 polymer 'Ring protein 4/5 gp34'
4 non-polymer 'MAGNESIUM ION'
#
loop_
_entity_poly.entity_id
_entity_poly.type
_entity_poly.pdbx_seq_one_letter_code
_entity_poly.pdbx_strand_id
1 'polypeptide(L)'
;MALKKEQHFFKGMQRDLSVSKFNPEYAFDAQNIRITAREHDTLLSVSNEKGNKEIPLQSPSGDPVVIDGVLLGQNVLNNY
VTLFTKGTNDNIYRLENKGTYFETLILFSGNLNFSTDYPIESISVYENNNIQKVYWVDGLNQARVINITKDDYNNADDFD
FVGTIHTSSKIEVSKVNGSGAFGQGVIQYAFTYYNKYGKETNIFRTSPLLYIAYSDRGASPEETVSCSFQINFTELDSSY
DFIRVYSIHRTSIDATPTVRKVADLATDTKLYVDTGTTGEIVDPTLLLYVGGEEIAPYTMTQKDNTLFLGNYTLKRSLIS
TELKNQIKSDSIVTTILGGLDDAIESEWNVNTQYNSNYDLNYDSRIKGFQKGEIYRLGIQFQDNKGKWSEVVFIGDYECT
ERFKYTQYDTYGITLIPRFKVVISNSTTIQAIKNLGYINARGVVVFPTLEDRNILCQGILCPTVANYKDRLDNSPFVQSS
WFSRPKQATETWKTEYSGTNHLSEFGEVPYFQHNEPIGSASLSEITRWEIQTSLGLVPYYNPSTTNAKDFVDGSPSEFLV
DENIVTMHSPDVEFDDRLQNITNGKFKLRIIGTTHLTNTLSDISVITSTPTYGNYATGFYKGKVANMNISTSYYGGRQLS
AGLFWSDNVKFQDPSPQDKLERLWMVYPWHRNGSLMNMGVPTEGTRAAALQRKIISNLKFASQNNYLPNQSVWEAEISGD
ANHTGITPVNSWTEGLVRIPAQANSNLGSLNYYANIDKVLTFNRSEQISEIYKNGYLIYTTKDWITDGKIADLFNNAISQ
TISVDQVQDWLTRIADTDKYGTEPVSMKYKSNPHLVFAFNYTESGKQLILPMKNNNNGYLAPSANSKPFWNPTAPEGAVY
QDSINFTNENRAFFWLAELYRDSVVNRFGGDTEEAILNNTWLPSGDSVIIGDSINIEYTEGDTYYQRYDCLRTFAYTNED
QNSIVDIVSFMCESKVNIDGRYDKNRGQVNNLAVSPTNFNLFNPVYSQKNNFFTFRTIDYERFSINYFPNSITVTKEKSL
GEDIDTWTNITLATTLDLDGDKGEIVSLNTYNNEIFCFQRRGLSNILFNSRVQIPTSDGMPIEITNGLKVSGKRYISNTI
GCANKWSIAESPSGLYFIDNETNSLYLFNGEIVSLSDKLGFRQWISTHNVHVNWEPVGYNNYRSFYDKNNNDVYFTYKDH
CLCYSELINQFTSFMSYEGVPAMFNVSSEFYAFKDGKMWEQFAGDYNMFFGEYKPFSITFVANAEEPNDKIFNTVEFRAD
SWDSDNLISNKTFDTLDVWNEYQHGTTPLTNLLGHPSPLKKKFRIWRANIPRAIANNRDRIRNTWAYIKLGMNTPNTYRT
EFHDAIIHYFA
;
A
2 'polypeptide(L)' (UNK)(UNK)(UNK)(UNK)(UNK)(UNK)(UNK)(UNK)(UNK)(UNK)(UNK)(UNK)(UNK)(UNK) B
3 'polypeptide(L)'
;MNVNEFSNEFDVLYNNIMSNAAPGLNEYEKSVLLTKAQEEIVKNYFEPAGNKYGKGLDDSPKRQIDFSELIKVGEGVLNT
SAPTITFDKRAKVYDLPADLFLVINEAVDTNAGTKQIVPISYSDYTRLMSRPYKEPVKYQAWRIITTSINNISVELIVNS
NETITDYKVRYIRRPAPIITTNLSSEYGDVTINGVSTVSECELNPIIHSEILQRAVELAKAAYQGDLQASVELGQRSE
;
C,D
#
loop_
_chem_comp.id
_chem_comp.type
_chem_comp.name
_chem_comp.formula
MG non-polymer 'MAGNESIUM ION' 'Mg 2'
#
# COMPACT_ATOMS: atom_id res chain seq x y z
N ALA A 2 -62.22 16.48 11.60
CA ALA A 2 -62.31 15.28 10.72
C ALA A 2 -62.59 14.03 11.57
N LEU A 3 -62.05 12.87 11.18
CA LEU A 3 -62.40 11.60 11.80
C LEU A 3 -61.31 11.05 12.71
N LYS A 4 -60.04 11.06 12.27
CA LYS A 4 -58.98 10.33 12.97
C LYS A 4 -57.70 11.15 12.96
N LYS A 5 -56.75 10.73 13.81
CA LYS A 5 -55.46 11.38 13.96
C LYS A 5 -54.38 10.31 14.11
N GLU A 6 -53.13 10.73 13.91
CA GLU A 6 -51.99 9.85 14.13
C GLU A 6 -50.80 10.68 14.59
N GLN A 7 -50.34 10.42 15.82
CA GLN A 7 -49.12 11.05 16.32
C GLN A 7 -47.90 10.33 15.77
N HIS A 8 -46.86 11.11 15.47
CA HIS A 8 -45.60 10.59 14.96
C HIS A 8 -44.46 11.08 15.84
N PHE A 9 -43.61 10.15 16.26
CA PHE A 9 -42.42 10.44 17.05
C PHE A 9 -41.17 10.23 16.22
N PHE A 10 -40.09 10.87 16.63
CA PHE A 10 -38.82 10.85 15.91
C PHE A 10 -37.74 10.29 16.84
N LYS A 11 -37.45 9.01 16.68
CA LYS A 11 -36.45 8.31 17.46
C LYS A 11 -35.15 8.10 16.69
N GLY A 12 -35.13 8.42 15.40
CA GLY A 12 -33.96 8.23 14.58
C GLY A 12 -34.31 8.47 13.12
N MET A 13 -33.67 7.72 12.22
CA MET A 13 -34.07 7.69 10.83
C MET A 13 -33.91 6.27 10.32
N GLN A 14 -34.90 5.82 9.55
CA GLN A 14 -34.90 4.46 9.01
C GLN A 14 -35.18 4.53 7.51
N ARG A 15 -34.62 3.56 6.80
CA ARG A 15 -34.81 3.43 5.36
C ARG A 15 -34.89 1.96 5.03
N ASP A 16 -34.95 1.65 3.74
CA ASP A 16 -34.95 0.29 3.21
C ASP A 16 -36.24 -0.46 3.51
N LEU A 17 -37.22 0.17 4.15
CA LEU A 17 -38.47 -0.47 4.53
C LEU A 17 -39.60 0.06 3.66
N SER A 18 -40.60 -0.79 3.44
CA SER A 18 -41.72 -0.43 2.58
C SER A 18 -42.52 0.71 3.19
N VAL A 19 -43.03 1.59 2.33
CA VAL A 19 -43.88 2.68 2.79
C VAL A 19 -45.12 2.14 3.48
N SER A 20 -45.64 1.02 2.99
CA SER A 20 -46.82 0.40 3.58
C SER A 20 -46.56 -0.13 4.98
N LYS A 21 -45.29 -0.37 5.33
CA LYS A 21 -44.93 -0.97 6.61
C LYS A 21 -43.89 -0.16 7.36
N PHE A 22 -43.74 1.13 7.03
CA PHE A 22 -42.91 2.02 7.82
C PHE A 22 -43.50 2.18 9.22
N ASN A 23 -42.66 2.65 10.15
CA ASN A 23 -43.04 2.78 11.54
C ASN A 23 -43.08 4.26 11.96
N PRO A 24 -44.11 4.69 12.69
CA PRO A 24 -44.22 6.14 12.99
C PRO A 24 -43.08 6.70 13.82
N GLU A 25 -42.38 5.88 14.60
CA GLU A 25 -41.35 6.40 15.49
C GLU A 25 -40.05 6.74 14.76
N TYR A 26 -39.93 6.41 13.47
CA TYR A 26 -38.74 6.67 12.69
C TYR A 26 -39.06 7.65 11.56
N ALA A 27 -38.01 8.32 11.08
CA ALA A 27 -38.09 9.22 9.94
C ALA A 27 -37.51 8.54 8.71
N PHE A 28 -38.12 8.81 7.55
CA PHE A 28 -37.66 8.19 6.32
C PHE A 28 -36.43 8.86 5.76
N ASP A 29 -36.26 10.17 5.99
CA ASP A 29 -35.11 10.91 5.50
C ASP A 29 -35.01 12.21 6.27
N ALA A 30 -33.78 12.66 6.53
CA ALA A 30 -33.60 13.88 7.29
C ALA A 30 -32.23 14.47 6.96
N GLN A 31 -32.19 15.78 6.77
CA GLN A 31 -30.97 16.51 6.47
C GLN A 31 -30.67 17.48 7.60
N ASN A 32 -29.46 17.42 8.13
CA ASN A 32 -28.95 18.37 9.12
C ASN A 32 -29.90 18.50 10.31
N ILE A 33 -30.11 17.37 11.00
CA ILE A 33 -30.89 17.34 12.23
C ILE A 33 -30.12 16.52 13.26
N ARG A 34 -30.45 16.77 14.53
CA ARG A 34 -29.84 16.04 15.64
C ARG A 34 -30.94 15.66 16.62
N ILE A 35 -31.03 14.36 16.92
CA ILE A 35 -32.05 13.83 17.81
C ILE A 35 -31.47 13.59 19.21
N THR A 36 -30.26 14.08 19.47
CA THR A 36 -29.58 13.91 20.75
C THR A 36 -29.39 15.27 21.40
N ALA A 37 -29.36 15.28 22.73
CA ALA A 37 -29.26 16.52 23.51
C ALA A 37 -27.83 17.03 23.44
N ARG A 38 -27.59 17.99 22.55
CA ARG A 38 -26.30 18.65 22.39
C ARG A 38 -26.48 20.15 22.50
N GLU A 39 -25.77 20.76 23.45
CA GLU A 39 -25.83 22.19 23.79
C GLU A 39 -27.12 22.61 24.48
N HIS A 40 -28.09 21.69 24.56
CA HIS A 40 -29.36 21.90 25.24
C HIS A 40 -29.91 20.52 25.57
N ASP A 41 -31.07 20.49 26.22
CA ASP A 41 -31.71 19.23 26.61
C ASP A 41 -32.65 18.73 25.51
N THR A 42 -32.17 18.70 24.27
CA THR A 42 -32.95 18.27 23.11
C THR A 42 -32.67 16.81 22.76
N LEU A 43 -32.91 15.90 23.70
CA LEU A 43 -32.81 14.46 23.43
C LEU A 43 -34.18 13.95 23.01
N LEU A 44 -34.20 13.14 21.96
CA LEU A 44 -35.42 12.58 21.34
C LEU A 44 -36.27 13.66 20.68
N SER A 45 -35.79 14.90 20.58
CA SER A 45 -36.50 15.98 19.94
C SER A 45 -35.65 16.51 18.80
N VAL A 46 -36.24 16.59 17.60
CA VAL A 46 -35.50 17.04 16.44
C VAL A 46 -35.05 18.47 16.64
N SER A 47 -33.79 18.74 16.29
CA SER A 47 -33.20 20.07 16.48
C SER A 47 -32.22 20.33 15.35
N ASN A 48 -31.89 21.61 15.20
CA ASN A 48 -30.98 22.02 14.13
C ASN A 48 -29.57 21.53 14.40
N GLU A 49 -28.76 21.51 13.34
CA GLU A 49 -27.35 21.15 13.41
C GLU A 49 -26.54 22.45 13.43
N LYS A 50 -25.77 22.65 14.49
CA LYS A 50 -25.03 23.90 14.63
C LYS A 50 -23.98 24.01 13.54
N GLY A 51 -23.67 25.25 13.16
CA GLY A 51 -22.74 25.52 12.10
C GLY A 51 -21.31 25.66 12.59
N ASN A 52 -20.40 25.84 11.63
CA ASN A 52 -18.98 25.84 11.90
C ASN A 52 -18.46 27.25 12.14
N LYS A 53 -17.19 27.34 12.54
CA LYS A 53 -16.52 28.61 12.76
C LYS A 53 -15.08 28.51 12.31
N GLU A 54 -14.69 29.37 11.37
CA GLU A 54 -13.34 29.36 10.85
C GLU A 54 -12.34 29.69 11.94
N ILE A 55 -11.17 29.02 11.89
CA ILE A 55 -10.08 29.26 12.79
C ILE A 55 -8.88 29.75 11.97
N PRO A 56 -8.29 30.90 12.23
CA PRO A 56 -7.17 31.34 11.40
C PRO A 56 -5.90 30.55 11.68
N LEU A 57 -5.11 30.37 10.62
CA LEU A 57 -3.82 29.69 10.71
C LEU A 57 -2.71 30.74 10.84
N GLN A 58 -2.65 31.34 12.02
CA GLN A 58 -1.71 32.42 12.29
C GLN A 58 -0.35 31.83 12.65
N SER A 59 0.70 32.30 11.98
CA SER A 59 2.05 31.85 12.25
C SER A 59 2.52 32.44 13.59
N PRO A 60 3.60 31.89 14.16
CA PRO A 60 4.13 32.49 15.41
C PRO A 60 4.55 33.93 15.23
N SER A 61 5.03 34.32 14.06
CA SER A 61 5.34 35.72 13.79
C SER A 61 4.08 36.57 13.66
N GLY A 62 2.94 35.95 13.37
CA GLY A 62 1.67 36.64 13.26
C GLY A 62 1.10 36.72 11.86
N ASP A 63 1.89 36.42 10.83
CA ASP A 63 1.40 36.51 9.46
C ASP A 63 0.47 35.33 9.17
N PRO A 64 -0.45 35.48 8.21
CA PRO A 64 -1.29 34.34 7.82
C PRO A 64 -0.47 33.25 7.16
N VAL A 65 -0.95 32.01 7.30
CA VAL A 65 -0.34 30.84 6.70
C VAL A 65 -1.35 30.22 5.74
N VAL A 66 -1.06 30.30 4.45
CA VAL A 66 -1.89 29.68 3.42
C VAL A 66 -1.36 28.27 3.15
N ILE A 67 -2.26 27.30 3.12
CA ILE A 67 -1.89 25.91 2.88
C ILE A 67 -1.83 25.70 1.37
N ASP A 68 -0.85 24.90 0.94
CA ASP A 68 -0.52 24.81 -0.48
C ASP A 68 -1.69 24.29 -1.31
N GLY A 69 -2.15 23.07 -1.00
CA GLY A 69 -3.19 22.46 -1.82
C GLY A 69 -3.92 21.30 -1.17
N VAL A 70 -4.15 20.24 -1.97
CA VAL A 70 -4.97 19.13 -1.51
C VAL A 70 -4.36 18.47 -0.29
N LEU A 71 -5.23 17.97 0.59
CA LEU A 71 -4.83 17.24 1.77
C LEU A 71 -4.86 15.74 1.50
N LEU A 72 -3.95 15.02 2.14
CA LEU A 72 -3.84 13.57 2.01
C LEU A 72 -4.08 12.83 3.31
N GLY A 73 -3.89 13.48 4.46
CA GLY A 73 -4.10 12.85 5.75
C GLY A 73 -3.58 13.71 6.88
N GLN A 74 -3.98 13.40 8.11
CA GLN A 74 -3.62 14.21 9.28
C GLN A 74 -3.20 13.29 10.42
N ASN A 75 -2.81 13.90 11.53
CA ASN A 75 -2.43 13.17 12.73
C ASN A 75 -2.45 14.11 13.91
N VAL A 76 -3.22 13.77 14.94
CA VAL A 76 -3.27 14.52 16.19
C VAL A 76 -2.50 13.71 17.23
N LEU A 77 -1.35 14.23 17.67
CA LEU A 77 -0.49 13.47 18.58
C LEU A 77 -0.98 13.60 20.03
N ASN A 78 -0.86 14.79 20.61
CA ASN A 78 -1.54 15.15 21.85
C ASN A 78 -2.39 16.40 21.65
N ASN A 79 -1.78 17.49 21.18
CA ASN A 79 -2.50 18.69 20.76
C ASN A 79 -1.97 19.22 19.44
N TYR A 80 -0.91 18.66 18.89
CA TYR A 80 -0.31 19.13 17.64
C TYR A 80 -0.91 18.35 16.48
N VAL A 81 -1.59 19.05 15.58
CA VAL A 81 -2.10 18.46 14.35
C VAL A 81 -1.00 18.53 13.31
N THR A 82 -0.80 17.43 12.58
CA THR A 82 0.25 17.30 11.58
C THR A 82 -0.40 17.03 10.23
N LEU A 83 -0.29 18.00 9.31
CA LEU A 83 -0.93 17.93 8.01
C LEU A 83 0.09 17.52 6.95
N PHE A 84 -0.30 16.58 6.10
CA PHE A 84 0.51 16.14 4.96
C PHE A 84 -0.26 16.52 3.70
N THR A 85 0.16 17.61 3.06
CA THR A 85 -0.57 18.20 1.94
C THR A 85 0.29 18.18 0.68
N LYS A 86 -0.34 17.90 -0.45
CA LYS A 86 0.29 18.00 -1.75
C LYS A 86 0.02 19.38 -2.33
N GLY A 87 0.34 19.57 -3.62
CA GLY A 87 0.13 20.85 -4.28
C GLY A 87 1.25 21.16 -5.26
N THR A 88 1.63 22.43 -5.36
CA THR A 88 2.80 22.79 -6.16
C THR A 88 4.03 22.08 -5.62
N ASN A 89 4.27 22.17 -4.32
CA ASN A 89 5.22 21.35 -3.60
C ASN A 89 4.45 20.39 -2.69
N ASP A 90 5.20 19.52 -2.00
CA ASP A 90 4.63 18.54 -1.08
C ASP A 90 5.10 18.92 0.32
N ASN A 91 4.21 19.57 1.06
CA ASN A 91 4.56 20.23 2.31
C ASN A 91 4.10 19.42 3.52
N ILE A 92 4.58 19.84 4.69
CA ILE A 92 4.16 19.27 5.97
C ILE A 92 3.99 20.44 6.94
N TYR A 93 2.96 20.36 7.78
CA TYR A 93 2.61 21.43 8.70
C TYR A 93 2.47 20.89 10.12
N ARG A 94 2.57 21.81 11.08
CA ARG A 94 2.27 21.53 12.48
C ARG A 94 1.32 22.61 12.98
N LEU A 95 0.12 22.21 13.37
CA LEU A 95 -0.90 23.13 13.86
C LEU A 95 -1.14 22.87 15.34
N GLU A 96 -1.04 23.92 16.15
CA GLU A 96 -1.32 23.86 17.58
C GLU A 96 -2.45 24.82 17.89
N ASN A 97 -3.47 24.31 18.60
CA ASN A 97 -4.69 25.09 18.86
C ASN A 97 -4.46 25.98 20.07
N LYS A 98 -4.30 27.28 19.83
CA LYS A 98 -4.29 28.27 20.88
C LYS A 98 -5.73 28.70 21.17
N GLY A 99 -5.90 29.80 21.91
CA GLY A 99 -7.23 30.21 22.32
C GLY A 99 -8.16 30.47 21.16
N THR A 100 -7.68 31.20 20.15
CA THR A 100 -8.50 31.58 19.01
C THR A 100 -7.85 31.34 17.65
N TYR A 101 -6.60 30.88 17.59
CA TYR A 101 -5.89 30.70 16.33
C TYR A 101 -5.04 29.45 16.41
N PHE A 102 -4.63 28.97 15.23
CA PHE A 102 -3.76 27.81 15.10
C PHE A 102 -2.34 28.30 14.87
N GLU A 103 -1.43 27.97 15.79
CA GLU A 103 -0.03 28.30 15.62
C GLU A 103 0.57 27.39 14.56
N THR A 104 0.57 27.83 13.31
CA THR A 104 0.94 26.98 12.19
C THR A 104 2.43 27.15 11.86
N LEU A 105 3.11 26.03 11.70
CA LEU A 105 4.51 25.99 11.28
C LEU A 105 4.62 25.07 10.07
N ILE A 106 5.65 25.31 9.26
CA ILE A 106 5.92 24.51 8.07
C ILE A 106 7.16 23.68 8.38
N LEU A 107 6.97 22.38 8.62
CA LEU A 107 8.08 21.50 8.95
C LEU A 107 8.89 21.09 7.74
N PHE A 108 8.34 21.19 6.53
CA PHE A 108 9.06 20.84 5.33
C PHE A 108 8.26 21.28 4.11
N SER A 109 8.98 21.63 3.04
CA SER A 109 8.35 21.97 1.76
C SER A 109 9.29 21.52 0.66
N GLY A 110 8.96 20.42 -0.01
CA GLY A 110 9.82 19.89 -1.04
C GLY A 110 9.14 18.86 -1.93
N ASN A 111 9.91 17.87 -2.38
CA ASN A 111 9.45 16.88 -3.37
C ASN A 111 9.35 15.47 -2.79
N LEU A 112 8.89 15.35 -1.55
CA LEU A 112 8.50 14.04 -1.03
C LEU A 112 7.44 13.44 -1.94
N ASN A 113 7.78 12.33 -2.59
CA ASN A 113 6.92 11.77 -3.64
C ASN A 113 5.61 11.34 -3.02
N PHE A 114 4.58 12.15 -3.21
CA PHE A 114 3.22 11.85 -2.77
C PHE A 114 2.31 11.80 -3.98
N SER A 115 1.15 11.20 -3.79
CA SER A 115 0.13 11.12 -4.83
C SER A 115 -1.24 11.06 -4.17
N THR A 116 -2.20 11.77 -4.76
CA THR A 116 -3.55 11.79 -4.19
C THR A 116 -4.19 10.42 -4.21
N ASP A 117 -3.78 9.54 -5.13
CA ASP A 117 -4.30 8.18 -5.16
C ASP A 117 -3.75 7.30 -4.05
N TYR A 118 -2.78 7.79 -3.27
CA TYR A 118 -2.15 7.03 -2.19
C TYR A 118 -2.12 7.91 -0.94
N PRO A 119 -3.27 8.05 -0.25
CA PRO A 119 -3.30 8.96 0.91
C PRO A 119 -2.44 8.50 2.07
N ILE A 120 -2.45 9.26 3.16
CA ILE A 120 -1.57 9.05 4.30
C ILE A 120 -2.32 8.32 5.41
N GLU A 121 -1.61 7.43 6.09
CA GLU A 121 -2.10 6.75 7.29
C GLU A 121 -0.97 6.77 8.31
N SER A 122 -1.23 7.33 9.49
CA SER A 122 -0.18 7.73 10.41
C SER A 122 -0.39 7.15 11.80
N ILE A 123 0.72 6.96 12.50
CA ILE A 123 0.76 6.70 13.94
C ILE A 123 1.71 7.70 14.58
N SER A 124 1.35 8.17 15.77
CA SER A 124 2.13 9.16 16.49
C SER A 124 2.25 8.78 17.95
N VAL A 125 3.43 9.00 18.53
CA VAL A 125 3.73 8.61 19.91
C VAL A 125 4.33 9.81 20.64
N TYR A 126 4.16 9.82 21.96
CA TYR A 126 4.73 10.83 22.84
C TYR A 126 5.66 10.14 23.83
N GLU A 127 6.97 10.30 23.62
CA GLU A 127 7.98 9.72 24.50
C GLU A 127 8.60 10.75 25.45
N ASN A 128 8.69 12.00 25.04
CA ASN A 128 9.19 13.06 25.92
C ASN A 128 8.84 14.40 25.27
N ASN A 129 9.26 15.49 25.92
CA ASN A 129 8.90 16.83 25.47
C ASN A 129 9.53 17.22 24.13
N ASN A 130 10.52 16.47 23.66
CA ASN A 130 11.21 16.77 22.41
C ASN A 130 11.07 15.68 21.36
N ILE A 131 10.92 14.43 21.76
CA ILE A 131 10.77 13.31 20.82
C ILE A 131 9.26 13.07 20.71
N GLN A 132 8.63 13.78 19.79
CA GLN A 132 7.22 13.61 19.45
C GLN A 132 7.17 13.22 17.98
N LYS A 133 7.08 11.93 17.72
CA LYS A 133 7.23 11.38 16.37
C LYS A 133 5.88 11.16 15.72
N VAL A 134 5.90 11.13 14.39
CA VAL A 134 4.73 10.82 13.57
C VAL A 134 5.20 9.91 12.44
N TYR A 135 4.89 8.63 12.56
CA TYR A 135 5.16 7.66 11.49
C TYR A 135 3.98 7.68 10.53
N TRP A 136 4.28 7.61 9.23
CA TRP A 136 3.23 7.66 8.22
C TRP A 136 3.68 6.87 7.00
N VAL A 137 2.70 6.32 6.29
CA VAL A 137 2.96 5.37 5.21
C VAL A 137 2.00 5.64 4.05
N ASP A 138 2.52 5.61 2.83
CA ASP A 138 1.71 5.50 1.63
C ASP A 138 1.70 4.06 1.14
N GLY A 139 0.74 3.75 0.28
CA GLY A 139 0.72 2.48 -0.41
C GLY A 139 1.67 2.38 -1.58
N LEU A 140 2.41 3.45 -1.86
CA LEU A 140 3.33 3.53 -2.99
C LEU A 140 4.77 3.70 -2.54
N ASN A 141 5.04 4.61 -1.61
CA ASN A 141 6.40 5.02 -1.27
C ASN A 141 6.86 4.39 0.04
N GLN A 142 8.12 4.62 0.35
CA GLN A 142 8.73 4.14 1.58
C GLN A 142 8.07 4.76 2.80
N ALA A 143 8.05 4.00 3.90
CA ALA A 143 7.57 4.53 5.16
C ALA A 143 8.58 5.52 5.74
N ARG A 144 8.06 6.55 6.41
CA ARG A 144 8.86 7.70 6.82
C ARG A 144 8.51 8.09 8.25
N VAL A 145 9.32 9.00 8.80
CA VAL A 145 9.15 9.47 10.17
C VAL A 145 9.45 10.96 10.19
N ILE A 146 8.82 11.66 11.14
CA ILE A 146 9.11 13.08 11.36
C ILE A 146 8.90 13.39 12.84
N ASN A 147 9.85 14.11 13.42
CA ASN A 147 9.71 14.64 14.76
C ASN A 147 9.15 16.06 14.65
N ILE A 148 7.92 16.26 15.13
CA ILE A 148 7.23 17.53 14.94
C ILE A 148 7.75 18.64 15.84
N THR A 149 8.73 18.35 16.70
CA THR A 149 9.37 19.36 17.53
C THR A 149 10.72 19.78 16.96
N LYS A 150 10.91 19.64 15.65
CA LYS A 150 12.16 19.98 14.97
C LYS A 150 11.82 20.65 13.66
N ASP A 151 12.53 21.75 13.37
CA ASP A 151 12.20 22.62 12.24
C ASP A 151 13.37 22.79 11.27
N ASP A 152 14.34 21.88 11.30
CA ASP A 152 15.52 21.93 10.43
C ASP A 152 15.57 20.76 9.48
N TYR A 153 14.40 20.34 8.97
CA TYR A 153 14.33 19.27 7.98
C TYR A 153 14.50 19.90 6.60
N ASN A 154 15.64 19.64 5.96
CA ASN A 154 16.03 20.33 4.74
C ASN A 154 16.00 19.48 3.48
N ASN A 155 15.91 18.15 3.61
CA ASN A 155 15.81 17.27 2.46
C ASN A 155 14.75 16.21 2.72
N ALA A 156 14.41 15.47 1.67
CA ALA A 156 13.40 14.42 1.75
C ALA A 156 13.93 13.12 2.32
N ASP A 157 15.25 12.99 2.50
CA ASP A 157 15.85 11.79 3.04
C ASP A 157 15.98 11.82 4.56
N ASP A 158 15.65 12.94 5.20
CA ASP A 158 15.71 13.05 6.66
C ASP A 158 14.57 12.32 7.36
N PHE A 159 13.57 11.84 6.61
CA PHE A 159 12.39 11.22 7.19
C PHE A 159 12.39 9.70 7.08
N ASP A 160 13.37 9.10 6.39
CA ASP A 160 13.38 7.66 6.21
C ASP A 160 13.67 6.94 7.51
N PHE A 161 13.28 5.66 7.57
CA PHE A 161 13.62 4.84 8.73
C PHE A 161 15.12 4.74 8.92
N VAL A 162 15.88 4.69 7.83
CA VAL A 162 17.33 4.57 7.88
C VAL A 162 17.92 5.97 7.80
N GLY A 163 18.98 6.19 8.55
CA GLY A 163 19.59 7.51 8.60
C GLY A 163 20.36 7.86 7.34
N THR A 164 20.80 9.11 7.30
CA THR A 164 21.57 9.64 6.18
C THR A 164 22.88 10.21 6.70
N ILE A 165 23.91 10.13 5.86
CA ILE A 165 25.25 10.63 6.20
C ILE A 165 25.58 11.74 5.22
N HIS A 166 25.82 12.94 5.76
CA HIS A 166 26.13 14.12 4.97
C HIS A 166 27.63 14.37 4.84
N THR A 167 28.38 14.20 5.93
CA THR A 167 29.81 14.42 5.89
C THR A 167 30.53 13.21 5.31
N SER A 168 31.79 13.41 4.95
CA SER A 168 32.65 12.35 4.41
C SER A 168 33.58 11.90 5.53
N SER A 169 33.12 10.94 6.31
CA SER A 169 33.88 10.46 7.46
C SER A 169 35.16 9.77 7.00
N LYS A 170 36.29 10.18 7.55
CA LYS A 170 37.60 9.60 7.28
C LYS A 170 38.09 9.00 8.60
N ILE A 171 38.02 7.67 8.73
CA ILE A 171 38.36 6.97 9.95
C ILE A 171 39.49 6.00 9.61
N GLU A 172 40.68 6.30 10.14
CA GLU A 172 41.86 5.44 9.97
C GLU A 172 42.16 4.76 11.29
N VAL A 173 42.43 3.45 11.24
CA VAL A 173 42.72 2.63 12.42
C VAL A 173 44.16 2.16 12.33
N SER A 174 44.94 2.46 13.37
CA SER A 174 46.33 2.03 13.47
C SER A 174 46.51 1.25 14.75
N LYS A 175 47.48 0.33 14.74
CA LYS A 175 47.72 -0.58 15.84
C LYS A 175 48.82 -0.02 16.74
N VAL A 176 48.49 0.15 18.02
CA VAL A 176 49.46 0.48 19.05
C VAL A 176 49.86 -0.80 19.76
N ASN A 177 51.13 -0.89 20.15
CA ASN A 177 51.67 -2.09 20.79
C ASN A 177 52.31 -1.72 22.12
N GLY A 178 52.05 -2.54 23.14
CA GLY A 178 52.63 -2.35 24.45
C GLY A 178 51.59 -2.37 25.57
N SER A 179 50.41 -1.82 25.31
CA SER A 179 49.35 -1.71 26.31
C SER A 179 48.07 -2.32 25.75
N GLY A 180 47.41 -3.14 26.56
CA GLY A 180 46.15 -3.76 26.23
C GLY A 180 46.17 -5.24 26.52
N ALA A 181 45.10 -5.92 26.12
CA ALA A 181 45.00 -7.37 26.31
C ALA A 181 44.05 -7.90 25.24
N PHE A 182 44.59 -8.60 24.26
CA PHE A 182 43.83 -9.12 23.13
C PHE A 182 44.16 -10.59 22.92
N GLY A 183 43.37 -11.22 22.05
CA GLY A 183 43.59 -12.60 21.65
C GLY A 183 44.22 -12.67 20.27
N GLN A 184 45.00 -13.71 20.03
CA GLN A 184 45.68 -13.86 18.75
C GLN A 184 44.67 -13.95 17.61
N GLY A 185 44.99 -13.29 16.51
CA GLY A 185 44.16 -13.36 15.32
C GLY A 185 44.14 -12.02 14.61
N VAL A 186 43.23 -11.93 13.63
CA VAL A 186 43.00 -10.69 12.88
C VAL A 186 41.72 -10.07 13.40
N ILE A 187 41.64 -8.74 13.32
CA ILE A 187 40.50 -7.98 13.83
C ILE A 187 40.13 -6.91 12.81
N GLN A 188 38.83 -6.71 12.63
CA GLN A 188 38.29 -5.71 11.71
C GLN A 188 37.27 -4.86 12.45
N TYR A 189 37.33 -3.54 12.24
CA TYR A 189 36.49 -2.58 12.94
C TYR A 189 35.42 -2.05 11.99
N ALA A 190 34.19 -2.02 12.47
CA ALA A 190 33.05 -1.47 11.72
C ALA A 190 32.44 -0.31 12.51
N PHE A 191 31.92 0.66 11.78
CA PHE A 191 31.37 1.88 12.36
C PHE A 191 29.99 2.16 11.78
N THR A 192 29.17 2.86 12.56
CA THR A 192 27.84 3.23 12.11
C THR A 192 27.28 4.30 13.05
N TYR A 193 26.75 5.37 12.48
CA TYR A 193 26.06 6.37 13.27
C TYR A 193 24.71 5.84 13.75
N TYR A 194 24.22 6.42 14.84
CA TYR A 194 22.87 6.16 15.29
C TYR A 194 22.45 7.27 16.25
N ASN A 195 21.30 7.87 15.97
CA ASN A 195 20.77 8.90 16.85
C ASN A 195 20.20 8.27 18.10
N LYS A 196 20.40 8.94 19.24
CA LYS A 196 19.77 8.51 20.47
C LYS A 196 18.26 8.53 20.32
N TYR A 197 17.61 7.41 20.63
CA TYR A 197 16.16 7.26 20.58
C TYR A 197 15.62 7.40 19.15
N GLY A 198 16.48 7.34 18.14
CA GLY A 198 16.10 7.65 16.77
C GLY A 198 16.65 6.64 15.79
N LYS A 199 17.15 7.16 14.67
CA LYS A 199 17.49 6.36 13.51
C LYS A 199 18.87 5.73 13.68
N GLU A 200 19.25 4.91 12.69
CA GLU A 200 20.54 4.23 12.70
C GLU A 200 20.98 4.00 11.25
N THR A 201 22.18 4.45 10.92
CA THR A 201 22.71 4.29 9.58
C THR A 201 23.32 2.90 9.39
N ASN A 202 23.49 2.53 8.13
CA ASN A 202 24.16 1.27 7.80
C ASN A 202 25.66 1.41 8.09
N ILE A 203 26.39 0.32 7.88
CA ILE A 203 27.83 0.31 8.11
C ILE A 203 28.48 1.08 6.96
N PHE A 204 28.77 2.35 7.19
CA PHE A 204 29.34 3.20 6.15
C PHE A 204 30.83 2.99 5.96
N ARG A 205 31.53 2.42 6.94
CA ARG A 205 32.96 2.20 6.83
C ARG A 205 33.35 0.93 7.58
N THR A 206 34.31 0.20 7.03
CA THR A 206 34.92 -0.95 7.69
C THR A 206 36.42 -0.84 7.50
N SER A 207 37.17 -0.93 8.61
CA SER A 207 38.61 -0.79 8.54
C SER A 207 39.22 -2.01 7.86
N PRO A 208 40.43 -1.90 7.33
CA PRO A 208 41.12 -3.08 6.83
C PRO A 208 41.47 -4.03 7.98
N LEU A 209 41.73 -5.28 7.62
CA LEU A 209 42.08 -6.27 8.62
C LEU A 209 43.36 -5.87 9.34
N LEU A 210 43.34 -5.96 10.67
CA LEU A 210 44.46 -5.58 11.52
C LEU A 210 44.96 -6.82 12.25
N TYR A 211 46.27 -6.91 12.41
CA TYR A 211 46.92 -8.12 12.90
C TYR A 211 47.23 -7.98 14.38
N ILE A 212 46.68 -8.87 15.19
CA ILE A 212 46.99 -8.93 16.62
C ILE A 212 48.20 -9.83 16.76
N ALA A 213 49.39 -9.23 16.70
CA ALA A 213 50.65 -9.96 16.82
C ALA A 213 51.63 -9.11 17.62
N TYR A 214 52.82 -9.64 17.81
CA TYR A 214 53.87 -8.96 18.55
C TYR A 214 54.66 -8.05 17.61
N SER A 215 55.45 -7.15 18.21
CA SER A 215 56.22 -6.19 17.44
C SER A 215 57.36 -6.82 16.66
N ASP A 216 57.73 -8.07 16.96
CA ASP A 216 58.84 -8.75 16.30
C ASP A 216 58.51 -10.15 15.80
N ARG A 217 57.38 -10.73 16.19
CA ARG A 217 57.01 -12.06 15.74
C ARG A 217 55.50 -12.20 15.75
N GLY A 218 55.02 -13.33 15.24
CA GLY A 218 53.62 -13.67 15.34
C GLY A 218 53.28 -14.23 16.71
N ALA A 219 52.00 -14.57 16.87
CA ALA A 219 51.47 -15.12 18.10
C ALA A 219 50.98 -16.54 17.85
N SER A 220 51.22 -17.43 18.80
CA SER A 220 50.78 -18.80 18.69
C SER A 220 49.26 -18.83 18.78
N PRO A 221 48.64 -19.96 18.43
CA PRO A 221 47.17 -20.04 18.53
C PRO A 221 46.62 -19.84 19.93
N GLU A 222 47.44 -20.00 20.97
CA GLU A 222 46.96 -20.01 22.35
C GLU A 222 47.49 -18.85 23.19
N GLU A 223 48.13 -17.84 22.57
CA GLU A 223 48.69 -16.71 23.30
C GLU A 223 47.80 -15.47 23.17
N THR A 224 47.69 -14.74 24.28
CA THR A 224 47.05 -13.43 24.28
C THR A 224 48.11 -12.35 24.11
N VAL A 225 47.80 -11.32 23.33
CA VAL A 225 48.75 -10.29 22.97
C VAL A 225 48.33 -8.97 23.61
N SER A 226 49.31 -8.18 24.02
CA SER A 226 49.09 -6.89 24.66
C SER A 226 49.20 -5.80 23.60
N CYS A 227 48.13 -5.67 22.81
CA CYS A 227 48.04 -4.65 21.77
C CYS A 227 46.82 -3.76 22.01
N SER A 228 46.78 -2.65 21.28
CA SER A 228 45.66 -1.73 21.35
C SER A 228 45.62 -0.96 20.04
N PHE A 229 44.42 -0.71 19.54
CA PHE A 229 44.21 -0.09 18.23
C PHE A 229 43.69 1.33 18.40
N GLN A 230 44.41 2.29 17.84
CA GLN A 230 44.05 3.69 17.91
C GLN A 230 43.15 4.02 16.73
N ILE A 231 41.97 4.56 17.02
CA ILE A 231 40.99 4.93 15.99
C ILE A 231 40.93 6.44 15.94
N ASN A 232 41.26 7.01 14.77
CA ASN A 232 41.32 8.45 14.57
C ASN A 232 40.14 8.87 13.70
N PHE A 233 39.14 9.49 14.32
CA PHE A 233 38.00 10.01 13.60
C PHE A 233 38.32 11.39 13.03
N THR A 234 37.81 11.66 11.82
CA THR A 234 38.04 12.93 11.16
C THR A 234 36.82 13.30 10.34
N GLU A 235 36.29 14.51 10.59
CA GLU A 235 35.16 15.05 9.85
C GLU A 235 33.94 14.13 9.93
N LEU A 236 33.46 13.96 11.16
CA LEU A 236 32.29 13.13 11.41
C LEU A 236 31.01 13.95 11.26
N ASP A 237 29.89 13.26 11.11
CA ASP A 237 28.58 13.91 10.92
C ASP A 237 28.06 14.35 12.28
N SER A 238 28.33 15.61 12.64
CA SER A 238 28.02 16.10 13.98
C SER A 238 26.52 16.12 14.26
N SER A 239 25.67 16.02 13.23
CA SER A 239 24.24 16.00 13.45
C SER A 239 23.79 14.80 14.29
N TYR A 240 24.55 13.72 14.27
CA TYR A 240 24.20 12.53 15.04
C TYR A 240 24.69 12.64 16.48
N ASP A 241 23.94 12.02 17.39
CA ASP A 241 24.31 12.07 18.80
C ASP A 241 25.55 11.23 19.07
N PHE A 242 25.58 10.00 18.58
CA PHE A 242 26.62 9.03 18.91
C PHE A 242 27.16 8.40 17.63
N ILE A 243 28.35 7.80 17.77
CA ILE A 243 28.93 6.93 16.75
C ILE A 243 29.31 5.63 17.44
N ARG A 244 28.93 4.50 16.85
CA ARG A 244 29.14 3.18 17.44
C ARG A 244 30.31 2.48 16.76
N VAL A 245 31.01 1.66 17.53
CA VAL A 245 32.19 0.93 17.07
C VAL A 245 31.99 -0.55 17.34
N TYR A 246 32.32 -1.37 16.35
CA TYR A 246 32.31 -2.82 16.45
C TYR A 246 33.72 -3.36 16.21
N SER A 247 33.89 -4.66 16.43
CA SER A 247 35.18 -5.30 16.22
C SER A 247 34.94 -6.76 15.89
N ILE A 248 35.15 -7.13 14.63
CA ILE A 248 35.00 -8.52 14.18
C ILE A 248 36.34 -9.21 14.39
N HIS A 249 36.36 -10.20 15.29
CA HIS A 249 37.60 -10.85 15.72
C HIS A 249 37.59 -12.30 15.23
N ARG A 250 38.62 -12.66 14.48
CA ARG A 250 38.78 -14.01 13.94
C ARG A 250 39.98 -14.70 14.60
N THR A 251 39.74 -15.89 15.15
CA THR A 251 40.78 -16.71 15.74
C THR A 251 41.18 -17.90 14.87
N SER A 252 40.57 -18.05 13.69
CA SER A 252 40.92 -19.12 12.77
C SER A 252 40.57 -18.67 11.35
N ILE A 253 40.61 -19.60 10.41
CA ILE A 253 40.32 -19.32 9.01
C ILE A 253 38.85 -19.62 8.74
N ASP A 254 38.10 -18.60 8.31
CA ASP A 254 36.70 -18.73 7.94
C ASP A 254 35.86 -19.30 9.09
N ALA A 255 36.22 -18.96 10.32
CA ALA A 255 35.47 -19.37 11.50
C ALA A 255 34.48 -18.28 11.89
N THR A 256 33.55 -18.65 12.76
CA THR A 256 32.56 -17.70 13.25
C THR A 256 33.26 -16.65 14.12
N PRO A 257 33.35 -15.38 13.70
CA PRO A 257 34.10 -14.41 14.50
C PRO A 257 33.41 -14.08 15.82
N THR A 258 34.04 -13.23 16.62
CA THR A 258 33.52 -12.78 17.91
C THR A 258 33.33 -11.27 17.82
N VAL A 259 32.10 -10.84 17.54
CA VAL A 259 31.79 -9.42 17.41
C VAL A 259 31.62 -8.83 18.80
N ARG A 260 32.25 -7.69 19.03
CA ARG A 260 32.21 -7.01 20.31
C ARG A 260 31.78 -5.57 20.10
N LYS A 261 30.90 -5.07 20.97
CA LYS A 261 30.45 -3.69 20.93
C LYS A 261 31.42 -2.87 21.77
N VAL A 262 32.37 -2.20 21.10
CA VAL A 262 33.45 -1.53 21.80
C VAL A 262 32.91 -0.40 22.65
N ALA A 263 32.26 0.58 22.03
CA ALA A 263 31.81 1.77 22.75
C ALA A 263 30.73 2.48 21.95
N ASP A 264 30.01 3.36 22.63
CA ASP A 264 29.04 4.27 22.02
C ASP A 264 29.59 5.67 22.24
N LEU A 265 30.46 6.11 21.33
CA LEU A 265 31.19 7.35 21.49
C LEU A 265 30.40 8.54 20.96
N ALA A 266 30.69 9.71 21.50
CA ALA A 266 30.13 10.95 20.98
C ALA A 266 30.75 11.25 19.61
N THR A 267 29.99 11.96 18.78
CA THR A 267 30.41 12.19 17.41
C THR A 267 31.46 13.30 17.30
N ASP A 268 31.73 14.03 18.38
CA ASP A 268 32.68 15.12 18.38
C ASP A 268 34.06 14.73 18.91
N THR A 269 34.26 13.48 19.30
CA THR A 269 35.57 13.01 19.69
C THR A 269 36.45 12.79 18.46
N LYS A 270 37.76 12.95 18.65
CA LYS A 270 38.73 12.83 17.55
C LYS A 270 39.74 11.71 17.75
N LEU A 271 39.62 10.92 18.80
CA LEU A 271 40.54 9.80 19.00
C LEU A 271 39.95 8.85 20.04
N TYR A 272 40.15 7.55 19.81
CA TYR A 272 39.81 6.53 20.79
C TYR A 272 40.74 5.34 20.59
N VAL A 273 41.27 4.83 21.69
CA VAL A 273 42.15 3.65 21.68
C VAL A 273 41.36 2.50 22.30
N ASP A 274 41.25 1.40 21.55
CA ASP A 274 40.40 0.28 21.92
C ASP A 274 41.23 -0.79 22.62
N THR A 275 41.31 -0.70 23.94
CA THR A 275 41.84 -1.80 24.73
C THR A 275 40.83 -2.95 24.73
N GLY A 276 41.34 -4.17 24.67
CA GLY A 276 40.49 -5.34 24.51
C GLY A 276 39.59 -5.64 25.70
N THR A 277 39.81 -4.98 26.84
CA THR A 277 39.02 -5.27 28.04
C THR A 277 37.55 -4.95 27.81
N THR A 278 37.24 -3.67 27.60
CA THR A 278 35.85 -3.23 27.51
C THR A 278 35.18 -3.76 26.25
N GLY A 279 33.88 -4.04 26.37
CA GLY A 279 33.05 -4.40 25.23
C GLY A 279 32.10 -5.56 25.47
N GLU A 280 30.88 -5.44 24.95
CA GLU A 280 29.88 -6.49 25.06
C GLU A 280 29.95 -7.41 23.85
N ILE A 281 29.94 -8.72 24.12
CA ILE A 281 30.06 -9.73 23.07
C ILE A 281 28.69 -9.96 22.43
N VAL A 282 28.44 -9.28 21.31
CA VAL A 282 27.14 -9.37 20.66
C VAL A 282 27.14 -10.52 19.64
N ASP A 283 25.94 -10.92 19.23
CA ASP A 283 25.78 -11.95 18.23
C ASP A 283 26.34 -11.45 16.90
N PRO A 284 27.10 -12.27 16.15
CA PRO A 284 27.59 -11.76 14.86
C PRO A 284 26.51 -11.54 13.82
N THR A 285 25.32 -12.12 13.99
CA THR A 285 24.29 -12.05 12.96
C THR A 285 23.52 -10.72 12.95
N LEU A 286 23.67 -9.88 13.98
CA LEU A 286 22.96 -8.60 14.01
C LEU A 286 23.75 -7.48 13.35
N LEU A 287 24.95 -7.76 12.83
CA LEU A 287 25.62 -6.80 11.97
C LEU A 287 24.97 -6.67 10.60
N LEU A 288 24.06 -7.59 10.26
CA LEU A 288 23.24 -7.46 9.07
C LEU A 288 21.94 -6.71 9.34
N TYR A 289 21.52 -6.63 10.60
CA TYR A 289 20.29 -5.95 10.97
C TYR A 289 20.50 -4.49 11.36
N VAL A 290 21.70 -3.95 11.20
CA VAL A 290 21.95 -2.55 11.51
C VAL A 290 21.34 -1.71 10.39
N GLY A 291 20.44 -0.81 10.76
CA GLY A 291 19.72 0.00 9.79
C GLY A 291 18.47 -0.68 9.25
N GLY A 292 18.61 -1.92 8.79
CA GLY A 292 17.47 -2.67 8.29
C GLY A 292 17.22 -2.43 6.82
N GLU A 293 16.09 -2.97 6.36
CA GLU A 293 15.67 -2.88 4.98
C GLU A 293 14.73 -1.69 4.78
N GLU A 294 14.42 -1.41 3.51
CA GLU A 294 13.59 -0.29 3.10
C GLU A 294 12.34 -0.85 2.43
N ILE A 295 11.17 -0.58 3.02
CA ILE A 295 9.92 -1.19 2.57
C ILE A 295 8.85 -0.10 2.38
N ALA A 296 7.87 -0.41 1.53
CA ALA A 296 6.71 0.46 1.29
C ALA A 296 5.47 -0.23 1.83
N PRO A 297 5.16 -0.10 3.13
CA PRO A 297 3.97 -0.77 3.68
C PRO A 297 2.68 -0.12 3.22
N TYR A 298 1.55 -0.59 3.74
CA TYR A 298 0.24 -0.06 3.37
C TYR A 298 -0.64 0.28 4.57
N THR A 299 -0.39 -0.30 5.74
CA THR A 299 -1.17 0.01 6.93
C THR A 299 -0.37 -0.41 8.15
N MET A 300 -0.73 0.16 9.30
CA MET A 300 0.04 -0.03 10.53
C MET A 300 -0.89 -0.11 11.73
N THR A 301 -0.36 -0.70 12.81
CA THR A 301 -1.02 -0.72 14.10
C THR A 301 0.06 -0.48 15.17
N GLN A 302 -0.33 -0.64 16.43
CA GLN A 302 0.60 -0.40 17.53
C GLN A 302 0.05 -1.10 18.76
N LYS A 303 0.70 -2.18 19.20
CA LYS A 303 0.34 -2.88 20.43
C LYS A 303 1.59 -3.21 21.21
N ASP A 304 1.51 -3.04 22.53
CA ASP A 304 2.58 -3.43 23.46
C ASP A 304 3.92 -2.84 23.03
N ASN A 305 3.89 -1.58 22.60
CA ASN A 305 5.08 -0.86 22.17
C ASN A 305 5.75 -1.55 20.98
N THR A 306 4.96 -2.23 20.15
CA THR A 306 5.45 -2.94 18.97
C THR A 306 4.66 -2.48 17.76
N LEU A 307 5.34 -2.42 16.61
CA LEU A 307 4.77 -1.91 15.37
C LEU A 307 4.59 -3.05 14.37
N PHE A 308 3.44 -3.08 13.71
CA PHE A 308 3.17 -4.00 12.62
C PHE A 308 3.11 -3.24 11.30
N LEU A 309 3.50 -3.92 10.23
CA LEU A 309 3.51 -3.32 8.90
C LEU A 309 3.10 -4.40 7.90
N GLY A 310 2.03 -4.13 7.15
CA GLY A 310 1.45 -5.13 6.29
C GLY A 310 1.33 -4.65 4.86
N ASN A 311 1.28 -5.63 3.94
CA ASN A 311 1.19 -5.37 2.51
C ASN A 311 2.32 -4.44 2.05
N TYR A 312 3.54 -4.94 2.19
CA TYR A 312 4.75 -4.15 2.00
C TYR A 312 5.50 -4.60 0.75
N THR A 313 6.15 -3.63 0.10
CA THR A 313 6.97 -3.86 -1.08
C THR A 313 8.42 -3.54 -0.73
N LEU A 314 9.32 -4.47 -1.03
CA LEU A 314 10.73 -4.30 -0.69
C LEU A 314 11.39 -3.46 -1.78
N LYS A 315 11.84 -2.25 -1.42
CA LYS A 315 12.38 -1.31 -2.40
C LYS A 315 13.85 -1.68 -2.67
N ARG A 316 14.07 -2.40 -3.76
CA ARG A 316 15.41 -2.73 -4.24
C ARG A 316 15.71 -1.87 -5.45
N SER A 317 16.74 -1.02 -5.35
CA SER A 317 17.16 -0.15 -6.43
C SER A 317 18.32 -0.81 -7.17
N LEU A 318 18.10 -1.16 -8.43
CA LEU A 318 19.07 -1.86 -9.25
C LEU A 318 19.61 -0.92 -10.31
N ILE A 319 20.66 -1.38 -10.99
CA ILE A 319 21.33 -0.65 -12.06
C ILE A 319 21.02 -1.33 -13.38
N SER A 320 20.72 -0.52 -14.40
CA SER A 320 20.37 -1.05 -15.71
C SER A 320 21.58 -1.65 -16.39
N THR A 321 21.35 -2.67 -17.22
CA THR A 321 22.43 -3.31 -17.95
C THR A 321 23.13 -2.33 -18.89
N GLU A 322 22.39 -1.36 -19.43
CA GLU A 322 23.01 -0.36 -20.30
C GLU A 322 24.04 0.45 -19.53
N LEU A 323 23.70 0.89 -18.31
CA LEU A 323 24.64 1.66 -17.52
C LEU A 323 25.78 0.79 -17.03
N LYS A 324 25.53 -0.49 -16.72
CA LYS A 324 26.61 -1.39 -16.35
C LYS A 324 27.61 -1.54 -17.49
N ASN A 325 27.12 -1.73 -18.71
CA ASN A 325 28.01 -1.85 -19.85
C ASN A 325 28.74 -0.55 -20.14
N GLN A 326 28.07 0.59 -19.94
CA GLN A 326 28.74 1.88 -20.14
C GLN A 326 29.85 2.07 -19.11
N ILE A 327 29.62 1.65 -17.87
CA ILE A 327 30.66 1.73 -16.85
C ILE A 327 31.82 0.82 -17.21
N LYS A 328 31.54 -0.36 -17.77
CA LYS A 328 32.57 -1.35 -18.11
C LYS A 328 33.33 -0.91 -19.36
N SER A 329 32.72 -0.07 -20.22
CA SER A 329 33.44 0.50 -21.35
C SER A 329 34.25 1.72 -20.96
N ASP A 330 33.73 2.53 -20.03
CA ASP A 330 34.37 3.78 -19.65
C ASP A 330 35.47 3.60 -18.61
N SER A 331 35.72 2.38 -18.14
CA SER A 331 36.72 2.14 -17.12
C SER A 331 38.11 2.13 -17.75
N ILE A 332 38.96 3.05 -17.32
CA ILE A 332 40.36 3.09 -17.74
C ILE A 332 41.16 2.52 -16.57
N VAL A 333 41.39 1.21 -16.61
CA VAL A 333 42.09 0.51 -15.54
C VAL A 333 43.57 0.42 -15.87
N THR A 334 44.40 0.65 -14.86
CA THR A 334 45.85 0.58 -15.02
C THR A 334 46.47 0.06 -13.74
N THR A 335 47.71 -0.41 -13.86
CA THR A 335 48.48 -0.92 -12.73
C THR A 335 49.52 0.12 -12.34
N ILE A 336 49.60 0.42 -11.04
CA ILE A 336 50.52 1.43 -10.52
C ILE A 336 51.37 0.78 -9.43
N LEU A 337 52.50 1.42 -9.15
CA LEU A 337 53.41 1.00 -8.09
C LEU A 337 53.26 1.97 -6.93
N GLY A 338 52.29 1.68 -6.06
CA GLY A 338 52.05 2.47 -4.87
C GLY A 338 52.60 1.79 -3.63
N GLY A 339 52.57 2.53 -2.52
CA GLY A 339 53.04 2.01 -1.26
C GLY A 339 52.18 2.43 -0.08
N LEU A 340 52.71 2.29 1.13
CA LEU A 340 51.99 2.68 2.33
C LEU A 340 52.26 4.15 2.65
N ASP A 341 51.48 4.67 3.61
CA ASP A 341 51.62 6.08 3.97
C ASP A 341 53.02 6.39 4.48
N ASP A 342 53.63 5.46 5.21
CA ASP A 342 54.98 5.68 5.72
C ASP A 342 55.99 5.76 4.59
N ALA A 343 56.11 4.67 3.83
CA ALA A 343 56.94 4.59 2.62
C ALA A 343 58.43 4.54 2.91
N ILE A 344 58.83 4.67 4.17
CA ILE A 344 60.22 4.54 4.59
C ILE A 344 60.24 3.63 5.81
N GLU A 345 60.91 2.48 5.68
CA GLU A 345 61.04 1.53 6.78
C GLU A 345 62.45 1.69 7.35
N SER A 346 62.60 2.63 8.28
CA SER A 346 63.88 2.88 8.92
C SER A 346 64.28 1.78 9.89
N GLU A 347 63.37 0.88 10.24
CA GLU A 347 63.70 -0.20 11.16
C GLU A 347 64.72 -1.17 10.57
N TRP A 348 64.82 -1.24 9.24
CA TRP A 348 65.70 -2.17 8.55
C TRP A 348 66.91 -1.41 8.01
N ASN A 349 68.10 -1.92 8.28
CA ASN A 349 69.34 -1.29 7.84
C ASN A 349 70.36 -2.36 7.51
N VAL A 350 71.38 -1.96 6.74
CA VAL A 350 72.43 -2.88 6.30
C VAL A 350 73.53 -3.00 7.35
N ASN A 351 73.31 -2.42 8.53
CA ASN A 351 74.25 -2.52 9.64
C ASN A 351 73.89 -3.65 10.60
N THR A 352 73.23 -4.68 10.10
CA THR A 352 72.79 -5.82 10.92
C THR A 352 73.12 -7.11 10.19
N GLN A 353 73.31 -8.18 10.97
CA GLN A 353 73.45 -9.51 10.38
C GLN A 353 72.15 -10.02 9.81
N TYR A 354 71.01 -9.49 10.27
CA TYR A 354 69.71 -9.98 9.84
C TYR A 354 68.62 -8.99 10.27
N ASN A 355 67.75 -8.60 9.34
CA ASN A 355 66.57 -7.81 9.65
C ASN A 355 65.36 -8.52 9.07
N SER A 356 64.38 -8.81 9.92
CA SER A 356 63.17 -9.51 9.51
C SER A 356 62.16 -8.50 9.01
N ASN A 357 61.85 -8.55 7.72
CA ASN A 357 60.87 -7.64 7.14
C ASN A 357 59.49 -8.03 7.68
N TYR A 358 59.04 -7.32 8.71
CA TYR A 358 57.82 -7.66 9.43
C TYR A 358 56.75 -6.65 9.04
N ASP A 359 55.64 -7.17 8.49
CA ASP A 359 54.58 -6.34 7.91
C ASP A 359 53.24 -6.54 8.61
N LEU A 360 53.28 -7.04 9.86
CA LEU A 360 52.07 -7.21 10.65
C LEU A 360 51.78 -6.04 11.59
N ASN A 361 52.73 -5.11 11.73
CA ASN A 361 52.47 -3.88 12.47
C ASN A 361 51.68 -2.86 11.65
N TYR A 362 51.32 -3.20 10.41
CA TYR A 362 50.63 -2.30 9.48
C TYR A 362 49.26 -2.90 9.16
N ASP A 363 48.55 -2.25 8.23
CA ASP A 363 47.22 -2.69 7.85
C ASP A 363 47.31 -3.92 6.93
N SER A 364 46.15 -4.41 6.52
CA SER A 364 46.08 -5.48 5.52
C SER A 364 46.25 -4.95 4.09
N ARG A 365 46.48 -3.65 3.93
CA ARG A 365 46.80 -3.08 2.63
C ARG A 365 48.24 -3.38 2.20
N ILE A 366 49.00 -4.12 3.00
CA ILE A 366 50.30 -4.62 2.57
C ILE A 366 50.18 -5.53 1.37
N LYS A 367 49.00 -6.13 1.16
CA LYS A 367 48.81 -7.06 0.06
C LYS A 367 48.92 -6.35 -1.27
N GLY A 368 49.45 -7.05 -2.26
CA GLY A 368 49.55 -6.57 -3.62
C GLY A 368 48.90 -7.51 -4.61
N PHE A 369 49.45 -7.57 -5.83
CA PHE A 369 48.93 -8.42 -6.87
C PHE A 369 50.09 -9.08 -7.60
N GLN A 370 49.95 -10.37 -7.88
CA GLN A 370 50.98 -11.08 -8.64
C GLN A 370 51.04 -10.54 -10.05
N LYS A 371 52.26 -10.40 -10.57
CA LYS A 371 52.46 -9.68 -11.83
C LYS A 371 51.83 -10.41 -13.00
N GLY A 372 51.95 -11.74 -13.05
CA GLY A 372 51.47 -12.51 -14.17
C GLY A 372 50.14 -13.19 -13.93
N GLU A 373 49.36 -12.65 -13.00
CA GLU A 373 48.10 -13.26 -12.58
C GLU A 373 46.91 -12.47 -13.13
N ILE A 374 45.81 -13.18 -13.32
CA ILE A 374 44.57 -12.60 -13.85
C ILE A 374 43.61 -12.38 -12.69
N TYR A 375 43.06 -11.17 -12.59
CA TYR A 375 42.12 -10.80 -11.54
C TYR A 375 40.84 -10.27 -12.17
N ARG A 376 39.70 -10.74 -11.68
CA ARG A 376 38.41 -10.26 -12.12
C ARG A 376 38.01 -9.05 -11.28
N LEU A 377 38.05 -7.88 -11.87
CA LEU A 377 37.90 -6.63 -11.15
C LEU A 377 36.44 -6.16 -11.17
N GLY A 378 36.15 -5.20 -10.28
CA GLY A 378 34.81 -4.66 -10.19
C GLY A 378 34.81 -3.33 -9.46
N ILE A 379 33.61 -2.81 -9.23
CA ILE A 379 33.44 -1.53 -8.56
C ILE A 379 32.03 -1.50 -7.96
N GLN A 380 31.92 -0.84 -6.80
CA GLN A 380 30.66 -0.68 -6.08
C GLN A 380 30.32 0.79 -5.94
N PHE A 381 29.11 1.06 -5.46
CA PHE A 381 28.65 2.40 -5.16
C PHE A 381 27.88 2.39 -3.84
N GLN A 382 27.97 3.50 -3.11
CA GLN A 382 27.35 3.64 -1.80
C GLN A 382 26.22 4.64 -1.86
N ASP A 383 25.12 4.34 -1.16
CA ASP A 383 23.98 5.25 -1.06
C ASP A 383 24.29 6.33 -0.03
N ASN A 384 23.30 7.18 0.26
CA ASN A 384 23.45 8.19 1.29
C ASN A 384 23.42 7.57 2.68
N LYS A 385 23.03 6.30 2.80
CA LYS A 385 22.89 5.65 4.10
C LYS A 385 24.11 4.82 4.49
N GLY A 386 24.97 4.48 3.52
CA GLY A 386 26.02 3.51 3.74
C GLY A 386 25.72 2.13 3.19
N LYS A 387 24.63 1.97 2.46
CA LYS A 387 24.30 0.69 1.84
C LYS A 387 25.09 0.57 0.54
N TRP A 388 25.87 -0.51 0.41
CA TRP A 388 26.66 -0.73 -0.79
C TRP A 388 25.81 -1.41 -1.85
N SER A 389 25.93 -0.91 -3.08
CA SER A 389 25.17 -1.44 -4.20
C SER A 389 25.82 -2.75 -4.66
N GLU A 390 25.31 -3.31 -5.76
CA GLU A 390 25.90 -4.51 -6.32
C GLU A 390 27.22 -4.17 -7.01
N VAL A 391 27.84 -5.18 -7.61
CA VAL A 391 29.11 -5.02 -8.29
C VAL A 391 28.85 -4.80 -9.77
N VAL A 392 29.73 -4.03 -10.40
CA VAL A 392 29.68 -3.77 -11.84
C VAL A 392 30.93 -4.39 -12.43
N PHE A 393 30.79 -5.58 -13.02
CA PHE A 393 31.93 -6.29 -13.58
C PHE A 393 32.53 -5.51 -14.73
N ILE A 394 33.80 -5.13 -14.60
CA ILE A 394 34.47 -4.29 -15.58
C ILE A 394 35.44 -5.05 -16.48
N GLY A 395 35.78 -6.30 -16.14
CA GLY A 395 36.63 -7.12 -16.99
C GLY A 395 37.71 -7.88 -16.26
N ASP A 396 38.30 -8.86 -16.93
CA ASP A 396 39.43 -9.61 -16.41
C ASP A 396 40.71 -8.98 -16.94
N TYR A 397 41.58 -8.55 -16.04
CA TYR A 397 42.77 -7.79 -16.39
C TYR A 397 43.98 -8.38 -15.70
N GLU A 398 45.12 -8.34 -16.40
CA GLU A 398 46.38 -8.90 -15.92
C GLU A 398 47.24 -7.80 -15.34
N CYS A 399 47.87 -8.08 -14.20
CA CYS A 399 48.79 -7.14 -13.59
C CYS A 399 50.02 -6.97 -14.47
N THR A 400 50.74 -5.86 -14.27
CA THR A 400 51.91 -5.53 -15.08
C THR A 400 53.10 -5.04 -14.28
N GLU A 401 52.99 -4.86 -12.97
CA GLU A 401 54.09 -4.41 -12.13
C GLU A 401 54.31 -5.40 -10.99
N ARG A 402 55.59 -5.68 -10.71
CA ARG A 402 55.98 -6.61 -9.66
C ARG A 402 56.26 -5.87 -8.36
N PHE A 403 56.44 -6.63 -7.29
CA PHE A 403 56.93 -6.05 -6.04
C PHE A 403 58.38 -5.62 -6.20
N LYS A 404 58.78 -4.66 -5.37
CA LYS A 404 60.12 -4.10 -5.44
C LYS A 404 60.54 -3.64 -4.04
N TYR A 405 61.61 -4.25 -3.52
CA TYR A 405 62.19 -3.85 -2.25
C TYR A 405 63.65 -3.49 -2.48
N THR A 406 64.03 -2.28 -2.07
CA THR A 406 65.38 -1.77 -2.22
C THR A 406 65.92 -1.43 -0.84
N GLN A 407 66.98 -2.13 -0.43
CA GLN A 407 67.58 -1.93 0.89
C GLN A 407 68.69 -0.90 0.75
N TYR A 408 68.40 0.33 1.18
CA TYR A 408 69.42 1.37 1.23
C TYR A 408 70.20 1.25 2.54
N ASP A 409 71.09 2.21 2.80
CA ASP A 409 71.99 2.09 3.95
C ASP A 409 71.23 2.09 5.26
N THR A 410 70.28 3.02 5.42
CA THR A 410 69.58 3.22 6.68
C THR A 410 68.09 2.94 6.63
N TYR A 411 67.57 2.48 5.50
CA TYR A 411 66.14 2.22 5.38
C TYR A 411 65.88 1.39 4.14
N GLY A 412 64.66 0.89 4.03
CA GLY A 412 64.23 0.16 2.86
C GLY A 412 62.83 0.56 2.46
N ILE A 413 62.57 0.48 1.15
CA ILE A 413 61.31 0.92 0.58
C ILE A 413 60.71 -0.25 -0.20
N THR A 414 59.51 -0.67 0.19
CA THR A 414 58.79 -1.72 -0.50
C THR A 414 57.66 -1.09 -1.32
N LEU A 415 57.53 -1.50 -2.58
CA LEU A 415 56.52 -0.99 -3.48
C LEU A 415 55.48 -2.07 -3.75
N ILE A 416 54.22 -1.75 -3.53
CA ILE A 416 53.10 -2.69 -3.61
C ILE A 416 52.37 -2.41 -4.93
N PRO A 417 52.27 -3.38 -5.85
CA PRO A 417 51.48 -3.12 -7.07
C PRO A 417 49.99 -3.04 -6.74
N ARG A 418 49.33 -2.02 -7.30
CA ARG A 418 47.91 -1.79 -7.08
C ARG A 418 47.25 -1.41 -8.40
N PHE A 419 46.07 -1.97 -8.65
CA PHE A 419 45.26 -1.54 -9.77
C PHE A 419 44.67 -0.16 -9.51
N LYS A 420 44.31 0.53 -10.60
CA LYS A 420 43.73 1.87 -10.49
C LYS A 420 42.72 2.05 -11.60
N VAL A 421 41.44 2.17 -11.24
CA VAL A 421 40.36 2.38 -12.19
C VAL A 421 40.08 3.88 -12.28
N VAL A 422 39.97 4.38 -13.51
CA VAL A 422 39.70 5.80 -13.77
C VAL A 422 38.49 5.88 -14.69
N ILE A 423 37.47 6.60 -14.25
CA ILE A 423 36.27 6.86 -15.04
C ILE A 423 36.07 8.37 -15.06
N SER A 424 36.09 8.96 -16.26
CA SER A 424 35.99 10.40 -16.43
C SER A 424 34.83 10.84 -17.30
N ASN A 425 34.08 9.92 -17.90
CA ASN A 425 32.93 10.28 -18.70
C ASN A 425 31.86 10.89 -17.80
N SER A 426 31.66 12.21 -17.92
CA SER A 426 30.77 12.92 -17.01
C SER A 426 29.33 12.45 -17.11
N THR A 427 28.91 11.92 -18.27
CA THR A 427 27.53 11.45 -18.42
C THR A 427 27.27 10.24 -17.51
N THR A 428 28.18 9.26 -17.52
CA THR A 428 28.01 8.09 -16.67
C THR A 428 28.08 8.47 -15.19
N ILE A 429 28.99 9.38 -14.83
CA ILE A 429 29.09 9.82 -13.44
C ILE A 429 27.81 10.52 -13.01
N GLN A 430 27.25 11.37 -13.89
CA GLN A 430 26.02 12.05 -13.56
C GLN A 430 24.85 11.08 -13.42
N ALA A 431 24.82 10.05 -14.26
CA ALA A 431 23.79 9.02 -14.11
C ALA A 431 23.94 8.28 -12.78
N ILE A 432 25.17 7.94 -12.42
CA ILE A 432 25.41 7.26 -11.14
C ILE A 432 24.96 8.14 -9.98
N LYS A 433 25.25 9.44 -10.05
CA LYS A 433 24.78 10.36 -9.02
C LYS A 433 23.26 10.44 -9.00
N ASN A 434 22.63 10.45 -10.18
CA ASN A 434 21.18 10.49 -10.27
C ASN A 434 20.55 9.26 -9.66
N LEU A 435 21.27 8.14 -9.64
CA LEU A 435 20.78 6.95 -8.96
C LEU A 435 20.89 7.04 -7.44
N GLY A 436 21.36 8.17 -6.89
CA GLY A 436 21.46 8.36 -5.46
C GLY A 436 22.79 7.95 -4.86
N TYR A 437 23.77 7.59 -5.68
CA TYR A 437 25.07 7.15 -5.19
C TYR A 437 25.98 8.34 -4.94
N ILE A 438 26.88 8.18 -3.97
CA ILE A 438 27.83 9.21 -3.58
C ILE A 438 29.27 8.70 -3.66
N ASN A 439 29.54 7.56 -3.02
CA ASN A 439 30.88 7.00 -2.94
C ASN A 439 31.02 5.80 -3.87
N ALA A 440 32.23 5.24 -3.91
CA ALA A 440 32.52 4.04 -4.71
C ALA A 440 33.72 3.34 -4.08
N ARG A 441 33.83 2.05 -4.39
CA ARG A 441 34.86 1.21 -3.79
C ARG A 441 35.25 0.11 -4.77
N GLY A 442 36.48 -0.39 -4.60
CA GLY A 442 36.98 -1.47 -5.43
C GLY A 442 36.55 -2.82 -4.89
N VAL A 443 36.19 -3.72 -5.81
CA VAL A 443 35.69 -5.04 -5.46
C VAL A 443 36.26 -6.04 -6.47
N VAL A 444 36.79 -7.17 -5.97
CA VAL A 444 37.56 -8.10 -6.79
C VAL A 444 37.15 -9.54 -6.46
N VAL A 445 37.37 -10.43 -7.42
CA VAL A 445 37.30 -11.88 -7.21
C VAL A 445 38.71 -12.42 -7.37
N PHE A 446 39.27 -12.99 -6.31
CA PHE A 446 40.62 -13.50 -6.39
C PHE A 446 40.62 -14.92 -6.96
N PRO A 447 41.69 -15.33 -7.64
CA PRO A 447 41.70 -16.64 -8.28
C PRO A 447 41.93 -17.78 -7.28
N THR A 448 41.34 -18.93 -7.61
CA THR A 448 41.55 -20.13 -6.82
C THR A 448 42.85 -20.82 -7.25
N LEU A 449 43.21 -21.86 -6.50
CA LEU A 449 44.46 -22.57 -6.80
C LEU A 449 44.41 -23.27 -8.15
N GLU A 450 43.22 -23.54 -8.69
CA GLU A 450 43.11 -24.25 -9.96
C GLU A 450 43.22 -23.32 -11.16
N ASP A 451 42.67 -22.12 -11.08
CA ASP A 451 42.72 -21.16 -12.18
C ASP A 451 43.90 -20.20 -12.07
N ARG A 452 44.80 -20.42 -11.11
CA ARG A 452 45.99 -19.59 -11.00
C ARG A 452 46.91 -19.81 -12.18
N ASN A 453 47.50 -18.72 -12.69
CA ASN A 453 48.55 -18.85 -13.70
C ASN A 453 49.87 -19.26 -13.05
N ILE A 454 50.28 -18.53 -12.01
CA ILE A 454 51.49 -18.85 -11.27
C ILE A 454 51.11 -19.75 -10.10
N LEU A 455 51.76 -20.91 -10.01
CA LEU A 455 51.51 -21.81 -8.88
C LEU A 455 52.26 -21.33 -7.63
N CYS A 456 53.54 -21.00 -7.79
CA CYS A 456 54.33 -20.49 -6.67
C CYS A 456 55.59 -19.84 -7.24
N GLN A 457 56.36 -19.24 -6.34
CA GLN A 457 57.60 -18.56 -6.69
C GLN A 457 58.63 -18.90 -5.62
N GLY A 458 59.86 -19.17 -6.04
CA GLY A 458 60.89 -19.54 -5.10
C GLY A 458 62.22 -19.74 -5.78
N ILE A 459 63.25 -19.89 -4.95
CA ILE A 459 64.60 -20.08 -5.47
C ILE A 459 64.76 -21.46 -6.10
N LEU A 460 65.82 -21.61 -6.88
CA LEU A 460 66.20 -22.88 -7.49
C LEU A 460 67.52 -23.32 -6.90
N CYS A 461 67.55 -24.54 -6.34
CA CYS A 461 68.73 -25.07 -5.67
C CYS A 461 69.31 -26.23 -6.48
N PRO A 462 70.60 -26.23 -6.82
CA PRO A 462 71.17 -27.41 -7.48
C PRO A 462 71.14 -28.63 -6.57
N THR A 463 71.05 -29.80 -7.20
CA THR A 463 71.06 -31.07 -6.50
C THR A 463 72.44 -31.72 -6.63
N VAL A 464 72.61 -32.86 -5.96
CA VAL A 464 73.87 -33.59 -5.95
C VAL A 464 73.56 -35.08 -6.16
N ALA A 465 74.58 -35.82 -6.59
CA ALA A 465 74.43 -37.23 -6.89
C ALA A 465 75.76 -37.95 -6.72
N ASN A 466 75.70 -39.10 -6.02
CA ASN A 466 76.91 -39.91 -5.75
C ASN A 466 77.18 -40.67 -7.02
N TYR A 467 78.44 -40.76 -7.42
CA TYR A 467 78.87 -41.54 -8.60
C TYR A 467 78.25 -42.93 -8.57
N LYS A 468 78.57 -43.72 -7.57
CA LYS A 468 78.08 -45.12 -7.59
C LYS A 468 76.63 -45.09 -7.98
N ASP A 469 75.84 -44.38 -7.19
CA ASP A 469 74.37 -44.32 -7.12
C ASP A 469 73.75 -43.70 -8.36
N ARG A 470 74.41 -42.80 -9.06
CA ARG A 470 73.82 -42.43 -10.36
C ARG A 470 73.81 -43.70 -11.23
N LEU A 471 74.79 -44.56 -11.08
CA LEU A 471 75.16 -45.65 -12.01
C LEU A 471 74.37 -46.90 -11.62
N ASP A 472 73.67 -46.83 -10.50
CA ASP A 472 72.83 -47.93 -9.96
C ASP A 472 71.39 -47.43 -9.80
N ASN A 473 71.21 -46.12 -9.90
CA ASN A 473 69.93 -45.37 -10.05
C ASN A 473 69.18 -45.52 -8.75
N SER A 474 69.91 -45.95 -7.72
CA SER A 474 69.28 -46.17 -6.42
C SER A 474 68.90 -44.82 -5.83
N PRO A 475 69.78 -43.82 -5.70
CA PRO A 475 69.39 -42.47 -5.78
C PRO A 475 69.55 -41.65 -7.04
N PHE A 476 70.29 -42.03 -8.07
CA PHE A 476 70.35 -41.02 -9.16
C PHE A 476 70.65 -39.68 -8.50
N VAL A 477 69.73 -38.74 -8.59
CA VAL A 477 69.86 -37.38 -7.99
C VAL A 477 69.21 -37.32 -6.61
N GLN A 478 69.71 -36.46 -5.73
CA GLN A 478 69.39 -36.40 -4.29
C GLN A 478 69.60 -34.95 -3.84
N SER A 479 68.99 -34.50 -2.76
CA SER A 479 68.98 -33.08 -2.38
C SER A 479 70.30 -32.74 -1.68
N SER A 480 70.83 -31.52 -1.84
CA SER A 480 72.15 -31.17 -1.30
C SER A 480 72.09 -30.92 0.20
N TRP A 481 73.14 -31.24 0.93
CA TRP A 481 73.23 -30.77 2.30
C TRP A 481 73.11 -29.27 2.21
N PHE A 482 73.88 -28.67 1.32
CA PHE A 482 74.10 -27.21 1.35
C PHE A 482 73.49 -26.52 0.16
N SER A 483 73.05 -25.28 0.35
CA SER A 483 72.47 -24.46 -0.73
C SER A 483 73.63 -24.01 -1.58
N ARG A 484 73.56 -24.22 -2.86
CA ARG A 484 74.67 -23.93 -3.77
C ARG A 484 74.30 -22.76 -4.67
N PRO A 485 74.54 -21.51 -4.24
CA PRO A 485 74.24 -20.37 -5.11
C PRO A 485 75.33 -20.13 -6.15
N LYS A 486 74.91 -19.52 -7.25
CA LYS A 486 75.84 -19.09 -8.29
C LYS A 486 76.54 -17.80 -7.86
N GLN A 487 77.77 -17.63 -8.33
CA GLN A 487 78.54 -16.42 -8.11
C GLN A 487 78.43 -15.49 -9.31
N ALA A 488 78.46 -14.18 -9.03
CA ALA A 488 78.27 -13.18 -10.07
C ALA A 488 79.51 -12.96 -10.93
N THR A 489 80.70 -13.30 -10.43
CA THR A 489 81.94 -13.07 -11.16
C THR A 489 82.84 -14.29 -10.99
N GLU A 490 84.02 -14.21 -11.61
CA GLU A 490 85.03 -15.26 -11.52
C GLU A 490 86.24 -14.83 -10.70
N THR A 491 86.13 -13.73 -9.94
CA THR A 491 87.25 -13.28 -9.12
C THR A 491 87.50 -14.18 -7.92
N TRP A 492 86.58 -15.08 -7.59
CA TRP A 492 86.79 -16.00 -6.48
C TRP A 492 87.75 -17.12 -6.85
N LYS A 493 87.92 -17.42 -8.14
CA LYS A 493 88.87 -18.46 -8.53
C LYS A 493 90.30 -18.03 -8.26
N THR A 494 90.60 -16.75 -8.46
CA THR A 494 91.92 -16.23 -8.12
C THR A 494 92.10 -16.04 -6.62
N GLU A 495 91.00 -15.96 -5.86
CA GLU A 495 91.10 -15.86 -4.41
C GLU A 495 91.65 -17.15 -3.80
N TYR A 496 91.25 -18.30 -4.36
CA TYR A 496 91.74 -19.59 -3.91
C TYR A 496 93.08 -19.92 -4.58
N SER A 497 94.07 -19.08 -4.30
CA SER A 497 95.42 -19.29 -4.82
C SER A 497 96.39 -18.47 -3.98
N GLY A 498 97.30 -19.15 -3.28
CA GLY A 498 98.27 -18.46 -2.45
C GLY A 498 97.67 -18.00 -1.13
N THR A 499 98.06 -16.80 -0.69
CA THR A 499 97.57 -16.21 0.55
C THR A 499 96.41 -15.26 0.32
N ASN A 500 95.76 -15.33 -0.84
CA ASN A 500 94.68 -14.40 -1.15
C ASN A 500 93.42 -14.69 -0.33
N HIS A 501 93.09 -15.96 -0.15
CA HIS A 501 91.86 -16.35 0.53
C HIS A 501 92.13 -16.40 2.03
N LEU A 502 91.46 -15.51 2.77
CA LEU A 502 91.41 -15.57 4.22
C LEU A 502 90.12 -16.27 4.63
N SER A 503 90.25 -17.29 5.48
CA SER A 503 89.10 -18.14 5.81
C SER A 503 88.00 -17.41 6.55
N GLU A 504 88.27 -16.22 7.09
CA GLU A 504 87.22 -15.47 7.77
C GLU A 504 86.17 -14.93 6.81
N PHE A 505 86.41 -14.98 5.49
CA PHE A 505 85.44 -14.50 4.52
C PHE A 505 84.30 -15.50 4.32
N GLY A 506 84.61 -16.79 4.39
CA GLY A 506 83.67 -17.85 4.10
C GLY A 506 83.98 -18.51 2.77
N GLU A 507 83.43 -19.72 2.60
CA GLU A 507 83.72 -20.58 1.45
C GLU A 507 82.52 -20.59 0.51
N VAL A 508 82.78 -20.36 -0.78
CA VAL A 508 81.76 -20.48 -1.82
C VAL A 508 81.59 -21.97 -2.12
N PRO A 509 80.40 -22.54 -2.07
CA PRO A 509 80.26 -23.99 -2.28
C PRO A 509 80.54 -24.35 -3.73
N TYR A 510 80.67 -25.66 -3.95
CA TYR A 510 80.83 -26.20 -5.31
C TYR A 510 79.50 -26.08 -6.02
N PHE A 511 79.34 -25.02 -6.84
CA PHE A 511 78.07 -24.74 -7.51
C PHE A 511 78.10 -25.01 -9.00
N GLN A 512 79.26 -25.23 -9.60
CA GLN A 512 79.33 -25.53 -11.02
C GLN A 512 78.62 -26.84 -11.32
N HIS A 513 78.14 -26.98 -12.55
CA HIS A 513 77.19 -28.03 -12.91
C HIS A 513 77.72 -29.43 -12.66
N ASN A 514 78.77 -29.84 -13.39
CA ASN A 514 79.36 -31.17 -13.22
C ASN A 514 80.69 -31.13 -12.47
N GLU A 515 80.96 -30.05 -11.75
CA GLU A 515 82.18 -29.98 -10.97
C GLU A 515 82.06 -30.97 -9.80
N PRO A 516 83.00 -31.90 -9.61
CA PRO A 516 82.93 -32.77 -8.43
C PRO A 516 82.98 -31.96 -7.15
N ILE A 517 82.27 -32.46 -6.12
CA ILE A 517 82.24 -31.78 -4.83
C ILE A 517 83.47 -32.22 -4.06
N GLY A 518 84.57 -31.55 -4.30
CA GLY A 518 85.85 -31.93 -3.73
C GLY A 518 86.97 -31.50 -4.66
N SER A 519 88.19 -31.79 -4.23
CA SER A 519 89.37 -31.45 -5.03
C SER A 519 90.60 -32.01 -4.33
N ALA A 520 91.71 -32.04 -5.08
CA ALA A 520 93.01 -32.38 -4.54
C ALA A 520 93.93 -31.17 -4.38
N SER A 521 93.53 -30.01 -4.91
CA SER A 521 94.34 -28.81 -4.80
C SER A 521 94.21 -28.22 -3.39
N LEU A 522 95.33 -28.09 -2.69
CA LEU A 522 95.32 -27.50 -1.36
C LEU A 522 95.02 -26.01 -1.40
N SER A 523 95.11 -25.37 -2.56
CA SER A 523 94.77 -23.96 -2.69
C SER A 523 93.29 -23.68 -2.43
N GLU A 524 92.44 -24.71 -2.46
CA GLU A 524 91.01 -24.58 -2.18
C GLU A 524 90.57 -25.67 -1.22
N ILE A 525 91.37 -25.92 -0.18
CA ILE A 525 91.10 -27.04 0.71
C ILE A 525 89.88 -26.79 1.58
N THR A 526 89.60 -25.52 1.91
CA THR A 526 88.45 -25.21 2.75
C THR A 526 87.11 -25.52 2.08
N ARG A 527 87.10 -25.76 0.76
CA ARG A 527 85.87 -26.09 0.06
C ARG A 527 85.45 -27.54 0.21
N TRP A 528 86.34 -28.41 0.69
CA TRP A 528 86.07 -29.84 0.70
C TRP A 528 84.91 -30.15 1.64
N GLU A 529 83.83 -30.69 1.08
CA GLU A 529 82.63 -31.00 1.85
C GLU A 529 82.58 -32.46 2.33
N ILE A 530 83.31 -33.35 1.66
CA ILE A 530 83.37 -34.76 2.04
C ILE A 530 84.84 -35.17 2.11
N GLN A 531 85.14 -36.08 3.05
CA GLN A 531 86.52 -36.47 3.33
C GLN A 531 87.03 -37.55 2.38
N THR A 532 86.16 -38.44 1.91
CA THR A 532 86.54 -39.51 1.00
C THR A 532 86.41 -39.12 -0.47
N SER A 533 86.41 -37.83 -0.76
CA SER A 533 86.30 -37.33 -2.14
C SER A 533 87.66 -36.97 -2.69
N LEU A 534 87.89 -37.33 -3.96
CA LEU A 534 89.14 -37.04 -4.64
C LEU A 534 88.96 -36.18 -5.88
N GLY A 535 87.76 -35.68 -6.13
CA GLY A 535 87.51 -34.83 -7.29
C GLY A 535 87.64 -35.55 -8.61
N LEU A 536 87.15 -36.79 -8.70
CA LEU A 536 87.10 -37.49 -9.98
C LEU A 536 86.01 -36.87 -10.84
N VAL A 537 86.39 -36.39 -12.03
CA VAL A 537 85.45 -35.75 -12.94
C VAL A 537 84.43 -36.79 -13.37
N PRO A 538 83.14 -36.41 -13.62
CA PRO A 538 82.14 -37.38 -14.09
C PRO A 538 82.16 -37.56 -15.62
N TYR A 539 83.37 -37.74 -16.17
CA TYR A 539 83.56 -37.91 -17.60
C TYR A 539 84.69 -38.91 -17.83
N TYR A 540 84.49 -39.83 -18.77
CA TYR A 540 85.44 -40.89 -19.01
C TYR A 540 85.54 -41.14 -20.51
N ASN A 541 86.72 -41.60 -20.95
CA ASN A 541 86.91 -41.98 -22.34
C ASN A 541 86.41 -43.41 -22.53
N PRO A 542 85.38 -43.66 -23.35
CA PRO A 542 84.85 -45.03 -23.47
C PRO A 542 85.81 -45.99 -24.14
N SER A 543 86.78 -45.50 -24.91
CA SER A 543 87.75 -46.39 -25.53
C SER A 543 88.70 -47.00 -24.51
N THR A 544 88.93 -46.31 -23.38
CA THR A 544 89.90 -46.76 -22.39
C THR A 544 89.26 -47.63 -21.31
N THR A 545 88.27 -47.09 -20.60
CA THR A 545 87.69 -47.74 -19.43
C THR A 545 86.17 -47.81 -19.57
N ASN A 546 85.59 -48.74 -18.84
CA ASN A 546 84.14 -48.83 -18.72
C ASN A 546 83.65 -47.78 -17.73
N ALA A 547 82.33 -47.65 -17.61
CA ALA A 547 81.78 -46.75 -16.60
C ALA A 547 82.03 -47.28 -15.19
N LYS A 548 81.83 -48.58 -14.99
CA LYS A 548 82.02 -49.16 -13.66
C LYS A 548 83.46 -49.04 -13.19
N ASP A 549 84.42 -49.39 -14.06
CA ASP A 549 85.82 -49.33 -13.66
C ASP A 549 86.26 -47.89 -13.40
N PHE A 550 85.68 -46.94 -14.14
CA PHE A 550 86.00 -45.54 -13.92
C PHE A 550 85.44 -45.05 -12.58
N VAL A 551 84.18 -45.40 -12.28
CA VAL A 551 83.57 -44.97 -11.03
C VAL A 551 84.23 -45.65 -9.83
N ASP A 552 84.76 -46.86 -10.03
CA ASP A 552 85.37 -47.60 -8.93
C ASP A 552 86.62 -46.94 -8.38
N GLY A 553 87.20 -45.98 -9.11
CA GLY A 553 88.30 -45.20 -8.56
C GLY A 553 87.88 -44.22 -7.48
N SER A 554 86.60 -43.85 -7.47
CA SER A 554 86.06 -42.97 -6.43
C SER A 554 84.54 -43.12 -6.39
N PRO A 555 84.03 -44.27 -5.96
CA PRO A 555 82.57 -44.47 -5.94
C PRO A 555 81.83 -43.64 -4.91
N SER A 556 82.55 -43.05 -3.94
CA SER A 556 81.95 -42.21 -2.92
C SER A 556 82.08 -40.72 -3.25
N GLU A 557 82.21 -40.39 -4.52
CA GLU A 557 82.32 -39.01 -4.98
C GLU A 557 80.96 -38.50 -5.42
N PHE A 558 80.72 -37.22 -5.16
CA PHE A 558 79.49 -36.55 -5.53
C PHE A 558 79.73 -35.51 -6.61
N LEU A 559 78.77 -35.40 -7.52
CA LEU A 559 78.73 -34.34 -8.52
C LEU A 559 77.49 -33.49 -8.30
N VAL A 560 77.60 -32.22 -8.70
CA VAL A 560 76.44 -31.33 -8.64
C VAL A 560 75.56 -31.58 -9.85
N ASP A 561 74.32 -31.11 -9.78
CA ASP A 561 73.40 -31.28 -10.90
C ASP A 561 72.45 -30.09 -10.93
N GLU A 562 72.68 -29.18 -11.87
CA GLU A 562 71.77 -28.07 -12.14
C GLU A 562 70.72 -28.40 -13.19
N ASN A 563 70.83 -29.56 -13.84
CA ASN A 563 69.79 -30.04 -14.74
C ASN A 563 68.56 -30.53 -13.97
N ILE A 564 68.74 -30.93 -12.72
CA ILE A 564 67.64 -31.34 -11.84
C ILE A 564 67.76 -30.48 -10.59
N VAL A 565 66.78 -29.59 -10.39
CA VAL A 565 66.83 -28.59 -9.33
C VAL A 565 65.75 -28.91 -8.30
N THR A 566 65.76 -28.13 -7.21
CA THR A 566 64.82 -28.29 -6.12
C THR A 566 64.26 -26.91 -5.78
N MET A 567 63.03 -26.63 -6.24
CA MET A 567 62.41 -25.35 -5.97
C MET A 567 61.93 -25.28 -4.54
N HIS A 568 62.15 -24.14 -3.90
CA HIS A 568 61.80 -23.91 -2.50
C HIS A 568 60.98 -22.62 -2.41
N SER A 569 59.68 -22.76 -2.21
CA SER A 569 58.75 -21.66 -2.03
C SER A 569 58.07 -21.75 -0.68
N PRO A 570 57.59 -20.62 -0.12
CA PRO A 570 56.86 -20.70 1.15
C PRO A 570 55.51 -21.38 1.02
N ASP A 571 54.90 -21.37 -0.17
CA ASP A 571 53.59 -21.99 -0.33
C ASP A 571 53.65 -23.49 -0.06
N VAL A 572 54.70 -24.15 -0.54
CA VAL A 572 54.81 -25.60 -0.34
C VAL A 572 54.92 -25.93 1.15
N GLU A 573 55.72 -25.16 1.89
CA GLU A 573 55.91 -25.45 3.30
C GLU A 573 54.68 -25.10 4.12
N PHE A 574 53.99 -24.01 3.77
CA PHE A 574 52.88 -23.49 4.56
C PHE A 574 51.51 -23.88 4.03
N ASP A 575 51.35 -24.01 2.71
CA ASP A 575 50.11 -24.49 2.12
C ASP A 575 50.26 -25.97 1.83
N ASP A 576 49.55 -26.81 2.60
CA ASP A 576 49.69 -28.25 2.48
C ASP A 576 49.11 -28.80 1.19
N ARG A 577 48.38 -28.00 0.42
CA ARG A 577 47.82 -28.49 -0.84
C ARG A 577 48.88 -28.65 -1.92
N LEU A 578 50.02 -27.96 -1.79
CA LEU A 578 51.11 -28.07 -2.76
C LEU A 578 52.11 -29.15 -2.39
N GLN A 579 51.96 -29.80 -1.24
CA GLN A 579 52.80 -30.93 -0.86
C GLN A 579 52.27 -32.26 -1.38
N ASN A 580 51.17 -32.25 -2.14
CA ASN A 580 50.56 -33.46 -2.67
C ASN A 580 50.57 -33.50 -4.19
N ILE A 581 51.22 -32.55 -4.87
CA ILE A 581 51.24 -32.54 -6.32
C ILE A 581 51.94 -33.80 -6.81
N THR A 582 51.42 -34.36 -7.90
CA THR A 582 51.96 -35.59 -8.49
C THR A 582 51.97 -35.40 -10.01
N ASN A 583 53.16 -35.14 -10.55
CA ASN A 583 53.34 -34.94 -11.98
C ASN A 583 52.45 -33.81 -12.50
N GLY A 584 52.70 -32.62 -11.98
CA GLY A 584 51.96 -31.44 -12.37
C GLY A 584 52.54 -30.79 -13.60
N LYS A 585 51.76 -30.71 -14.68
CA LYS A 585 52.21 -30.10 -15.93
C LYS A 585 52.26 -28.59 -15.74
N PHE A 586 53.46 -28.06 -15.55
CA PHE A 586 53.70 -26.63 -15.39
C PHE A 586 54.89 -26.21 -16.24
N LYS A 587 54.99 -24.91 -16.46
CA LYS A 587 56.10 -24.30 -17.16
C LYS A 587 56.90 -23.42 -16.20
N LEU A 588 58.20 -23.30 -16.46
CA LEU A 588 59.13 -22.61 -15.58
C LEU A 588 59.66 -21.36 -16.28
N ARG A 589 59.78 -20.27 -15.52
CA ARG A 589 60.43 -19.06 -16.01
C ARG A 589 61.20 -18.41 -14.87
N ILE A 590 62.44 -18.04 -15.14
CA ILE A 590 63.30 -17.39 -14.15
C ILE A 590 63.08 -15.89 -14.25
N ILE A 591 62.63 -15.26 -13.16
CA ILE A 591 62.16 -13.88 -13.18
C ILE A 591 63.18 -12.94 -12.56
N GLY A 592 64.02 -13.44 -11.65
CA GLY A 592 64.92 -12.56 -10.94
C GLY A 592 66.01 -13.31 -10.20
N THR A 593 66.69 -12.58 -9.33
CA THR A 593 67.81 -13.09 -8.55
C THR A 593 67.61 -12.72 -7.08
N THR A 594 68.55 -13.15 -6.25
CA THR A 594 68.56 -12.84 -4.82
C THR A 594 69.90 -12.20 -4.47
N HIS A 595 69.85 -11.06 -3.78
CA HIS A 595 71.05 -10.30 -3.43
C HIS A 595 71.62 -10.84 -2.12
N LEU A 596 72.42 -11.89 -2.23
CA LEU A 596 73.08 -12.45 -1.06
C LEU A 596 74.18 -11.50 -0.58
N THR A 597 74.20 -11.25 0.73
CA THR A 597 75.13 -10.30 1.34
C THR A 597 75.97 -10.91 2.44
N ASN A 598 75.40 -11.78 3.27
CA ASN A 598 76.11 -12.35 4.41
C ASN A 598 75.60 -13.76 4.66
N THR A 599 76.18 -14.41 5.65
CA THR A 599 75.80 -15.77 6.02
C THR A 599 76.10 -15.97 7.51
N LEU A 600 75.12 -16.49 8.23
CA LEU A 600 75.24 -16.72 9.68
C LEU A 600 75.57 -18.20 9.88
N SER A 601 76.83 -18.46 10.23
CA SER A 601 77.36 -19.81 10.35
C SER A 601 77.70 -20.13 11.79
N ASP A 602 77.74 -21.43 12.09
CA ASP A 602 78.11 -21.91 13.42
C ASP A 602 78.76 -23.28 13.26
N ILE A 603 79.37 -23.75 14.35
CA ILE A 603 80.08 -25.02 14.35
C ILE A 603 80.07 -25.55 15.78
N SER A 604 79.99 -26.88 15.91
CA SER A 604 80.03 -27.54 17.21
C SER A 604 80.67 -28.90 17.04
N VAL A 605 81.59 -29.23 17.96
CA VAL A 605 82.32 -30.49 17.91
C VAL A 605 82.29 -31.11 19.31
N ILE A 606 81.81 -32.34 19.40
CA ILE A 606 81.79 -33.12 20.63
C ILE A 606 82.43 -34.46 20.35
N THR A 607 83.43 -34.84 21.13
CA THR A 607 84.19 -36.08 20.96
C THR A 607 83.87 -37.03 22.09
N SER A 608 83.72 -38.32 21.75
CA SER A 608 83.44 -39.32 22.77
C SER A 608 84.61 -39.47 23.73
N THR A 609 85.82 -39.63 23.19
CA THR A 609 87.04 -39.79 23.98
C THR A 609 87.77 -38.45 24.09
N PRO A 610 88.66 -38.30 25.09
CA PRO A 610 89.37 -37.03 25.23
C PRO A 610 90.40 -36.79 24.15
N THR A 611 91.10 -35.66 24.21
CA THR A 611 92.14 -35.36 23.25
C THR A 611 93.33 -36.31 23.43
N TYR A 612 94.12 -36.46 22.37
CA TYR A 612 95.33 -37.26 22.46
C TYR A 612 96.37 -36.56 23.32
N GLY A 613 96.73 -35.33 22.95
CA GLY A 613 97.60 -34.52 23.77
C GLY A 613 96.99 -34.25 25.13
N ASN A 614 97.71 -34.55 26.21
CA ASN A 614 97.16 -34.37 27.54
C ASN A 614 96.93 -32.90 27.85
N TYR A 615 97.72 -32.00 27.27
CA TYR A 615 97.58 -30.56 27.44
C TYR A 615 96.97 -29.90 26.21
N ALA A 616 96.27 -30.67 25.37
CA ALA A 616 95.79 -30.15 24.11
C ALA A 616 94.66 -29.15 24.32
N THR A 617 94.38 -28.38 23.26
CA THR A 617 93.26 -27.44 23.29
C THR A 617 91.96 -28.13 22.92
N GLY A 618 91.95 -28.88 21.82
CA GLY A 618 90.75 -29.54 21.35
C GLY A 618 89.99 -28.72 20.34
N PHE A 619 88.67 -28.65 20.50
CA PHE A 619 87.83 -27.88 19.58
C PHE A 619 88.17 -26.40 19.66
N TYR A 620 88.63 -25.84 18.55
CA TYR A 620 88.87 -24.41 18.40
C TYR A 620 87.86 -23.82 17.42
N LYS A 621 87.16 -22.78 17.85
CA LYS A 621 86.12 -22.15 17.06
C LYS A 621 86.67 -20.87 16.43
N GLY A 622 86.82 -20.90 15.10
CA GLY A 622 87.30 -19.74 14.36
C GLY A 622 86.17 -18.84 13.88
N LYS A 623 86.57 -17.80 13.16
CA LYS A 623 85.64 -16.82 12.61
C LYS A 623 85.36 -17.18 11.16
N VAL A 624 84.08 -17.31 10.80
CA VAL A 624 83.69 -17.65 9.44
C VAL A 624 82.37 -16.95 9.11
N ALA A 625 82.43 -15.93 8.25
CA ALA A 625 81.30 -15.34 7.52
C ALA A 625 80.32 -14.59 8.40
N ASN A 626 80.50 -14.54 9.72
CA ASN A 626 79.56 -13.82 10.60
C ASN A 626 79.81 -12.33 10.45
N MET A 627 79.21 -11.76 9.39
CA MET A 627 79.39 -10.36 9.04
C MET A 627 78.03 -9.73 8.76
N ASN A 628 78.02 -8.39 8.75
CA ASN A 628 76.79 -7.64 8.52
C ASN A 628 76.50 -7.56 7.02
N ILE A 629 75.31 -7.02 6.71
CA ILE A 629 74.86 -6.92 5.32
C ILE A 629 75.75 -5.97 4.52
N SER A 630 76.37 -5.00 5.20
CA SER A 630 77.14 -3.98 4.48
C SER A 630 78.30 -4.61 3.71
N THR A 631 79.00 -5.57 4.32
CA THR A 631 80.08 -6.29 3.64
C THR A 631 79.45 -7.33 2.72
N SER A 632 78.86 -6.83 1.64
CA SER A 632 78.11 -7.67 0.71
C SER A 632 78.99 -8.40 -0.29
N TYR A 633 80.27 -8.06 -0.39
CA TYR A 633 81.14 -8.73 -1.35
C TYR A 633 81.27 -10.22 -1.03
N TYR A 634 81.34 -10.57 0.25
CA TYR A 634 81.46 -11.96 0.68
C TYR A 634 80.08 -12.57 0.91
N GLY A 635 79.27 -12.54 -0.15
CA GLY A 635 77.94 -13.09 -0.11
C GLY A 635 77.89 -14.49 -0.70
N GLY A 636 76.91 -15.27 -0.25
CA GLY A 636 76.80 -16.65 -0.70
C GLY A 636 77.99 -17.49 -0.31
N ARG A 637 78.47 -17.32 0.92
CA ARG A 637 79.66 -18.02 1.42
C ARG A 637 79.31 -18.69 2.73
N GLN A 638 79.99 -19.81 2.99
CA GLN A 638 79.57 -20.76 4.01
C GLN A 638 80.72 -21.06 4.97
N LEU A 639 80.41 -21.89 5.97
CA LEU A 639 81.40 -22.55 6.82
C LEU A 639 81.38 -24.02 6.39
N SER A 640 82.31 -24.41 5.53
CA SER A 640 82.38 -25.78 5.02
C SER A 640 83.45 -26.58 5.74
N ALA A 641 84.71 -26.15 5.64
CA ALA A 641 85.83 -26.87 6.24
C ALA A 641 86.80 -25.87 6.86
N GLY A 642 87.62 -26.36 7.76
CA GLY A 642 88.58 -25.52 8.45
C GLY A 642 89.31 -26.30 9.52
N LEU A 643 90.23 -25.60 10.17
CA LEU A 643 91.07 -26.21 11.21
C LEU A 643 90.38 -26.05 12.57
N PHE A 644 89.34 -26.87 12.76
CA PHE A 644 88.50 -26.81 13.96
C PHE A 644 88.99 -27.75 15.05
N TRP A 645 90.25 -28.18 15.01
CA TRP A 645 90.78 -29.12 15.99
C TRP A 645 92.26 -28.83 16.20
N SER A 646 92.73 -29.17 17.42
CA SER A 646 94.13 -28.89 17.77
C SER A 646 94.55 -29.89 18.85
N ASP A 647 95.38 -30.86 18.45
CA ASP A 647 95.94 -31.85 19.35
C ASP A 647 97.39 -32.11 18.97
N ASN A 648 98.07 -32.86 19.83
CA ASN A 648 99.42 -33.32 19.53
C ASN A 648 99.35 -34.37 18.41
N VAL A 649 100.53 -34.85 18.00
CA VAL A 649 100.65 -35.81 16.90
C VAL A 649 100.80 -37.21 17.49
N LYS A 650 100.21 -38.19 16.81
CA LYS A 650 100.32 -39.60 17.20
C LYS A 650 101.60 -40.15 16.57
N PHE A 651 102.69 -40.10 17.32
CA PHE A 651 103.99 -40.56 16.86
C PHE A 651 104.17 -42.04 17.18
N GLN A 652 105.11 -42.67 16.45
CA GLN A 652 105.43 -44.06 16.74
C GLN A 652 106.02 -44.19 18.14
N ASP A 653 106.87 -43.25 18.53
CA ASP A 653 107.33 -43.13 19.91
C ASP A 653 106.41 -42.12 20.60
N PRO A 654 105.36 -42.56 21.30
CA PRO A 654 104.32 -41.61 21.71
C PRO A 654 104.84 -40.62 22.74
N SER A 655 104.50 -39.35 22.52
CA SER A 655 104.84 -38.26 23.45
C SER A 655 103.64 -37.34 23.62
N PRO A 656 102.60 -37.81 24.32
CA PRO A 656 101.51 -36.87 24.69
C PRO A 656 101.91 -35.85 25.73
N GLN A 657 103.08 -35.99 26.36
CA GLN A 657 103.51 -35.07 27.39
C GLN A 657 103.93 -33.71 26.83
N ASP A 658 104.20 -33.63 25.53
CA ASP A 658 104.58 -32.36 24.92
C ASP A 658 103.41 -31.40 24.91
N LYS A 659 103.71 -30.12 25.10
CA LYS A 659 102.72 -29.05 25.10
C LYS A 659 102.58 -28.39 23.73
N LEU A 660 103.12 -28.99 22.69
CA LEU A 660 103.01 -28.46 21.33
C LEU A 660 101.69 -28.90 20.71
N GLU A 661 101.31 -28.23 19.63
CA GLU A 661 100.00 -28.44 19.02
C GLU A 661 100.05 -28.20 17.53
N ARG A 662 99.55 -29.16 16.76
CA ARG A 662 99.20 -28.93 15.35
C ARG A 662 97.72 -28.57 15.26
N LEU A 663 97.29 -28.25 14.05
CA LEU A 663 95.89 -28.02 13.74
C LEU A 663 95.46 -28.97 12.63
N TRP A 664 94.24 -29.50 12.76
CA TRP A 664 93.77 -30.59 11.92
C TRP A 664 92.49 -30.19 11.20
N MET A 665 92.36 -30.65 9.96
CA MET A 665 91.20 -30.32 9.14
C MET A 665 89.97 -31.09 9.61
N VAL A 666 88.83 -30.41 9.61
CA VAL A 666 87.54 -30.99 10.00
C VAL A 666 86.54 -30.63 8.91
N TYR A 667 86.04 -31.64 8.21
CA TYR A 667 85.11 -31.47 7.10
C TYR A 667 83.68 -31.65 7.58
N PRO A 668 82.70 -31.27 6.76
CA PRO A 668 81.30 -31.49 7.17
C PRO A 668 80.98 -32.95 7.42
N TRP A 669 81.21 -33.82 6.43
CA TRP A 669 81.04 -35.26 6.57
C TRP A 669 82.43 -35.84 6.82
N HIS A 670 82.74 -36.03 8.10
CA HIS A 670 84.07 -36.38 8.56
C HIS A 670 84.18 -37.88 8.82
N ARG A 671 85.42 -38.38 8.85
CA ARG A 671 85.68 -39.79 9.11
C ARG A 671 85.06 -40.24 10.43
N ASN A 672 84.66 -41.52 10.46
CA ASN A 672 84.09 -42.15 11.65
C ASN A 672 85.24 -42.63 12.54
N GLY A 673 86.00 -41.66 13.05
CA GLY A 673 87.16 -41.95 13.86
C GLY A 673 87.69 -40.73 14.59
N SER A 674 89.01 -40.59 14.61
CA SER A 674 89.67 -39.52 15.34
C SER A 674 89.77 -38.27 14.48
N LEU A 675 89.56 -37.11 15.11
CA LEU A 675 89.73 -35.85 14.40
C LEU A 675 91.19 -35.60 14.07
N MET A 676 92.10 -36.00 14.94
CA MET A 676 93.53 -35.93 14.68
C MET A 676 93.97 -37.24 13.99
N ASN A 677 95.27 -37.37 13.76
CA ASN A 677 95.81 -38.51 13.03
C ASN A 677 95.81 -39.74 13.94
N MET A 678 94.87 -40.63 13.73
CA MET A 678 94.87 -41.93 14.40
C MET A 678 94.04 -42.89 13.55
N GLY A 679 93.93 -44.14 14.01
CA GLY A 679 93.16 -45.13 13.30
C GLY A 679 93.64 -46.55 13.57
N VAL A 680 92.70 -47.47 13.71
CA VAL A 680 92.98 -48.85 14.12
C VAL A 680 93.82 -48.79 15.39
N PRO A 681 93.26 -48.29 16.50
CA PRO A 681 94.01 -48.29 17.76
C PRO A 681 94.40 -49.70 18.17
N THR A 682 95.64 -49.85 18.62
CA THR A 682 96.20 -51.14 18.96
C THR A 682 96.04 -51.51 20.43
N GLU A 683 95.54 -50.57 21.26
CA GLU A 683 95.45 -50.79 22.69
C GLU A 683 94.05 -50.53 23.27
N GLY A 684 93.08 -50.19 22.45
CA GLY A 684 91.75 -49.90 22.94
C GLY A 684 91.07 -48.87 22.05
N THR A 685 90.43 -47.90 22.71
CA THR A 685 89.65 -46.89 22.01
C THR A 685 90.56 -45.89 21.29
N ARG A 686 89.96 -45.16 20.35
CA ARG A 686 90.63 -44.08 19.66
C ARG A 686 90.72 -42.84 20.56
N ALA A 687 91.58 -41.91 20.16
CA ALA A 687 91.74 -40.64 20.84
C ALA A 687 91.14 -39.53 19.98
N ALA A 688 90.45 -38.59 20.63
CA ALA A 688 89.73 -37.52 19.95
C ALA A 688 88.69 -38.08 18.98
N ALA A 689 88.10 -39.23 19.32
CA ALA A 689 87.10 -39.84 18.46
C ALA A 689 85.85 -38.96 18.41
N LEU A 690 85.30 -38.81 17.20
CA LEU A 690 84.15 -37.96 17.00
C LEU A 690 82.88 -38.64 17.53
N GLN A 691 82.04 -37.86 18.21
CA GLN A 691 80.75 -38.31 18.71
C GLN A 691 79.58 -37.59 18.04
N ARG A 692 79.64 -36.26 17.95
CA ARG A 692 78.55 -35.51 17.32
C ARG A 692 79.09 -34.17 16.87
N LYS A 693 79.11 -33.95 15.56
CA LYS A 693 79.43 -32.66 14.96
C LYS A 693 78.23 -32.19 14.15
N ILE A 694 78.05 -30.87 14.09
CA ILE A 694 76.91 -30.29 13.39
C ILE A 694 77.28 -28.87 12.97
N ILE A 695 76.75 -28.45 11.82
CA ILE A 695 77.05 -27.16 11.21
C ILE A 695 75.75 -26.49 10.82
N SER A 696 75.69 -25.17 11.01
CA SER A 696 74.55 -24.37 10.61
C SER A 696 74.99 -23.28 9.63
N ASN A 697 74.05 -22.87 8.78
CA ASN A 697 74.30 -21.83 7.80
C ASN A 697 72.98 -21.14 7.48
N LEU A 698 73.02 -19.81 7.37
CA LEU A 698 71.83 -19.01 7.07
C LEU A 698 72.24 -17.93 6.07
N LYS A 699 72.14 -18.23 4.79
CA LYS A 699 72.35 -17.21 3.76
C LYS A 699 71.21 -16.20 3.81
N PHE A 700 71.57 -14.92 3.86
CA PHE A 700 70.61 -13.83 3.95
C PHE A 700 70.62 -13.04 2.65
N ALA A 701 69.49 -13.06 1.94
CA ALA A 701 69.30 -12.29 0.72
C ALA A 701 68.59 -10.99 1.10
N SER A 702 69.36 -9.92 1.23
CA SER A 702 68.81 -8.65 1.70
C SER A 702 67.87 -8.01 0.69
N GLN A 703 67.93 -8.42 -0.57
CA GLN A 703 67.12 -7.80 -1.61
C GLN A 703 67.06 -8.74 -2.80
N ASN A 704 66.00 -8.61 -3.60
CA ASN A 704 65.85 -9.35 -4.84
C ASN A 704 65.82 -8.36 -6.00
N ASN A 705 66.68 -8.59 -6.99
CA ASN A 705 66.69 -7.81 -8.22
C ASN A 705 66.00 -8.64 -9.30
N TYR A 706 64.93 -8.08 -9.87
CA TYR A 706 64.12 -8.79 -10.84
C TYR A 706 64.55 -8.43 -12.26
N LEU A 707 64.44 -9.43 -13.14
CA LEU A 707 64.93 -9.27 -14.50
C LEU A 707 64.03 -8.31 -15.27
N PRO A 708 64.57 -7.57 -16.25
CA PRO A 708 63.70 -6.88 -17.19
C PRO A 708 62.83 -7.87 -17.96
N ASN A 709 61.66 -7.40 -18.38
CA ASN A 709 60.69 -8.29 -19.03
C ASN A 709 61.28 -8.94 -20.28
N GLN A 710 62.17 -8.23 -20.98
CA GLN A 710 62.76 -8.79 -22.20
C GLN A 710 63.63 -10.00 -21.89
N SER A 711 64.44 -9.92 -20.83
CA SER A 711 65.44 -10.93 -20.53
C SER A 711 64.93 -12.05 -19.64
N VAL A 712 63.64 -12.07 -19.30
CA VAL A 712 63.10 -13.18 -18.54
C VAL A 712 63.34 -14.47 -19.30
N TRP A 713 63.79 -15.50 -18.58
CA TRP A 713 64.24 -16.75 -19.17
C TRP A 713 63.12 -17.76 -19.09
N GLU A 714 62.70 -18.28 -20.25
CA GLU A 714 61.66 -19.29 -20.33
C GLU A 714 62.30 -20.62 -20.71
N ALA A 715 62.07 -21.64 -19.88
CA ALA A 715 62.64 -22.96 -20.15
C ALA A 715 62.14 -23.51 -21.47
N GLU A 716 60.84 -23.35 -21.73
CA GLU A 716 60.22 -23.82 -22.97
C GLU A 716 59.98 -22.62 -23.87
N ILE A 717 60.71 -22.56 -24.98
CA ILE A 717 60.49 -21.60 -26.05
C ILE A 717 60.11 -22.40 -27.29
N SER A 718 58.89 -22.25 -27.76
CA SER A 718 58.41 -23.01 -28.90
C SER A 718 59.21 -22.68 -30.14
N GLY A 719 59.59 -23.71 -30.89
CA GLY A 719 60.41 -23.54 -32.07
C GLY A 719 61.90 -23.50 -31.81
N ASP A 720 62.32 -23.55 -30.54
CA ASP A 720 63.73 -23.56 -30.17
C ASP A 720 64.15 -24.98 -29.80
N ALA A 721 65.09 -25.53 -30.55
CA ALA A 721 65.54 -26.89 -30.31
C ALA A 721 66.15 -27.03 -28.91
N ASN A 722 67.03 -26.10 -28.56
CA ASN A 722 67.71 -26.19 -27.26
C ASN A 722 66.72 -26.10 -26.11
N HIS A 723 65.85 -25.10 -26.12
CA HIS A 723 64.98 -24.81 -24.98
C HIS A 723 63.80 -25.77 -24.99
N THR A 724 64.04 -26.98 -24.50
CA THR A 724 62.97 -27.91 -24.22
C THR A 724 62.36 -27.58 -22.87
N GLY A 725 61.26 -28.24 -22.53
CA GLY A 725 60.46 -27.81 -21.39
C GLY A 725 60.90 -28.37 -20.05
N ILE A 726 59.93 -28.72 -19.22
CA ILE A 726 60.17 -29.16 -17.85
C ILE A 726 59.37 -30.44 -17.63
N THR A 727 59.99 -31.42 -16.96
CA THR A 727 59.28 -32.64 -16.63
C THR A 727 58.15 -32.31 -15.65
N PRO A 728 57.13 -33.17 -15.56
CA PRO A 728 56.02 -32.88 -14.64
C PRO A 728 56.50 -32.67 -13.21
N VAL A 729 55.96 -31.63 -12.58
CA VAL A 729 56.41 -31.25 -11.25
C VAL A 729 56.00 -32.31 -10.23
N ASN A 730 56.84 -32.52 -9.23
CA ASN A 730 56.61 -33.52 -8.20
C ASN A 730 56.92 -32.91 -6.85
N SER A 731 56.02 -33.14 -5.89
CA SER A 731 56.20 -32.68 -4.51
C SER A 731 56.82 -33.80 -3.69
N TRP A 732 57.97 -33.52 -3.09
CA TRP A 732 58.59 -34.44 -2.14
C TRP A 732 58.14 -34.08 -0.73
N THR A 733 57.65 -35.08 0.01
CA THR A 733 57.22 -34.89 1.39
C THR A 733 58.07 -35.71 2.35
N GLU A 734 58.12 -37.04 2.19
CA GLU A 734 58.83 -37.91 3.14
C GLU A 734 59.79 -38.89 2.49
N GLY A 735 59.45 -39.42 1.31
CA GLY A 735 60.16 -40.58 0.79
C GLY A 735 60.58 -40.50 -0.66
N LEU A 736 60.18 -41.49 -1.46
CA LEU A 736 60.67 -41.65 -2.82
C LEU A 736 59.83 -40.81 -3.78
N VAL A 737 60.51 -40.22 -4.76
CA VAL A 737 59.86 -39.42 -5.81
C VAL A 737 60.51 -39.79 -7.14
N ARG A 738 59.78 -40.53 -7.97
CA ARG A 738 60.26 -40.89 -9.31
C ARG A 738 60.00 -39.71 -10.24
N ILE A 739 61.04 -38.96 -10.56
CA ILE A 739 60.90 -37.89 -11.56
C ILE A 739 60.57 -38.53 -12.91
N PRO A 740 59.53 -38.07 -13.63
CA PRO A 740 59.23 -38.70 -14.93
C PRO A 740 60.37 -38.57 -15.91
N ALA A 741 60.30 -39.38 -16.97
CA ALA A 741 61.34 -39.37 -17.99
C ALA A 741 61.44 -38.00 -18.63
N GLN A 742 62.68 -37.59 -18.92
CA GLN A 742 62.97 -36.28 -19.51
C GLN A 742 63.12 -36.44 -21.01
N ALA A 743 62.45 -35.58 -21.76
CA ALA A 743 62.32 -35.76 -23.21
C ALA A 743 63.66 -35.66 -23.90
N ASN A 744 63.77 -36.38 -25.03
CA ASN A 744 65.00 -36.41 -25.83
C ASN A 744 66.16 -36.97 -25.02
N SER A 745 65.88 -37.99 -24.21
CA SER A 745 66.92 -38.68 -23.45
C SER A 745 66.51 -40.14 -23.34
N ASN A 746 67.40 -41.04 -23.77
CA ASN A 746 67.13 -42.47 -23.72
C ASN A 746 67.15 -43.03 -22.31
N LEU A 747 67.55 -42.23 -21.30
CA LEU A 747 67.46 -42.67 -19.93
C LEU A 747 66.00 -42.89 -19.54
N GLY A 748 65.81 -43.50 -18.37
CA GLY A 748 64.49 -43.77 -17.84
C GLY A 748 64.02 -42.68 -16.92
N SER A 749 63.04 -43.04 -16.08
CA SER A 749 62.49 -42.10 -15.11
C SER A 749 63.40 -42.06 -13.88
N LEU A 750 64.00 -40.93 -13.54
CA LEU A 750 65.03 -40.80 -12.47
C LEU A 750 64.47 -41.06 -11.09
N ASN A 751 65.30 -41.32 -10.10
CA ASN A 751 64.81 -41.71 -8.76
C ASN A 751 65.41 -40.75 -7.77
N TYR A 752 64.65 -40.13 -6.88
CA TYR A 752 65.14 -39.04 -6.00
C TYR A 752 64.86 -39.25 -4.51
N TYR A 753 65.78 -38.93 -3.62
CA TYR A 753 65.72 -39.00 -2.16
C TYR A 753 66.27 -37.71 -1.57
N ALA A 754 65.60 -37.21 -0.53
CA ALA A 754 66.10 -36.09 0.25
C ALA A 754 66.37 -36.45 1.71
N ASN A 755 65.90 -37.61 2.17
CA ASN A 755 66.29 -38.16 3.47
C ASN A 755 67.31 -39.26 3.21
N ILE A 756 68.59 -38.94 3.43
CA ILE A 756 69.70 -39.83 3.12
C ILE A 756 70.23 -40.42 4.42
N ASP A 757 70.39 -41.73 4.44
CA ASP A 757 71.01 -42.45 5.55
C ASP A 757 72.03 -43.36 4.89
N LYS A 758 73.24 -42.84 4.72
CA LYS A 758 74.27 -43.49 3.91
C LYS A 758 75.58 -43.54 4.69
N VAL A 759 76.38 -44.56 4.39
CA VAL A 759 77.74 -44.69 4.90
C VAL A 759 78.66 -44.75 3.69
N LEU A 760 79.59 -43.80 3.61
CA LEU A 760 80.47 -43.65 2.46
C LEU A 760 81.82 -44.27 2.79
N THR A 761 82.25 -45.21 1.95
CA THR A 761 83.49 -45.94 2.14
C THR A 761 84.49 -45.57 1.05
N PHE A 762 85.75 -45.39 1.45
CA PHE A 762 86.83 -45.10 0.52
C PHE A 762 87.48 -46.41 0.08
N ASN A 763 87.22 -46.82 -1.16
CA ASN A 763 87.92 -47.96 -1.73
C ASN A 763 89.26 -47.49 -2.28
N ARG A 764 90.32 -48.21 -1.93
CA ARG A 764 91.68 -47.75 -2.16
C ARG A 764 92.23 -48.31 -3.47
N SER A 765 92.74 -47.42 -4.32
CA SER A 765 93.22 -47.80 -5.63
C SER A 765 94.18 -46.72 -6.14
N GLU A 766 94.93 -47.08 -7.18
CA GLU A 766 95.95 -46.21 -7.75
C GLU A 766 95.49 -45.51 -9.03
N GLN A 767 94.20 -45.63 -9.35
CA GLN A 767 93.65 -45.07 -10.62
C GLN A 767 93.80 -43.55 -10.67
N ILE A 768 93.43 -42.84 -9.61
CA ILE A 768 93.51 -41.38 -9.59
C ILE A 768 94.95 -40.94 -9.30
N SER A 769 95.57 -41.56 -8.29
CA SER A 769 96.98 -41.31 -7.99
C SER A 769 97.50 -42.50 -7.19
N GLU A 770 98.82 -42.68 -7.26
CA GLU A 770 99.43 -43.86 -6.64
C GLU A 770 99.23 -43.88 -5.14
N ILE A 771 99.33 -42.71 -4.49
CA ILE A 771 99.32 -42.64 -3.03
C ILE A 771 98.00 -43.11 -2.41
N TYR A 772 96.97 -43.33 -3.22
CA TYR A 772 95.66 -43.74 -2.71
C TYR A 772 95.50 -45.26 -2.60
N LYS A 773 96.60 -46.01 -2.69
CA LYS A 773 96.55 -47.43 -2.37
C LYS A 773 96.62 -47.67 -0.86
N ASN A 774 96.81 -46.63 -0.06
CA ASN A 774 96.83 -46.74 1.39
C ASN A 774 95.65 -46.06 2.07
N GLY A 775 94.95 -45.18 1.37
CA GLY A 775 93.82 -44.44 1.91
C GLY A 775 93.90 -42.97 1.57
N TYR A 776 92.93 -42.22 2.10
CA TYR A 776 92.90 -40.78 1.90
C TYR A 776 93.80 -40.10 2.93
N LEU A 777 94.52 -39.08 2.48
CA LEU A 777 95.55 -38.46 3.29
C LEU A 777 94.93 -37.69 4.47
N ILE A 778 95.80 -37.30 5.39
CA ILE A 778 95.42 -36.51 6.56
C ILE A 778 96.10 -35.15 6.44
N TYR A 779 95.32 -34.09 6.47
CA TYR A 779 95.81 -32.73 6.22
C TYR A 779 95.94 -31.98 7.54
N THR A 780 97.12 -31.42 7.78
CA THR A 780 97.40 -30.65 8.98
C THR A 780 98.20 -29.42 8.60
N THR A 781 98.50 -28.59 9.58
CA THR A 781 99.25 -27.37 9.32
C THR A 781 100.72 -27.69 9.05
N LYS A 782 101.37 -26.79 8.31
CA LYS A 782 102.77 -27.00 7.96
C LYS A 782 103.66 -27.01 9.20
N ASP A 783 103.34 -26.20 10.20
CA ASP A 783 104.12 -26.09 11.42
C ASP A 783 103.20 -26.04 12.63
N TRP A 784 103.81 -26.14 13.81
CA TRP A 784 103.07 -26.08 15.07
C TRP A 784 102.57 -24.66 15.33
N ILE A 785 101.63 -24.53 16.28
CA ILE A 785 101.12 -23.18 16.66
C ILE A 785 102.31 -22.46 17.28
N THR A 786 102.93 -21.54 16.55
CA THR A 786 104.20 -20.95 17.03
C THR A 786 104.13 -20.08 18.28
N ASP A 787 103.22 -19.11 18.36
CA ASP A 787 103.29 -18.17 19.50
C ASP A 787 101.92 -17.97 20.12
N GLY A 788 101.03 -18.94 20.00
CA GLY A 788 99.66 -18.73 20.49
C GLY A 788 98.80 -18.15 19.41
N LYS A 789 99.36 -17.94 18.23
CA LYS A 789 98.62 -17.30 17.13
C LYS A 789 97.83 -18.39 16.42
N ILE A 790 96.75 -18.85 17.03
CA ILE A 790 95.92 -19.94 16.45
C ILE A 790 94.80 -19.32 15.63
N ALA A 791 94.55 -18.02 15.75
CA ALA A 791 93.53 -17.40 14.91
C ALA A 791 94.08 -17.08 13.52
N ASP A 792 95.29 -16.52 13.46
CA ASP A 792 95.90 -16.26 12.15
C ASP A 792 96.19 -17.56 11.41
N LEU A 793 96.67 -18.58 12.12
CA LEU A 793 96.94 -19.86 11.49
C LEU A 793 95.65 -20.50 10.99
N PHE A 794 94.57 -20.39 11.76
CA PHE A 794 93.27 -20.85 11.29
C PHE A 794 92.84 -20.08 10.04
N ASN A 795 93.06 -18.77 10.02
CA ASN A 795 92.68 -17.97 8.87
C ASN A 795 93.42 -18.40 7.61
N ASN A 796 94.73 -18.61 7.73
CA ASN A 796 95.57 -18.96 6.59
C ASN A 796 95.73 -20.48 6.49
N ALA A 797 94.58 -21.16 6.40
CA ALA A 797 94.57 -22.60 6.19
C ALA A 797 94.85 -22.99 4.75
N ILE A 798 94.59 -22.08 3.80
CA ILE A 798 94.86 -22.37 2.39
C ILE A 798 96.36 -22.52 2.16
N SER A 799 97.17 -21.72 2.85
CA SER A 799 98.62 -21.73 2.66
C SER A 799 99.31 -22.64 3.65
N GLN A 800 99.03 -22.46 4.95
CA GLN A 800 99.70 -23.23 6.00
C GLN A 800 98.96 -24.54 6.22
N THR A 801 99.04 -25.41 5.21
CA THR A 801 98.43 -26.73 5.27
C THR A 801 99.22 -27.69 4.39
N ILE A 802 99.43 -28.91 4.90
CA ILE A 802 100.15 -29.94 4.16
C ILE A 802 99.77 -31.28 4.77
N SER A 803 99.84 -32.33 3.97
CA SER A 803 99.47 -33.66 4.44
C SER A 803 100.52 -34.18 5.43
N VAL A 804 100.13 -35.21 6.17
CA VAL A 804 101.00 -35.74 7.22
C VAL A 804 102.20 -36.45 6.61
N ASP A 805 101.98 -37.24 5.55
CA ASP A 805 103.08 -38.00 4.96
C ASP A 805 104.11 -37.08 4.33
N GLN A 806 103.68 -35.98 3.72
CA GLN A 806 104.59 -35.06 3.05
C GLN A 806 105.40 -34.21 4.02
N VAL A 807 105.14 -34.27 5.32
CA VAL A 807 106.00 -33.60 6.30
C VAL A 807 107.35 -34.33 6.28
N GLN A 808 108.36 -33.67 5.74
CA GLN A 808 109.65 -34.32 5.52
C GLN A 808 110.32 -34.72 6.83
N ASP A 809 109.96 -34.09 7.94
CA ASP A 809 110.52 -34.48 9.23
C ASP A 809 109.86 -35.74 9.79
N TRP A 810 108.69 -36.12 9.29
CA TRP A 810 107.91 -37.23 9.82
C TRP A 810 107.91 -38.43 8.86
N LEU A 811 109.02 -38.65 8.17
CA LEU A 811 109.10 -39.77 7.23
C LEU A 811 109.30 -41.11 7.92
N THR A 812 109.82 -41.11 9.14
CA THR A 812 110.08 -42.34 9.88
C THR A 812 109.53 -42.34 11.30
N ARG A 813 108.97 -41.23 11.77
CA ARG A 813 108.48 -41.12 13.14
C ARG A 813 107.01 -41.47 13.29
N ILE A 814 106.30 -41.73 12.20
CA ILE A 814 104.86 -41.98 12.22
C ILE A 814 104.59 -43.31 11.52
N ALA A 815 103.76 -44.14 12.14
CA ALA A 815 103.39 -45.41 11.57
C ALA A 815 102.50 -45.22 10.34
N ASP A 816 102.50 -46.21 9.46
CA ASP A 816 101.68 -46.14 8.26
C ASP A 816 100.20 -46.09 8.57
N THR A 817 99.78 -46.60 9.73
CA THR A 817 98.37 -46.59 10.12
C THR A 817 97.94 -45.27 10.78
N ASP A 818 98.89 -44.43 11.16
CA ASP A 818 98.60 -43.15 11.81
C ASP A 818 98.84 -41.96 10.88
N LYS A 819 98.92 -42.21 9.56
CA LYS A 819 99.07 -41.14 8.58
C LYS A 819 98.16 -41.30 7.37
N TYR A 820 97.42 -42.41 7.26
CA TYR A 820 96.46 -42.63 6.19
C TYR A 820 95.12 -42.98 6.80
N GLY A 821 94.05 -42.33 6.34
CA GLY A 821 92.71 -42.57 6.86
C GLY A 821 91.94 -43.53 6.00
N THR A 822 91.39 -44.58 6.62
CA THR A 822 90.80 -45.71 5.93
C THR A 822 89.52 -46.18 6.62
N GLU A 823 88.67 -45.24 7.03
CA GLU A 823 87.40 -45.56 7.65
C GLU A 823 86.24 -44.81 7.01
N PRO A 824 84.99 -45.31 7.14
CA PRO A 824 83.88 -44.71 6.40
C PRO A 824 83.53 -43.29 6.83
N VAL A 825 82.52 -42.72 6.19
CA VAL A 825 81.93 -41.44 6.57
C VAL A 825 80.42 -41.63 6.62
N SER A 826 79.81 -41.20 7.72
CA SER A 826 78.38 -41.38 7.95
C SER A 826 77.63 -40.16 7.44
N MET A 827 76.97 -40.31 6.30
CA MET A 827 76.18 -39.23 5.71
C MET A 827 74.73 -39.39 6.14
N LYS A 828 74.23 -38.41 6.90
CA LYS A 828 72.87 -38.47 7.44
C LYS A 828 72.31 -37.06 7.48
N TYR A 829 71.23 -36.81 6.73
CA TYR A 829 70.55 -35.53 6.77
C TYR A 829 69.14 -35.69 6.22
N LYS A 830 68.24 -34.85 6.70
CA LYS A 830 66.85 -34.80 6.26
C LYS A 830 66.56 -33.43 5.65
N SER A 831 65.43 -33.36 4.94
CA SER A 831 64.99 -32.14 4.28
C SER A 831 63.51 -31.92 4.59
N ASN A 832 63.00 -30.77 4.14
CA ASN A 832 61.63 -30.35 4.32
C ASN A 832 60.84 -30.45 3.02
N PRO A 833 59.53 -30.24 3.06
CA PRO A 833 58.74 -30.28 1.82
C PRO A 833 59.24 -29.27 0.79
N HIS A 834 59.18 -29.66 -0.47
CA HIS A 834 59.67 -28.85 -1.57
C HIS A 834 59.15 -29.42 -2.88
N LEU A 835 59.51 -28.76 -3.99
CA LEU A 835 59.17 -29.19 -5.33
C LEU A 835 60.44 -29.52 -6.09
N VAL A 836 60.43 -30.65 -6.79
CA VAL A 836 61.57 -31.11 -7.58
C VAL A 836 61.10 -31.39 -9.00
N PHE A 837 61.88 -30.91 -9.97
CA PHE A 837 61.59 -31.15 -11.38
C PHE A 837 62.93 -31.24 -12.11
N ALA A 838 62.87 -31.36 -13.43
CA ALA A 838 64.07 -31.55 -14.25
C ALA A 838 63.86 -30.92 -15.61
N PHE A 839 64.88 -30.21 -16.09
CA PHE A 839 64.85 -29.68 -17.44
C PHE A 839 65.04 -30.81 -18.45
N ASN A 840 64.22 -30.79 -19.50
CA ASN A 840 64.33 -31.82 -20.52
C ASN A 840 65.59 -31.64 -21.36
N TYR A 841 66.13 -32.76 -21.84
CA TYR A 841 67.31 -32.71 -22.69
C TYR A 841 67.00 -31.97 -23.99
N THR A 842 68.05 -31.41 -24.58
CA THR A 842 67.91 -30.73 -25.86
C THR A 842 67.54 -31.76 -26.95
N GLU A 843 67.17 -31.24 -28.12
CA GLU A 843 66.86 -32.10 -29.24
C GLU A 843 68.10 -32.86 -29.74
N SER A 844 69.30 -32.36 -29.44
CA SER A 844 70.53 -33.04 -29.79
C SER A 844 70.95 -34.09 -28.77
N GLY A 845 70.32 -34.09 -27.59
CA GLY A 845 70.64 -35.05 -26.55
C GLY A 845 71.44 -34.47 -25.39
N LYS A 846 71.69 -33.16 -25.37
CA LYS A 846 72.45 -32.54 -24.30
C LYS A 846 71.53 -32.21 -23.13
N GLN A 847 72.12 -31.68 -22.06
CA GLN A 847 71.39 -31.31 -20.85
C GLN A 847 71.07 -29.82 -20.87
N LEU A 848 69.83 -29.48 -20.55
CA LEU A 848 69.41 -28.10 -20.36
C LEU A 848 69.64 -27.70 -18.92
N ILE A 849 70.19 -26.50 -18.72
CA ILE A 849 70.83 -26.13 -17.46
C ILE A 849 70.43 -24.70 -17.12
N LEU A 850 70.50 -24.39 -15.82
CA LEU A 850 70.26 -23.03 -15.36
C LEU A 850 71.25 -22.08 -16.05
N PRO A 851 70.80 -20.93 -16.56
CA PRO A 851 71.72 -20.04 -17.28
C PRO A 851 72.69 -19.33 -16.34
N MET A 852 73.74 -18.79 -16.94
CA MET A 852 74.83 -18.14 -16.22
C MET A 852 74.75 -16.63 -16.44
N LYS A 853 74.88 -15.86 -15.37
CA LYS A 853 74.76 -14.42 -15.49
C LYS A 853 76.02 -13.83 -16.13
N ASN A 854 75.84 -13.04 -17.18
CA ASN A 854 76.93 -12.30 -17.82
C ASN A 854 78.03 -13.24 -18.32
N ASN A 855 77.63 -14.44 -18.75
CA ASN A 855 78.57 -15.43 -19.30
C ASN A 855 79.71 -15.71 -18.33
N ASN A 856 79.37 -15.91 -17.05
CA ASN A 856 80.36 -16.10 -16.01
C ASN A 856 80.05 -17.37 -15.21
N ASN A 857 81.12 -18.05 -14.81
CA ASN A 857 81.03 -19.23 -13.94
C ASN A 857 80.17 -20.32 -14.60
N GLY A 858 80.67 -20.85 -15.71
CA GLY A 858 79.96 -21.84 -16.48
C GLY A 858 80.14 -23.25 -15.94
N TYR A 859 79.63 -24.20 -16.72
CA TYR A 859 79.70 -25.61 -16.34
C TYR A 859 81.10 -26.16 -16.57
N LEU A 860 81.31 -27.40 -16.13
CA LEU A 860 82.57 -28.10 -16.35
C LEU A 860 82.50 -28.79 -17.70
N ALA A 861 83.25 -28.26 -18.67
CA ALA A 861 83.21 -28.81 -20.02
C ALA A 861 83.96 -30.15 -20.07
N PRO A 862 83.41 -31.17 -20.72
CA PRO A 862 84.16 -32.42 -20.86
C PRO A 862 85.22 -32.33 -21.95
N SER A 863 86.28 -33.11 -21.75
CA SER A 863 87.36 -33.18 -22.75
C SER A 863 86.85 -33.89 -24.00
N ALA A 864 87.70 -33.94 -25.02
CA ALA A 864 87.33 -34.56 -26.28
C ALA A 864 87.07 -36.04 -26.11
N ASN A 865 85.97 -36.51 -26.70
CA ASN A 865 85.60 -37.93 -26.77
C ASN A 865 85.25 -38.52 -25.42
N SER A 866 85.04 -37.71 -24.39
CA SER A 866 84.69 -38.18 -23.06
C SER A 866 83.18 -38.08 -22.87
N LYS A 867 82.58 -39.16 -22.38
CA LYS A 867 81.14 -39.26 -22.14
C LYS A 867 80.84 -39.28 -20.64
N PRO A 868 79.63 -38.89 -20.23
CA PRO A 868 79.26 -39.06 -18.82
C PRO A 868 79.13 -40.53 -18.46
N PHE A 869 79.41 -40.82 -17.19
CA PHE A 869 79.36 -42.21 -16.73
C PHE A 869 77.94 -42.74 -16.59
N TRP A 870 76.93 -41.86 -16.57
CA TRP A 870 75.53 -42.28 -16.55
C TRP A 870 74.90 -42.32 -17.94
N ASN A 871 75.64 -41.95 -18.98
CA ASN A 871 75.08 -41.87 -20.33
C ASN A 871 76.21 -42.02 -21.34
N PRO A 872 76.68 -43.26 -21.57
CA PRO A 872 77.73 -43.45 -22.59
C PRO A 872 77.33 -42.99 -23.97
N THR A 873 76.06 -43.18 -24.35
CA THR A 873 75.57 -42.76 -25.67
C THR A 873 75.05 -41.32 -25.59
N ALA A 874 76.00 -40.40 -25.42
CA ALA A 874 75.73 -38.97 -25.34
C ALA A 874 76.46 -38.22 -26.45
N PRO A 875 75.97 -37.05 -26.85
CA PRO A 875 76.67 -36.29 -27.90
C PRO A 875 77.94 -35.65 -27.38
N GLU A 876 78.70 -35.08 -28.32
CA GLU A 876 79.92 -34.38 -27.95
C GLU A 876 79.57 -33.14 -27.12
N GLY A 877 80.28 -32.96 -26.02
CA GLY A 877 79.97 -31.90 -25.07
C GLY A 877 78.95 -32.32 -24.04
N ALA A 878 77.83 -32.88 -24.50
CA ALA A 878 76.78 -33.45 -23.65
C ALA A 878 76.15 -32.41 -22.71
N VAL A 879 76.40 -31.13 -22.93
CA VAL A 879 75.94 -30.09 -22.02
C VAL A 879 75.60 -28.84 -22.84
N TYR A 880 74.51 -28.18 -22.47
CA TYR A 880 74.12 -26.89 -23.03
C TYR A 880 73.68 -25.98 -21.90
N GLN A 881 74.25 -24.78 -21.83
CA GLN A 881 73.88 -23.79 -20.84
C GLN A 881 73.82 -22.41 -21.50
N ASP A 882 72.72 -21.70 -21.27
CA ASP A 882 72.51 -20.38 -21.84
C ASP A 882 73.00 -19.33 -20.84
N SER A 883 72.87 -18.04 -21.18
CA SER A 883 73.26 -16.96 -20.29
C SER A 883 72.18 -15.87 -20.27
N ILE A 884 71.92 -15.34 -19.08
CA ILE A 884 71.08 -14.17 -18.89
C ILE A 884 72.01 -12.97 -18.71
N ASN A 885 71.81 -11.93 -19.53
CA ASN A 885 72.63 -10.72 -19.43
C ASN A 885 71.92 -9.80 -18.44
N PHE A 886 72.16 -10.08 -17.15
CA PHE A 886 71.66 -9.27 -16.05
C PHE A 886 72.86 -8.65 -15.35
N THR A 887 72.87 -7.32 -15.24
CA THR A 887 74.01 -6.58 -14.71
C THR A 887 73.68 -5.82 -13.43
N ASN A 888 72.42 -5.80 -12.99
CA ASN A 888 72.07 -5.16 -11.73
C ASN A 888 72.43 -6.02 -10.53
N GLU A 889 72.78 -7.29 -10.73
CA GLU A 889 73.23 -8.19 -9.67
C GLU A 889 74.73 -8.35 -9.78
N ASN A 890 75.44 -8.06 -8.68
CA ASN A 890 76.90 -8.15 -8.64
C ASN A 890 77.39 -9.08 -7.53
N ARG A 891 76.51 -9.77 -6.83
CA ARG A 891 76.85 -10.71 -5.77
C ARG A 891 76.30 -12.09 -6.12
N ALA A 892 76.56 -13.06 -5.24
CA ALA A 892 76.01 -14.39 -5.43
C ALA A 892 74.49 -14.35 -5.31
N PHE A 893 73.84 -15.34 -5.90
CA PHE A 893 72.38 -15.30 -6.02
C PHE A 893 71.84 -16.70 -6.25
N PHE A 894 70.52 -16.81 -6.11
CA PHE A 894 69.74 -17.96 -6.55
C PHE A 894 68.80 -17.49 -7.65
N TRP A 895 68.74 -18.26 -8.74
CA TRP A 895 67.81 -17.92 -9.81
C TRP A 895 66.37 -17.99 -9.31
N LEU A 896 65.71 -16.84 -9.20
CA LEU A 896 64.34 -16.77 -8.73
C LEU A 896 63.38 -16.93 -9.89
N ALA A 897 62.56 -17.98 -9.72
CA ALA A 897 61.67 -18.42 -10.80
C ALA A 897 60.25 -18.50 -10.34
N GLU A 898 59.33 -18.67 -11.28
CA GLU A 898 57.90 -18.87 -10.97
C GLU A 898 57.43 -20.04 -11.81
N LEU A 899 56.75 -21.01 -11.22
CA LEU A 899 56.13 -22.11 -12.01
C LEU A 899 54.75 -21.62 -12.44
N TYR A 900 54.43 -21.68 -13.72
CA TYR A 900 53.17 -21.11 -14.23
C TYR A 900 52.43 -22.11 -15.11
N ARG A 901 51.13 -21.93 -15.27
CA ARG A 901 50.33 -22.82 -16.14
C ARG A 901 49.98 -21.94 -17.35
N ASP A 902 50.42 -22.30 -18.54
CA ASP A 902 50.21 -21.41 -19.71
C ASP A 902 48.74 -21.33 -20.09
N SER A 903 48.03 -22.45 -20.10
CA SER A 903 46.63 -22.44 -20.61
C SER A 903 45.66 -22.75 -19.49
N VAL A 904 44.68 -21.87 -19.29
CA VAL A 904 43.73 -22.03 -18.21
C VAL A 904 42.34 -21.78 -18.79
N VAL A 905 41.54 -22.84 -18.93
CA VAL A 905 40.20 -22.74 -19.50
C VAL A 905 39.20 -22.50 -18.38
N ASN A 906 38.29 -21.53 -18.59
CA ASN A 906 37.22 -21.21 -17.64
C ASN A 906 37.81 -20.87 -16.27
N ARG A 907 38.54 -19.75 -16.25
CA ARG A 907 39.26 -19.32 -15.06
C ARG A 907 38.35 -19.20 -13.84
N PHE A 908 37.40 -18.27 -13.88
CA PHE A 908 36.48 -18.01 -12.78
C PHE A 908 35.11 -18.65 -13.02
N GLY A 909 35.08 -19.81 -13.68
CA GLY A 909 33.85 -20.44 -14.08
C GLY A 909 33.37 -20.06 -15.46
N GLY A 910 33.86 -18.92 -15.95
CA GLY A 910 33.44 -18.41 -17.27
C GLY A 910 33.58 -16.92 -17.35
N ASP A 911 33.60 -16.36 -18.56
CA ASP A 911 33.60 -14.89 -18.75
C ASP A 911 32.17 -14.47 -19.07
N THR A 912 31.26 -15.43 -19.15
CA THR A 912 29.83 -15.17 -19.44
C THR A 912 29.19 -14.56 -18.20
N GLU A 913 28.01 -13.94 -18.33
CA GLU A 913 27.37 -13.29 -17.16
C GLU A 913 27.03 -14.32 -16.10
N GLU A 914 26.59 -15.51 -16.49
CA GLU A 914 26.34 -16.56 -15.49
C GLU A 914 27.55 -16.77 -14.57
N ALA A 915 28.74 -17.14 -15.06
CA ALA A 915 29.81 -17.44 -14.10
C ALA A 915 30.02 -16.27 -13.15
N ILE A 916 29.91 -15.04 -13.66
CA ILE A 916 30.07 -13.87 -12.80
C ILE A 916 28.94 -13.83 -11.76
N LEU A 917 27.73 -14.23 -12.15
CA LEU A 917 26.65 -14.33 -11.16
C LEU A 917 26.96 -15.40 -10.12
N ASN A 918 27.60 -16.50 -10.52
CA ASN A 918 27.92 -17.59 -9.61
C ASN A 918 29.19 -17.35 -8.82
N ASN A 919 29.86 -16.22 -8.99
CA ASN A 919 31.12 -15.93 -8.32
C ASN A 919 30.87 -15.20 -6.99
N THR A 920 31.87 -15.28 -6.11
CA THR A 920 31.86 -14.59 -4.82
C THR A 920 32.93 -13.51 -4.85
N TRP A 921 32.52 -12.26 -4.64
CA TRP A 921 33.41 -11.11 -4.70
C TRP A 921 33.86 -10.69 -3.31
N LEU A 922 34.92 -9.89 -3.26
CA LEU A 922 35.49 -9.38 -2.02
C LEU A 922 35.80 -7.90 -2.17
N PRO A 923 35.69 -7.11 -1.10
CA PRO A 923 36.06 -5.69 -1.20
C PRO A 923 37.57 -5.52 -1.34
N SER A 924 37.96 -4.40 -1.96
CA SER A 924 39.38 -4.08 -2.12
C SER A 924 39.51 -2.56 -2.25
N GLY A 925 39.95 -1.92 -1.19
CA GLY A 925 40.26 -0.50 -1.20
C GLY A 925 39.32 0.30 -0.32
N ASP A 926 39.72 1.56 -0.11
CA ASP A 926 38.93 2.50 0.67
C ASP A 926 37.86 3.14 -0.21
N SER A 927 36.77 3.59 0.43
CA SER A 927 35.69 4.24 -0.28
C SER A 927 36.04 5.70 -0.55
N VAL A 928 35.90 6.12 -1.81
CA VAL A 928 36.22 7.48 -2.22
C VAL A 928 34.94 8.14 -2.74
N ILE A 929 34.93 9.46 -2.69
CA ILE A 929 33.79 10.24 -3.15
C ILE A 929 33.78 10.33 -4.67
N ILE A 930 32.58 10.44 -5.24
CA ILE A 930 32.40 10.58 -6.68
C ILE A 930 32.26 12.07 -6.98
N GLY A 931 33.32 12.67 -7.52
CA GLY A 931 33.29 14.05 -7.93
C GLY A 931 33.07 14.18 -9.43
N ASP A 932 33.96 14.90 -10.11
CA ASP A 932 33.92 14.96 -11.56
C ASP A 932 34.51 13.72 -12.23
N SER A 933 35.15 12.85 -11.46
CA SER A 933 35.69 11.61 -11.99
C SER A 933 35.83 10.61 -10.85
N ILE A 934 35.81 9.33 -11.20
CA ILE A 934 35.95 8.24 -10.24
C ILE A 934 37.35 7.68 -10.38
N ASN A 935 38.13 7.75 -9.29
CA ASN A 935 39.51 7.27 -9.25
C ASN A 935 39.63 6.28 -8.09
N ILE A 936 39.56 5.00 -8.40
CA ILE A 936 39.61 3.94 -7.40
C ILE A 936 41.03 3.41 -7.35
N GLU A 937 41.44 2.90 -6.19
CA GLU A 937 42.74 2.27 -6.01
C GLU A 937 42.53 0.99 -5.21
N TYR A 938 42.86 -0.15 -5.81
CA TYR A 938 42.67 -1.45 -5.18
C TYR A 938 43.85 -1.71 -4.26
N THR A 939 43.66 -1.44 -2.96
CA THR A 939 44.77 -1.52 -2.03
C THR A 939 45.02 -2.96 -1.56
N GLU A 940 43.95 -3.68 -1.22
CA GLU A 940 44.05 -5.03 -0.65
C GLU A 940 43.89 -6.05 -1.78
N GLY A 941 44.89 -6.91 -1.93
CA GLY A 941 44.84 -7.99 -2.91
C GLY A 941 44.88 -9.35 -2.26
N ASP A 942 45.78 -10.22 -2.73
CA ASP A 942 45.96 -11.54 -2.13
C ASP A 942 47.41 -11.97 -2.02
N THR A 943 48.37 -11.15 -2.48
CA THR A 943 49.78 -11.51 -2.50
C THR A 943 50.55 -10.69 -1.47
N TYR A 944 51.42 -11.36 -0.74
CA TYR A 944 52.33 -10.71 0.21
C TYR A 944 53.72 -10.65 -0.37
N TYR A 945 54.61 -9.96 0.36
CA TYR A 945 56.02 -9.86 0.00
C TYR A 945 56.80 -9.81 1.32
N GLN A 946 57.24 -10.98 1.78
CA GLN A 946 57.72 -11.14 3.14
C GLN A 946 58.94 -12.07 3.15
N ARG A 947 59.65 -12.05 4.27
CA ARG A 947 60.88 -12.82 4.41
C ARG A 947 60.54 -14.28 4.73
N TYR A 948 61.19 -15.20 4.01
CA TYR A 948 60.96 -16.63 4.16
C TYR A 948 62.28 -17.33 4.43
N ASP A 949 62.40 -17.94 5.61
CA ASP A 949 63.59 -18.69 6.01
C ASP A 949 63.32 -20.17 5.71
N CYS A 950 63.95 -20.68 4.66
CA CYS A 950 63.74 -22.06 4.21
C CYS A 950 64.74 -22.98 4.92
N LEU A 951 64.25 -23.81 5.83
CA LEU A 951 65.07 -24.83 6.48
C LEU A 951 65.23 -25.99 5.50
N ARG A 952 66.17 -25.82 4.57
CA ARG A 952 66.36 -26.83 3.52
C ARG A 952 66.81 -28.16 4.11
N THR A 953 67.77 -28.12 5.03
CA THR A 953 68.40 -29.34 5.56
C THR A 953 68.45 -29.27 7.08
N PHE A 954 68.30 -30.42 7.71
CA PHE A 954 68.44 -30.56 9.16
C PHE A 954 68.92 -31.97 9.46
N ALA A 955 69.01 -32.32 10.74
CA ALA A 955 69.66 -33.54 11.17
C ALA A 955 68.71 -34.73 11.10
N TYR A 956 69.25 -35.87 10.65
CA TYR A 956 68.48 -37.11 10.65
C TYR A 956 68.16 -37.54 12.08
N THR A 957 69.13 -37.44 12.97
CA THR A 957 68.94 -37.73 14.39
C THR A 957 69.74 -36.74 15.20
N ASN A 958 69.54 -36.76 16.52
CA ASN A 958 70.21 -35.86 17.44
C ASN A 958 71.46 -36.49 18.07
N GLU A 959 71.83 -37.69 17.65
CA GLU A 959 73.01 -38.37 18.17
C GLU A 959 73.96 -38.85 17.07
N ASP A 960 73.65 -38.55 15.80
CA ASP A 960 74.54 -38.96 14.72
C ASP A 960 75.81 -38.11 14.72
N GLN A 961 76.86 -38.66 14.12
CA GLN A 961 78.16 -37.98 14.13
C GLN A 961 78.12 -36.71 13.29
N ASN A 962 77.85 -36.85 11.99
CA ASN A 962 77.89 -35.74 11.05
C ASN A 962 76.46 -35.31 10.72
N SER A 963 76.14 -34.07 11.06
CA SER A 963 74.85 -33.47 10.73
C SER A 963 75.10 -32.11 10.09
N ILE A 964 74.12 -31.66 9.30
CA ILE A 964 74.20 -30.38 8.62
C ILE A 964 72.86 -29.67 8.75
N VAL A 965 72.91 -28.36 8.97
CA VAL A 965 71.75 -27.49 8.97
C VAL A 965 72.01 -26.37 7.98
N ASP A 966 71.05 -26.14 7.08
CA ASP A 966 71.21 -25.16 6.02
C ASP A 966 69.92 -24.35 5.89
N ILE A 967 70.06 -23.03 5.94
CA ILE A 967 68.93 -22.11 5.85
C ILE A 967 69.23 -21.07 4.78
N VAL A 968 68.18 -20.65 4.07
CA VAL A 968 68.28 -19.62 3.03
C VAL A 968 67.21 -18.59 3.34
N SER A 969 67.61 -17.47 3.96
CA SER A 969 66.70 -16.38 4.29
C SER A 969 66.64 -15.42 3.10
N PHE A 970 65.47 -15.34 2.46
CA PHE A 970 65.31 -14.49 1.29
C PHE A 970 63.88 -13.96 1.25
N MET A 971 63.67 -12.97 0.40
CA MET A 971 62.36 -12.34 0.22
C MET A 971 61.63 -13.00 -0.94
N CYS A 972 60.33 -13.20 -0.79
CA CYS A 972 59.55 -13.92 -1.77
C CYS A 972 58.09 -13.47 -1.73
N GLU A 973 57.38 -13.78 -2.80
CA GLU A 973 55.96 -13.49 -2.92
C GLU A 973 55.14 -14.74 -2.61
N SER A 974 54.02 -14.56 -1.91
CA SER A 974 53.21 -15.69 -1.50
C SER A 974 51.77 -15.23 -1.29
N LYS A 975 50.85 -16.19 -1.36
CA LYS A 975 49.46 -15.99 -0.96
C LYS A 975 49.23 -16.34 0.52
N VAL A 976 50.28 -16.72 1.24
CA VAL A 976 50.21 -17.06 2.65
C VAL A 976 51.07 -16.07 3.43
N ASN A 977 50.53 -15.59 4.55
CA ASN A 977 51.23 -14.60 5.37
C ASN A 977 52.42 -15.28 6.04
N ILE A 978 53.62 -15.08 5.49
CA ILE A 978 54.81 -15.73 6.02
C ILE A 978 55.18 -15.15 7.37
N ASP A 979 54.82 -13.89 7.63
CA ASP A 979 55.17 -13.23 8.89
C ASP A 979 54.24 -13.60 10.04
N GLY A 980 53.35 -14.57 9.84
CA GLY A 980 52.59 -15.15 10.93
C GLY A 980 53.33 -16.25 11.67
N ARG A 981 54.62 -16.41 11.40
CA ARG A 981 55.43 -17.40 12.09
C ARG A 981 55.65 -16.96 13.53
N TYR A 982 55.39 -17.87 14.47
CA TYR A 982 55.31 -17.52 15.89
C TYR A 982 56.42 -18.13 16.73
N ASP A 983 57.48 -18.65 16.13
CA ASP A 983 58.63 -19.15 16.87
C ASP A 983 59.73 -18.10 16.89
N LYS A 984 60.53 -18.14 17.95
CA LYS A 984 61.57 -17.13 18.20
C LYS A 984 62.94 -17.55 17.67
N ASN A 985 63.02 -18.66 16.94
CA ASN A 985 64.29 -19.10 16.34
C ASN A 985 64.49 -18.46 14.96
N ARG A 986 64.41 -17.13 14.93
CA ARG A 986 64.52 -16.36 13.69
C ARG A 986 65.69 -15.39 13.81
N GLY A 987 66.57 -15.40 12.81
CA GLY A 987 67.67 -14.45 12.78
C GLY A 987 68.72 -14.65 13.86
N GLN A 988 69.00 -15.90 14.23
CA GLN A 988 70.03 -16.22 15.20
C GLN A 988 71.14 -17.01 14.53
N VAL A 989 72.37 -16.77 14.99
CA VAL A 989 73.53 -17.38 14.36
C VAL A 989 73.70 -18.85 14.74
N ASN A 990 73.17 -19.27 15.88
CA ASN A 990 73.36 -20.63 16.34
C ASN A 990 72.74 -21.61 15.34
N ASN A 991 71.41 -21.62 15.23
CA ASN A 991 70.67 -22.44 14.26
C ASN A 991 71.17 -23.88 14.25
N LEU A 992 71.55 -24.39 15.43
CA LEU A 992 72.14 -25.72 15.53
C LEU A 992 71.10 -26.80 15.80
N ALA A 993 70.13 -26.50 16.68
CA ALA A 993 69.08 -27.44 17.05
C ALA A 993 67.76 -27.17 16.32
N VAL A 994 67.77 -26.31 15.31
CA VAL A 994 66.52 -26.00 14.61
C VAL A 994 66.04 -27.23 13.84
N SER A 995 64.73 -27.26 13.61
CA SER A 995 64.06 -28.42 13.04
C SER A 995 62.65 -27.97 12.62
N PRO A 996 61.92 -28.75 11.83
CA PRO A 996 60.53 -28.35 11.53
C PRO A 996 59.61 -28.37 12.75
N THR A 997 60.07 -28.91 13.88
CA THR A 997 59.33 -28.85 15.13
C THR A 997 59.48 -27.50 15.83
N ASN A 998 60.47 -26.69 15.45
CA ASN A 998 60.74 -25.44 16.14
C ASN A 998 60.87 -24.24 15.21
N PHE A 999 61.32 -24.45 13.98
CA PHE A 999 61.84 -23.34 13.18
C PHE A 999 60.77 -22.63 12.35
N ASN A 1000 59.88 -23.38 11.70
CA ASN A 1000 58.87 -22.82 10.81
C ASN A 1000 57.45 -23.10 11.34
N LEU A 1001 57.25 -22.90 12.64
CA LEU A 1001 55.89 -22.96 13.16
C LEU A 1001 55.07 -21.80 12.61
N PHE A 1002 53.78 -22.04 12.41
CA PHE A 1002 52.93 -21.14 11.65
C PHE A 1002 51.55 -21.03 12.29
N ASN A 1003 51.00 -19.82 12.26
CA ASN A 1003 49.63 -19.55 12.69
C ASN A 1003 48.80 -19.13 11.48
N PRO A 1004 47.95 -20.00 10.91
CA PRO A 1004 47.29 -19.64 9.64
C PRO A 1004 46.37 -18.44 9.71
N VAL A 1005 45.86 -18.07 10.89
CA VAL A 1005 44.77 -17.10 10.98
C VAL A 1005 45.16 -15.76 10.36
N TYR A 1006 46.44 -15.39 10.43
CA TYR A 1006 46.84 -14.10 9.88
C TYR A 1006 46.70 -14.05 8.36
N SER A 1007 46.58 -15.20 7.70
CA SER A 1007 46.35 -15.27 6.25
C SER A 1007 44.85 -15.31 5.96
N GLN A 1008 44.15 -14.29 6.45
CA GLN A 1008 42.70 -14.22 6.36
C GLN A 1008 42.30 -13.11 5.39
N LYS A 1009 41.24 -13.36 4.63
CA LYS A 1009 40.72 -12.40 3.66
C LYS A 1009 39.63 -11.54 4.31
N ASN A 1010 39.09 -10.60 3.53
CA ASN A 1010 37.97 -9.78 3.97
C ASN A 1010 36.64 -10.49 3.67
N ASN A 1011 36.55 -11.71 4.21
CA ASN A 1011 35.45 -12.61 3.87
C ASN A 1011 34.13 -12.24 4.55
N PHE A 1012 34.17 -11.47 5.64
CA PHE A 1012 32.94 -11.21 6.39
C PHE A 1012 31.91 -10.47 5.55
N PHE A 1013 32.32 -9.35 4.94
CA PHE A 1013 31.45 -8.56 4.09
C PHE A 1013 31.76 -8.90 2.64
N THR A 1014 30.92 -9.75 2.04
CA THR A 1014 31.09 -10.21 0.68
C THR A 1014 29.82 -9.98 -0.11
N PHE A 1015 29.98 -9.74 -1.42
CA PHE A 1015 28.88 -9.39 -2.29
C PHE A 1015 28.92 -10.23 -3.57
N ARG A 1016 28.01 -9.96 -4.50
CA ARG A 1016 27.98 -10.69 -5.76
C ARG A 1016 27.15 -9.92 -6.78
N THR A 1017 27.22 -10.36 -8.03
CA THR A 1017 26.52 -9.71 -9.12
C THR A 1017 25.06 -10.14 -9.15
N ILE A 1018 24.22 -9.28 -9.73
CA ILE A 1018 22.80 -9.53 -9.88
C ILE A 1018 22.41 -9.25 -11.33
N ASP A 1019 21.39 -9.98 -11.81
CA ASP A 1019 20.91 -9.85 -13.20
C ASP A 1019 19.69 -8.93 -13.20
N TYR A 1020 19.74 -7.85 -13.96
CA TYR A 1020 18.65 -6.88 -13.99
C TYR A 1020 17.39 -7.49 -14.59
N GLU A 1021 17.53 -8.26 -15.66
CA GLU A 1021 16.37 -8.86 -16.32
C GLU A 1021 15.76 -10.01 -15.53
N ARG A 1022 16.44 -10.51 -14.50
CA ARG A 1022 15.88 -11.59 -13.70
C ARG A 1022 14.73 -11.06 -12.86
N PHE A 1023 13.68 -11.87 -12.73
CA PHE A 1023 12.48 -11.51 -11.97
C PHE A 1023 12.55 -12.17 -10.60
N SER A 1024 12.99 -11.40 -9.61
CA SER A 1024 12.91 -11.78 -8.20
C SER A 1024 11.92 -10.83 -7.52
N ILE A 1025 10.90 -11.39 -6.89
CA ILE A 1025 9.76 -10.58 -6.48
C ILE A 1025 10.14 -9.74 -5.27
N ASN A 1026 9.45 -8.61 -5.14
CA ASN A 1026 9.60 -7.73 -3.98
C ASN A 1026 8.27 -7.27 -3.41
N TYR A 1027 7.15 -7.90 -3.79
CA TYR A 1027 5.82 -7.53 -3.36
C TYR A 1027 5.22 -8.68 -2.57
N PHE A 1028 4.83 -8.40 -1.32
CA PHE A 1028 4.23 -9.40 -0.43
C PHE A 1028 2.94 -8.83 0.15
N PRO A 1029 1.82 -8.92 -0.59
CA PRO A 1029 0.56 -8.38 -0.05
C PRO A 1029 0.10 -9.07 1.23
N ASN A 1030 0.24 -10.39 1.29
CA ASN A 1030 -0.15 -11.16 2.48
C ASN A 1030 1.10 -11.44 3.30
N SER A 1031 1.52 -10.43 4.06
CA SER A 1031 2.71 -10.54 4.89
C SER A 1031 2.71 -9.41 5.90
N ILE A 1032 3.06 -9.73 7.14
CA ILE A 1032 3.07 -8.79 8.25
C ILE A 1032 4.40 -8.92 8.96
N THR A 1033 5.15 -7.82 9.04
CA THR A 1033 6.38 -7.78 9.80
C THR A 1033 6.10 -7.27 11.22
N VAL A 1034 6.98 -7.66 12.14
CA VAL A 1034 6.86 -7.28 13.54
C VAL A 1034 8.22 -6.83 14.03
N THR A 1035 8.28 -5.64 14.63
CA THR A 1035 9.52 -5.11 15.16
C THR A 1035 9.70 -5.60 16.59
N LYS A 1036 10.73 -5.11 17.27
CA LYS A 1036 10.98 -5.44 18.66
C LYS A 1036 10.24 -4.48 19.58
N GLU A 1037 9.93 -4.95 20.78
CA GLU A 1037 9.34 -4.09 21.78
C GLU A 1037 10.27 -2.92 22.07
N LYS A 1038 9.72 -1.71 22.05
CA LYS A 1038 10.54 -0.51 22.30
C LYS A 1038 11.16 -0.59 23.69
N SER A 1039 12.48 -0.52 23.74
CA SER A 1039 13.17 -0.51 25.03
C SER A 1039 12.86 0.76 25.81
N LEU A 1040 12.61 1.86 25.11
CA LEU A 1040 12.46 3.17 25.73
C LEU A 1040 13.67 3.50 26.59
N GLY A 1041 14.85 3.11 26.09
CA GLY A 1041 16.12 3.48 26.69
C GLY A 1041 17.02 4.11 25.63
N GLU A 1042 18.21 4.52 26.07
CA GLU A 1042 19.13 5.25 25.21
C GLU A 1042 19.75 4.29 24.21
N ASP A 1043 18.96 3.92 23.20
CA ASP A 1043 19.43 3.14 22.07
C ASP A 1043 18.54 3.48 20.87
N ILE A 1044 18.69 2.70 19.80
CA ILE A 1044 17.95 2.98 18.56
C ILE A 1044 16.45 2.80 18.79
N ASP A 1045 15.67 3.37 17.87
CA ASP A 1045 14.24 3.14 17.82
C ASP A 1045 14.00 1.82 17.09
N THR A 1046 13.43 0.84 17.80
CA THR A 1046 13.24 -0.48 17.22
C THR A 1046 12.28 -0.44 16.04
N TRP A 1047 11.36 0.52 16.02
CA TRP A 1047 10.40 0.61 14.92
C TRP A 1047 11.10 0.91 13.60
N THR A 1048 12.10 1.78 13.63
CA THR A 1048 12.82 2.14 12.40
C THR A 1048 13.75 1.03 11.93
N ASN A 1049 14.08 0.08 12.79
CA ASN A 1049 14.94 -1.05 12.43
C ASN A 1049 14.04 -2.23 12.06
N ILE A 1050 13.83 -2.42 10.77
CA ILE A 1050 13.02 -3.51 10.24
C ILE A 1050 13.96 -4.58 9.71
N THR A 1051 13.82 -5.81 10.22
CA THR A 1051 14.70 -6.91 9.87
C THR A 1051 14.00 -8.03 9.11
N LEU A 1052 12.66 -8.04 9.06
CA LEU A 1052 11.90 -9.09 8.40
C LEU A 1052 12.16 -10.46 9.02
N ALA A 1053 12.51 -10.48 10.31
CA ALA A 1053 12.85 -11.71 11.01
C ALA A 1053 11.68 -12.32 11.77
N THR A 1054 10.56 -11.61 11.88
CA THR A 1054 9.38 -12.08 12.61
C THR A 1054 8.14 -11.90 11.74
N THR A 1055 8.23 -12.36 10.49
CA THR A 1055 7.16 -12.16 9.54
C THR A 1055 5.97 -13.07 9.86
N LEU A 1056 4.81 -12.71 9.28
CA LEU A 1056 3.61 -13.52 9.38
C LEU A 1056 2.77 -13.25 8.14
N ASP A 1057 2.39 -14.33 7.45
CA ASP A 1057 1.67 -14.25 6.19
C ASP A 1057 0.26 -14.79 6.37
N LEU A 1058 -0.74 -14.01 5.98
CA LEU A 1058 -2.13 -14.44 6.05
C LEU A 1058 -2.48 -15.24 4.79
N ASP A 1059 -3.69 -15.80 4.80
CA ASP A 1059 -4.17 -16.55 3.65
C ASP A 1059 -4.28 -15.66 2.43
N GLY A 1060 -3.77 -16.14 1.29
CA GLY A 1060 -3.77 -15.38 0.06
C GLY A 1060 -4.99 -15.56 -0.82
N ASP A 1061 -5.85 -16.52 -0.51
CA ASP A 1061 -7.05 -16.78 -1.29
C ASP A 1061 -8.25 -15.96 -0.85
N LYS A 1062 -8.09 -15.15 0.23
CA LYS A 1062 -9.08 -14.13 0.61
C LYS A 1062 -8.77 -12.79 -0.05
N GLY A 1063 -7.57 -12.27 0.14
CA GLY A 1063 -7.18 -11.04 -0.51
C GLY A 1063 -6.03 -10.38 0.21
N GLU A 1064 -5.59 -9.26 -0.36
CA GLU A 1064 -4.49 -8.49 0.21
C GLU A 1064 -4.91 -7.85 1.53
N ILE A 1065 -3.91 -7.46 2.31
CA ILE A 1065 -4.14 -6.86 3.62
C ILE A 1065 -4.56 -5.42 3.39
N VAL A 1066 -5.88 -5.17 3.40
CA VAL A 1066 -6.39 -3.83 3.15
C VAL A 1066 -6.04 -2.91 4.32
N SER A 1067 -6.29 -3.37 5.54
CA SER A 1067 -6.08 -2.54 6.72
C SER A 1067 -5.83 -3.42 7.93
N LEU A 1068 -5.01 -2.91 8.85
CA LEU A 1068 -4.76 -3.52 10.14
C LEU A 1068 -5.19 -2.54 11.22
N ASN A 1069 -5.95 -3.02 12.20
CA ASN A 1069 -6.46 -2.16 13.26
C ASN A 1069 -6.39 -2.88 14.59
N THR A 1070 -6.41 -2.10 15.67
CA THR A 1070 -6.37 -2.60 17.04
C THR A 1070 -7.60 -2.10 17.79
N TYR A 1071 -8.24 -3.00 18.54
CA TYR A 1071 -9.41 -2.66 19.33
C TYR A 1071 -9.39 -3.50 20.60
N ASN A 1072 -9.31 -2.84 21.75
CA ASN A 1072 -9.33 -3.48 23.05
C ASN A 1072 -8.23 -4.54 23.17
N ASN A 1073 -7.00 -4.08 22.98
CA ASN A 1073 -5.80 -4.87 23.25
C ASN A 1073 -5.58 -6.00 22.25
N GLU A 1074 -6.29 -5.99 21.12
CA GLU A 1074 -6.20 -7.05 20.12
C GLU A 1074 -6.14 -6.44 18.74
N ILE A 1075 -5.21 -6.94 17.91
CA ILE A 1075 -5.09 -6.50 16.52
C ILE A 1075 -6.07 -7.30 15.68
N PHE A 1076 -6.75 -6.62 14.76
CA PHE A 1076 -7.65 -7.25 13.81
C PHE A 1076 -7.30 -6.76 12.40
N CYS A 1077 -7.12 -7.71 11.49
CA CYS A 1077 -6.67 -7.42 10.13
C CYS A 1077 -7.84 -7.55 9.17
N PHE A 1078 -8.12 -6.48 8.43
CA PHE A 1078 -9.10 -6.52 7.36
C PHE A 1078 -8.43 -6.92 6.06
N GLN A 1079 -9.02 -7.88 5.37
CA GLN A 1079 -8.62 -8.29 4.04
C GLN A 1079 -9.77 -8.03 3.08
N ARG A 1080 -9.49 -8.12 1.78
CA ARG A 1080 -10.50 -7.80 0.78
C ARG A 1080 -11.70 -8.73 0.88
N ARG A 1081 -11.48 -9.98 1.30
CA ARG A 1081 -12.55 -10.93 1.55
C ARG A 1081 -12.28 -11.72 2.82
N GLY A 1082 -11.76 -11.05 3.85
CA GLY A 1082 -11.47 -11.72 5.10
C GLY A 1082 -11.29 -10.73 6.24
N LEU A 1083 -11.38 -11.27 7.46
CA LEU A 1083 -11.14 -10.50 8.67
C LEU A 1083 -10.60 -11.45 9.73
N SER A 1084 -9.42 -11.16 10.25
CA SER A 1084 -8.71 -12.05 11.15
C SER A 1084 -8.34 -11.33 12.45
N ASN A 1085 -7.80 -12.11 13.38
CA ASN A 1085 -7.28 -11.61 14.65
C ASN A 1085 -5.85 -12.12 14.80
N ILE A 1086 -4.88 -11.20 14.73
CA ILE A 1086 -3.47 -11.55 14.80
C ILE A 1086 -3.12 -11.75 16.27
N LEU A 1087 -2.91 -13.00 16.67
CA LEU A 1087 -2.52 -13.30 18.04
C LEU A 1087 -1.10 -12.83 18.28
N PHE A 1088 -0.94 -11.85 19.17
CA PHE A 1088 0.38 -11.32 19.50
C PHE A 1088 0.33 -10.83 20.94
N ASN A 1089 1.32 -11.24 21.74
CA ASN A 1089 1.39 -10.88 23.16
C ASN A 1089 0.16 -11.34 23.94
N SER A 1090 -0.51 -12.37 23.45
CA SER A 1090 -1.49 -13.06 24.27
C SER A 1090 -0.76 -13.94 25.28
N ARG A 1091 -1.27 -13.97 26.50
CA ARG A 1091 -0.66 -14.80 27.53
C ARG A 1091 -0.68 -16.27 27.08
N VAL A 1092 0.32 -17.01 27.57
CA VAL A 1092 0.70 -18.29 26.95
C VAL A 1092 -0.45 -19.28 27.00
N GLN A 1093 -1.12 -19.37 28.14
CA GLN A 1093 -1.86 -20.58 28.50
C GLN A 1093 -3.37 -20.44 28.28
N ILE A 1094 -3.99 -19.41 28.84
CA ILE A 1094 -5.43 -19.20 28.76
C ILE A 1094 -5.71 -17.81 28.17
N PRO A 1095 -6.67 -17.64 27.26
CA PRO A 1095 -7.06 -16.28 26.90
C PRO A 1095 -7.56 -15.50 28.11
N THR A 1096 -8.60 -16.01 28.76
CA THR A 1096 -9.21 -15.38 29.93
C THR A 1096 -9.94 -16.44 30.73
N SER A 1097 -10.54 -16.01 31.85
CA SER A 1097 -11.29 -16.88 32.74
C SER A 1097 -12.33 -17.71 31.98
N GLY A 1107 3.75 -15.17 25.07
CA GLY A 1107 4.81 -14.43 25.73
C GLY A 1107 5.51 -13.47 24.79
N LEU A 1108 4.73 -12.64 24.10
CA LEU A 1108 5.13 -11.63 23.12
C LEU A 1108 5.55 -12.27 21.78
N LYS A 1109 5.63 -13.58 21.67
CA LYS A 1109 5.90 -14.21 20.39
C LYS A 1109 4.69 -14.11 19.49
N VAL A 1110 4.94 -13.89 18.19
CA VAL A 1110 3.87 -13.64 17.23
C VAL A 1110 3.33 -15.00 16.80
N SER A 1111 2.33 -15.47 17.53
CA SER A 1111 1.70 -16.75 17.23
C SER A 1111 0.87 -16.63 15.95
N GLY A 1112 0.24 -17.73 15.58
CA GLY A 1112 -0.55 -17.77 14.36
C GLY A 1112 -1.78 -16.87 14.44
N LYS A 1113 -2.39 -16.69 13.28
CA LYS A 1113 -3.58 -15.86 13.18
C LYS A 1113 -4.81 -16.62 13.67
N ARG A 1114 -5.90 -15.88 13.88
CA ARG A 1114 -7.19 -16.47 14.21
C ARG A 1114 -8.24 -15.77 13.36
N TYR A 1115 -8.87 -16.52 12.45
CA TYR A 1115 -9.81 -15.94 11.51
C TYR A 1115 -11.20 -15.83 12.13
N ILE A 1116 -11.81 -14.67 11.96
CA ILE A 1116 -13.15 -14.42 12.49
C ILE A 1116 -14.21 -14.69 11.43
N SER A 1117 -13.95 -14.31 10.18
CA SER A 1117 -14.88 -14.52 9.08
C SER A 1117 -14.08 -14.79 7.82
N ASN A 1118 -14.32 -15.93 7.19
CA ASN A 1118 -13.60 -16.32 5.99
C ASN A 1118 -14.18 -15.71 4.71
N THR A 1119 -15.26 -14.94 4.82
CA THR A 1119 -15.92 -14.34 3.66
C THR A 1119 -16.21 -12.86 3.79
N ILE A 1120 -16.23 -12.30 5.00
CA ILE A 1120 -16.48 -10.88 5.22
C ILE A 1120 -15.15 -10.18 5.44
N GLY A 1121 -14.92 -9.10 4.70
CA GLY A 1121 -13.72 -8.31 4.86
C GLY A 1121 -13.81 -6.99 4.14
N CYS A 1122 -13.12 -5.97 4.67
CA CYS A 1122 -13.21 -4.63 4.10
C CYS A 1122 -12.35 -4.53 2.85
N ALA A 1123 -12.81 -3.70 1.90
CA ALA A 1123 -12.10 -3.44 0.66
C ALA A 1123 -11.64 -2.00 0.50
N ASN A 1124 -12.17 -1.07 1.29
CA ASN A 1124 -11.73 0.33 1.30
C ASN A 1124 -11.28 0.66 2.71
N LYS A 1125 -9.96 0.78 2.89
CA LYS A 1125 -9.40 0.98 4.23
C LYS A 1125 -9.98 2.22 4.91
N TRP A 1126 -10.37 3.22 4.13
CA TRP A 1126 -10.65 4.54 4.66
C TRP A 1126 -12.07 4.67 5.20
N SER A 1127 -12.89 3.64 5.08
CA SER A 1127 -14.20 3.59 5.71
C SER A 1127 -14.14 3.03 7.12
N ILE A 1128 -12.95 2.82 7.68
CA ILE A 1128 -12.77 2.24 9.00
C ILE A 1128 -12.64 3.37 10.01
N ALA A 1129 -13.44 3.30 11.07
CA ALA A 1129 -13.41 4.28 12.16
C ALA A 1129 -13.34 3.53 13.48
N GLU A 1130 -12.32 3.82 14.28
CA GLU A 1130 -12.14 3.19 15.58
C GLU A 1130 -12.93 3.97 16.63
N SER A 1131 -13.57 3.23 17.54
CA SER A 1131 -14.39 3.84 18.57
C SER A 1131 -14.40 2.92 19.77
N PRO A 1132 -14.91 3.39 20.92
CA PRO A 1132 -15.04 2.49 22.08
C PRO A 1132 -15.92 1.28 21.81
N SER A 1133 -16.92 1.41 20.93
CA SER A 1133 -17.89 0.35 20.72
C SER A 1133 -17.40 -0.72 19.75
N GLY A 1134 -16.54 -0.36 18.81
CA GLY A 1134 -16.07 -1.33 17.83
C GLY A 1134 -15.47 -0.64 16.62
N LEU A 1135 -15.49 -1.36 15.49
CA LEU A 1135 -14.88 -0.92 14.24
C LEU A 1135 -15.97 -0.84 13.17
N TYR A 1136 -16.38 0.38 12.83
CA TYR A 1136 -17.35 0.61 11.76
C TYR A 1136 -16.61 0.60 10.42
N PHE A 1137 -16.90 -0.40 9.59
CA PHE A 1137 -16.35 -0.47 8.25
C PHE A 1137 -17.47 -0.81 7.27
N ILE A 1138 -17.27 -0.40 6.02
CA ILE A 1138 -18.25 -0.56 4.95
C ILE A 1138 -17.66 -1.53 3.93
N ASP A 1139 -18.28 -2.70 3.80
CA ASP A 1139 -17.86 -3.70 2.82
C ASP A 1139 -18.68 -3.52 1.55
N ASN A 1140 -17.98 -3.16 0.46
CA ASN A 1140 -18.67 -2.96 -0.82
C ASN A 1140 -19.14 -4.29 -1.42
N GLU A 1141 -18.36 -5.36 -1.22
CA GLU A 1141 -18.71 -6.65 -1.81
C GLU A 1141 -20.04 -7.15 -1.28
N THR A 1142 -20.26 -7.08 0.04
CA THR A 1142 -21.48 -7.56 0.66
C THR A 1142 -22.57 -6.50 0.75
N ASN A 1143 -22.26 -5.24 0.41
CA ASN A 1143 -23.26 -4.16 0.41
C ASN A 1143 -23.87 -3.98 1.79
N SER A 1144 -23.01 -3.72 2.78
CA SER A 1144 -23.45 -3.56 4.16
C SER A 1144 -22.51 -2.62 4.89
N LEU A 1145 -22.95 -2.17 6.07
CA LEU A 1145 -22.17 -1.31 6.95
C LEU A 1145 -22.04 -2.05 8.27
N TYR A 1146 -20.89 -2.70 8.47
CA TYR A 1146 -20.69 -3.62 9.58
C TYR A 1146 -20.16 -2.87 10.82
N LEU A 1147 -20.22 -3.56 11.95
CA LEU A 1147 -19.61 -3.11 13.19
C LEU A 1147 -19.06 -4.33 13.91
N PHE A 1148 -17.76 -4.35 14.14
CA PHE A 1148 -17.10 -5.44 14.84
C PHE A 1148 -16.88 -5.06 16.30
N ASN A 1149 -17.49 -5.81 17.21
CA ASN A 1149 -17.33 -5.62 18.65
C ASN A 1149 -17.16 -6.98 19.31
N GLY A 1150 -16.32 -7.82 18.71
CA GLY A 1150 -16.20 -9.21 19.10
C GLY A 1150 -17.03 -10.09 18.18
N GLU A 1151 -18.20 -9.61 17.81
CA GLU A 1151 -19.07 -10.27 16.84
C GLU A 1151 -19.48 -9.27 15.78
N ILE A 1152 -19.45 -9.69 14.52
CA ILE A 1152 -19.78 -8.79 13.42
C ILE A 1152 -21.28 -8.54 13.40
N VAL A 1153 -21.66 -7.27 13.28
CA VAL A 1153 -23.05 -6.84 13.25
C VAL A 1153 -23.23 -5.93 12.05
N SER A 1154 -24.19 -6.27 11.19
CA SER A 1154 -24.49 -5.49 9.99
C SER A 1154 -25.47 -4.38 10.38
N LEU A 1155 -24.94 -3.18 10.63
CA LEU A 1155 -25.80 -2.07 11.04
C LEU A 1155 -26.76 -1.66 9.92
N SER A 1156 -26.32 -1.77 8.66
CA SER A 1156 -27.20 -1.38 7.55
C SER A 1156 -28.46 -2.23 7.53
N ASP A 1157 -28.32 -3.54 7.72
CA ASP A 1157 -29.48 -4.42 7.74
C ASP A 1157 -30.34 -4.19 8.97
N LYS A 1158 -29.69 -4.03 10.13
CA LYS A 1158 -30.43 -3.85 11.38
C LYS A 1158 -31.26 -2.57 11.35
N LEU A 1159 -30.67 -1.48 10.88
CA LEU A 1159 -31.32 -0.18 10.86
C LEU A 1159 -31.87 0.19 9.48
N GLY A 1160 -31.85 -0.74 8.53
CA GLY A 1160 -32.47 -0.50 7.24
C GLY A 1160 -31.74 0.51 6.37
N PHE A 1161 -30.55 0.14 5.89
CA PHE A 1161 -29.80 0.98 4.97
C PHE A 1161 -29.16 0.15 3.86
N ARG A 1162 -29.76 -1.01 3.53
CA ARG A 1162 -29.18 -1.89 2.52
C ARG A 1162 -29.23 -1.26 1.14
N GLN A 1163 -30.37 -0.67 0.77
CA GLN A 1163 -30.51 -0.09 -0.57
C GLN A 1163 -29.59 1.11 -0.76
N TRP A 1164 -29.52 1.98 0.24
CA TRP A 1164 -28.70 3.18 0.14
C TRP A 1164 -27.24 2.83 -0.13
N ILE A 1165 -26.75 1.76 0.47
CA ILE A 1165 -25.36 1.36 0.30
C ILE A 1165 -25.19 0.57 -1.00
N SER A 1166 -26.18 -0.26 -1.34
CA SER A 1166 -26.10 -1.03 -2.58
C SER A 1166 -26.16 -0.16 -3.82
N THR A 1167 -26.71 1.05 -3.71
CA THR A 1167 -26.77 1.97 -4.85
C THR A 1167 -25.61 2.94 -4.90
N HIS A 1168 -24.83 3.09 -3.82
CA HIS A 1168 -23.75 4.06 -3.73
C HIS A 1168 -22.37 3.41 -3.69
N ASN A 1169 -22.27 2.13 -4.08
CA ASN A 1169 -21.00 1.42 -4.03
C ASN A 1169 -20.28 1.48 -5.38
N VAL A 1170 -18.95 1.54 -5.33
CA VAL A 1170 -18.10 1.51 -6.52
C VAL A 1170 -16.82 0.76 -6.17
N HIS A 1171 -16.08 0.38 -7.21
CA HIS A 1171 -14.85 -0.40 -7.03
C HIS A 1171 -13.64 0.50 -6.77
N VAL A 1172 -13.64 1.71 -7.30
CA VAL A 1172 -12.48 2.59 -7.16
C VAL A 1172 -12.29 2.95 -5.69
N ASN A 1173 -11.04 2.89 -5.24
CA ASN A 1173 -10.71 3.19 -3.85
C ASN A 1173 -10.88 4.70 -3.59
N TRP A 1174 -10.89 5.03 -2.30
CA TRP A 1174 -11.05 6.42 -1.88
C TRP A 1174 -9.78 7.21 -2.17
N GLU A 1175 -9.96 8.48 -2.54
CA GLU A 1175 -8.83 9.38 -2.72
C GLU A 1175 -9.34 10.81 -2.62
N PRO A 1176 -8.54 11.74 -2.09
CA PRO A 1176 -9.11 13.04 -1.67
C PRO A 1176 -9.65 13.91 -2.80
N VAL A 1177 -9.08 13.81 -4.01
CA VAL A 1177 -9.50 14.72 -5.09
C VAL A 1177 -10.96 14.48 -5.44
N GLY A 1178 -11.27 13.27 -5.90
CA GLY A 1178 -12.65 12.87 -6.17
C GLY A 1178 -13.10 11.74 -5.28
N TYR A 1179 -14.00 12.02 -4.35
CA TYR A 1179 -14.59 10.98 -3.53
C TYR A 1179 -15.30 9.96 -4.41
N ASN A 1180 -14.96 8.68 -4.22
CA ASN A 1180 -15.62 7.57 -4.90
C ASN A 1180 -16.23 6.56 -3.94
N ASN A 1181 -15.52 6.19 -2.90
CA ASN A 1181 -16.02 5.37 -1.81
C ASN A 1181 -16.15 6.23 -0.55
N TYR A 1182 -16.58 5.59 0.53
CA TYR A 1182 -16.86 6.33 1.76
C TYR A 1182 -15.57 6.64 2.50
N ARG A 1183 -15.68 7.51 3.49
CA ARG A 1183 -14.55 7.90 4.32
C ARG A 1183 -15.10 8.14 5.73
N SER A 1184 -14.76 7.26 6.66
CA SER A 1184 -15.35 7.25 7.99
C SER A 1184 -14.48 8.02 8.98
N PHE A 1185 -15.12 8.90 9.74
CA PHE A 1185 -14.51 9.59 10.86
C PHE A 1185 -15.23 9.20 12.15
N TYR A 1186 -14.88 9.87 13.24
CA TYR A 1186 -15.51 9.61 14.53
C TYR A 1186 -15.39 10.85 15.40
N ASP A 1187 -16.52 11.30 15.96
CA ASP A 1187 -16.54 12.44 16.86
C ASP A 1187 -16.44 11.92 18.28
N LYS A 1188 -15.24 11.97 18.85
CA LYS A 1188 -15.01 11.45 20.19
C LYS A 1188 -15.79 12.23 21.25
N ASN A 1189 -16.09 13.51 20.97
CA ASN A 1189 -16.75 14.35 21.96
C ASN A 1189 -18.25 14.06 22.07
N ASN A 1190 -18.86 13.50 21.02
CA ASN A 1190 -20.31 13.28 20.99
C ASN A 1190 -20.68 11.88 20.49
N ASN A 1191 -19.71 10.99 20.31
CA ASN A 1191 -19.96 9.60 19.92
C ASN A 1191 -20.75 9.53 18.62
N ASP A 1192 -20.43 10.43 17.68
CA ASP A 1192 -21.05 10.47 16.37
C ASP A 1192 -20.08 9.95 15.32
N VAL A 1193 -20.60 9.14 14.40
CA VAL A 1193 -19.81 8.52 13.34
C VAL A 1193 -20.36 9.02 12.00
N TYR A 1194 -19.48 9.59 11.19
CA TYR A 1194 -19.85 10.16 9.90
C TYR A 1194 -19.28 9.30 8.78
N PHE A 1195 -20.15 8.70 7.98
CA PHE A 1195 -19.75 7.93 6.80
C PHE A 1195 -19.93 8.84 5.59
N THR A 1196 -18.90 9.65 5.33
CA THR A 1196 -18.98 10.71 4.34
C THR A 1196 -18.93 10.15 2.92
N TYR A 1197 -19.61 10.84 2.01
CA TYR A 1197 -19.60 10.52 0.59
C TYR A 1197 -19.55 11.83 -0.19
N LYS A 1198 -19.36 11.73 -1.51
CA LYS A 1198 -19.18 12.91 -2.34
C LYS A 1198 -20.44 13.76 -2.43
N ASP A 1199 -21.61 13.20 -2.13
CA ASP A 1199 -22.87 13.92 -2.24
C ASP A 1199 -23.76 13.79 -1.00
N HIS A 1200 -23.26 13.17 0.06
CA HIS A 1200 -24.02 13.06 1.30
C HIS A 1200 -23.07 12.71 2.43
N CYS A 1201 -23.60 12.73 3.66
CA CYS A 1201 -22.83 12.41 4.85
C CYS A 1201 -23.77 11.74 5.83
N LEU A 1202 -23.73 10.41 5.89
CA LEU A 1202 -24.58 9.65 6.79
C LEU A 1202 -23.98 9.65 8.19
N CYS A 1203 -24.75 10.12 9.17
CA CYS A 1203 -24.31 10.24 10.55
C CYS A 1203 -24.90 9.13 11.39
N TYR A 1204 -24.09 8.57 12.28
CA TYR A 1204 -24.51 7.51 13.20
C TYR A 1204 -24.06 7.86 14.60
N SER A 1205 -24.95 7.69 15.57
CA SER A 1205 -24.70 8.04 16.96
C SER A 1205 -24.66 6.77 17.81
N GLU A 1206 -23.57 6.60 18.56
CA GLU A 1206 -23.48 5.47 19.48
C GLU A 1206 -24.32 5.69 20.73
N LEU A 1207 -24.72 6.93 21.01
CA LEU A 1207 -25.52 7.21 22.20
C LEU A 1207 -26.87 6.50 22.14
N ILE A 1208 -27.44 6.36 20.95
CA ILE A 1208 -28.75 5.75 20.77
C ILE A 1208 -28.67 4.56 19.81
N ASN A 1209 -27.50 4.35 19.21
CA ASN A 1209 -27.29 3.26 18.25
C ASN A 1209 -28.27 3.37 17.08
N GLN A 1210 -28.46 4.60 16.60
CA GLN A 1210 -29.33 4.89 15.48
C GLN A 1210 -28.69 5.94 14.59
N PHE A 1211 -28.97 5.84 13.29
CA PHE A 1211 -28.59 6.89 12.36
C PHE A 1211 -29.41 8.15 12.65
N THR A 1212 -28.80 9.31 12.48
CA THR A 1212 -29.43 10.59 12.84
C THR A 1212 -29.91 11.39 11.65
N SER A 1213 -29.10 11.55 10.60
CA SER A 1213 -29.44 12.46 9.50
C SER A 1213 -28.50 12.21 8.33
N PHE A 1214 -28.72 12.96 7.26
CA PHE A 1214 -27.82 13.05 6.11
C PHE A 1214 -27.20 14.44 6.16
N MET A 1215 -26.04 14.54 6.81
CA MET A 1215 -25.44 15.85 7.04
C MET A 1215 -24.90 16.44 5.74
N SER A 1216 -24.80 17.76 5.73
CA SER A 1216 -24.20 18.49 4.60
C SER A 1216 -22.71 18.72 4.82
N TYR A 1217 -22.00 17.63 5.13
CA TYR A 1217 -20.56 17.65 5.36
C TYR A 1217 -19.81 16.89 4.28
N GLU A 1218 -20.39 16.76 3.09
CA GLU A 1218 -19.80 15.98 2.02
C GLU A 1218 -18.55 16.66 1.46
N GLY A 1219 -17.67 15.85 0.88
CA GLY A 1219 -16.48 16.37 0.22
C GLY A 1219 -15.48 17.01 1.16
N VAL A 1220 -15.50 16.67 2.44
CA VAL A 1220 -14.55 17.19 3.42
C VAL A 1220 -13.45 16.13 3.58
N PRO A 1221 -12.18 16.44 3.24
CA PRO A 1221 -11.14 15.41 3.39
C PRO A 1221 -10.93 14.91 4.82
N ALA A 1222 -11.09 15.76 5.83
CA ALA A 1222 -10.73 15.42 7.19
C ALA A 1222 -11.77 15.90 8.19
N MET A 1223 -11.99 15.09 9.22
CA MET A 1223 -12.83 15.47 10.36
C MET A 1223 -12.32 14.69 11.56
N PHE A 1224 -11.74 15.41 12.53
CA PHE A 1224 -11.01 14.77 13.62
C PHE A 1224 -11.19 15.58 14.90
N ASN A 1225 -10.76 14.98 16.01
CA ASN A 1225 -10.84 15.58 17.34
C ASN A 1225 -9.47 16.07 17.77
N VAL A 1226 -9.40 17.33 18.18
CA VAL A 1226 -8.20 17.90 18.79
C VAL A 1226 -8.58 18.36 20.19
N SER A 1227 -7.91 17.80 21.20
CA SER A 1227 -8.19 18.08 22.61
C SER A 1227 -9.66 17.71 22.83
N SER A 1228 -10.49 18.60 23.38
CA SER A 1228 -11.91 18.32 23.61
C SER A 1228 -12.81 18.97 22.56
N GLU A 1229 -12.28 19.26 21.38
CA GLU A 1229 -13.01 19.94 20.32
C GLU A 1229 -12.89 19.15 19.03
N PHE A 1230 -13.96 19.15 18.24
CA PHE A 1230 -14.01 18.44 16.96
C PHE A 1230 -13.81 19.43 15.84
N TYR A 1231 -12.84 19.14 14.96
CA TYR A 1231 -12.42 20.05 13.91
C TYR A 1231 -12.62 19.42 12.53
N ALA A 1232 -12.61 20.27 11.52
CA ALA A 1232 -12.71 19.86 10.12
C ALA A 1232 -11.71 20.65 9.29
N PHE A 1233 -11.49 20.18 8.07
CA PHE A 1233 -10.58 20.82 7.14
C PHE A 1233 -11.19 20.75 5.75
N LYS A 1234 -11.44 21.92 5.16
CA LYS A 1234 -11.99 21.99 3.81
C LYS A 1234 -11.49 23.26 3.13
N ASP A 1235 -11.20 23.13 1.83
CA ASP A 1235 -10.80 24.26 0.98
C ASP A 1235 -9.52 24.94 1.48
N GLY A 1236 -8.66 24.21 2.19
CA GLY A 1236 -7.40 24.76 2.66
C GLY A 1236 -7.48 25.49 3.99
N LYS A 1237 -8.59 25.38 4.72
CA LYS A 1237 -8.76 26.06 5.99
C LYS A 1237 -9.34 25.09 7.00
N MET A 1238 -9.09 25.37 8.28
CA MET A 1238 -9.58 24.56 9.39
C MET A 1238 -10.83 25.19 9.96
N TRP A 1239 -11.93 24.44 9.98
CA TRP A 1239 -13.22 24.91 10.47
C TRP A 1239 -13.54 24.19 11.78
N GLU A 1240 -13.61 24.96 12.87
CA GLU A 1240 -14.10 24.41 14.13
C GLU A 1240 -15.61 24.20 14.04
N GLN A 1241 -16.06 22.99 14.35
CA GLN A 1241 -17.48 22.66 14.23
C GLN A 1241 -18.18 22.88 15.56
N PHE A 1242 -19.50 23.05 15.47
CA PHE A 1242 -20.36 23.18 16.65
C PHE A 1242 -19.94 24.37 17.51
N ALA A 1243 -19.52 25.45 16.85
CA ALA A 1243 -19.13 26.68 17.54
C ALA A 1243 -19.70 27.94 16.92
N GLY A 1244 -20.09 27.94 15.65
CA GLY A 1244 -20.64 29.10 14.98
C GLY A 1244 -22.15 29.18 15.12
N ASP A 1245 -22.77 29.85 14.15
CA ASP A 1245 -24.22 30.01 14.11
C ASP A 1245 -24.85 28.82 13.38
N TYR A 1246 -26.10 28.53 13.74
CA TYR A 1246 -26.76 27.31 13.28
C TYR A 1246 -26.96 27.33 11.77
N ASN A 1247 -26.84 26.15 11.16
CA ASN A 1247 -27.15 25.88 9.75
C ASN A 1247 -26.17 26.54 8.79
N MET A 1248 -25.05 27.07 9.27
CA MET A 1248 -24.03 27.68 8.43
C MET A 1248 -22.83 26.74 8.38
N PHE A 1249 -22.64 26.07 7.24
CA PHE A 1249 -21.55 25.12 7.03
C PHE A 1249 -20.54 25.74 6.08
N PHE A 1250 -19.34 25.99 6.59
CA PHE A 1250 -18.24 26.52 5.78
C PHE A 1250 -18.62 27.86 5.16
N GLY A 1251 -19.39 28.66 5.89
CA GLY A 1251 -19.82 29.96 5.43
C GLY A 1251 -21.04 29.95 4.55
N GLU A 1252 -21.55 28.78 4.17
CA GLU A 1252 -22.72 28.65 3.31
C GLU A 1252 -23.90 28.12 4.13
N TYR A 1253 -25.09 28.63 3.83
CA TYR A 1253 -26.31 28.18 4.48
C TYR A 1253 -26.82 26.93 3.77
N LYS A 1254 -26.98 25.84 4.52
CA LYS A 1254 -27.60 24.62 4.02
C LYS A 1254 -28.91 24.38 4.77
N PRO A 1255 -29.95 23.90 4.10
CA PRO A 1255 -31.24 23.70 4.77
C PRO A 1255 -31.23 22.44 5.62
N PHE A 1256 -32.27 22.30 6.44
CA PHE A 1256 -32.54 21.07 7.17
C PHE A 1256 -33.97 20.65 6.89
N SER A 1257 -34.19 19.34 6.89
CA SER A 1257 -35.50 18.79 6.56
C SER A 1257 -35.68 17.46 7.28
N ILE A 1258 -36.93 17.03 7.37
CA ILE A 1258 -37.27 15.76 7.99
C ILE A 1258 -38.46 15.16 7.25
N THR A 1259 -38.27 13.95 6.71
CA THR A 1259 -39.32 13.22 6.01
C THR A 1259 -39.72 12.01 6.85
N PHE A 1260 -41.02 11.81 7.00
CA PHE A 1260 -41.54 10.70 7.79
C PHE A 1260 -42.84 10.21 7.14
N VAL A 1261 -42.90 8.90 6.88
CA VAL A 1261 -44.07 8.31 6.25
C VAL A 1261 -45.27 8.38 7.20
N ALA A 1262 -46.43 8.68 6.65
CA ALA A 1262 -47.69 8.75 7.39
C ALA A 1262 -48.56 7.58 6.92
N ASN A 1263 -48.42 6.44 7.58
CA ASN A 1263 -49.15 5.22 7.24
C ASN A 1263 -49.78 4.65 8.50
N ALA A 1264 -50.97 5.14 8.83
CA ALA A 1264 -51.79 4.60 9.91
C ALA A 1264 -53.11 4.10 9.32
N GLU A 1265 -53.49 2.89 9.68
CA GLU A 1265 -54.62 2.20 9.06
C GLU A 1265 -54.42 2.18 7.54
N GLU A 1266 -53.27 1.64 7.13
CA GLU A 1266 -52.92 1.66 5.71
C GLU A 1266 -53.87 0.87 4.81
N PRO A 1267 -54.63 -0.14 5.26
CA PRO A 1267 -55.64 -0.72 4.34
C PRO A 1267 -56.72 0.25 3.93
N ASN A 1268 -56.95 1.30 4.71
CA ASN A 1268 -58.01 2.27 4.42
C ASN A 1268 -57.44 3.46 3.65
N ASP A 1269 -58.28 4.02 2.78
CA ASP A 1269 -57.92 5.20 1.99
C ASP A 1269 -58.22 6.45 2.79
N LYS A 1270 -57.19 7.23 3.07
CA LYS A 1270 -57.29 8.40 3.93
C LYS A 1270 -57.10 9.69 3.13
N ILE A 1271 -57.75 10.75 3.60
CA ILE A 1271 -57.51 12.11 3.13
C ILE A 1271 -56.73 12.83 4.23
N PHE A 1272 -55.50 13.23 3.92
CA PHE A 1272 -54.66 13.92 4.89
C PHE A 1272 -55.09 15.37 4.95
N ASN A 1273 -55.59 15.80 6.11
CA ASN A 1273 -56.26 17.09 6.26
C ASN A 1273 -55.41 18.15 6.95
N THR A 1274 -54.64 17.78 7.98
CA THR A 1274 -53.89 18.75 8.75
C THR A 1274 -52.62 18.11 9.29
N VAL A 1275 -51.58 18.92 9.46
CA VAL A 1275 -50.31 18.50 10.07
C VAL A 1275 -50.16 19.32 11.34
N GLU A 1276 -50.63 18.79 12.46
CA GLU A 1276 -50.44 19.43 13.75
C GLU A 1276 -49.09 19.05 14.31
N PHE A 1277 -48.37 20.03 14.85
CA PHE A 1277 -47.02 19.77 15.34
C PHE A 1277 -46.59 20.89 16.28
N ARG A 1278 -45.94 20.52 17.38
CA ARG A 1278 -45.31 21.48 18.27
C ARG A 1278 -43.89 21.78 17.80
N ALA A 1279 -43.45 23.01 18.04
CA ALA A 1279 -42.11 23.42 17.66
C ALA A 1279 -41.85 24.81 18.20
N ASP A 1280 -40.56 25.12 18.41
CA ASP A 1280 -40.13 26.41 18.92
C ASP A 1280 -38.84 26.81 18.22
N SER A 1281 -38.74 28.11 17.90
CA SER A 1281 -37.56 28.69 17.29
C SER A 1281 -37.02 29.79 18.19
N TRP A 1282 -35.69 29.83 18.33
CA TRP A 1282 -35.02 30.73 19.26
C TRP A 1282 -33.95 31.51 18.53
N ASP A 1283 -33.53 32.62 19.14
CA ASP A 1283 -32.45 33.46 18.61
C ASP A 1283 -31.71 34.06 19.79
N SER A 1284 -30.64 33.37 20.21
CA SER A 1284 -29.82 33.79 21.34
C SER A 1284 -30.68 34.01 22.59
N ASP A 1285 -31.34 32.92 23.01
CA ASP A 1285 -32.18 32.82 24.20
C ASP A 1285 -33.56 33.46 23.99
N ASN A 1286 -33.74 34.29 22.96
CA ASN A 1286 -34.99 35.00 22.74
C ASN A 1286 -35.90 34.17 21.85
N LEU A 1287 -37.13 33.95 22.31
CA LEU A 1287 -38.08 33.13 21.57
C LEU A 1287 -38.53 33.84 20.30
N ILE A 1288 -38.82 33.04 19.27
CA ILE A 1288 -39.36 33.52 18.00
C ILE A 1288 -40.57 32.65 17.70
N SER A 1289 -41.76 33.20 17.92
CA SER A 1289 -43.01 32.48 17.73
C SER A 1289 -43.61 32.69 16.33
N ASN A 1290 -42.87 33.31 15.42
CA ASN A 1290 -43.38 33.63 14.09
C ASN A 1290 -42.83 32.72 12.99
N LYS A 1291 -41.63 32.16 13.16
CA LYS A 1291 -40.95 31.42 12.11
C LYS A 1291 -40.58 30.04 12.63
N THR A 1292 -41.19 29.00 12.07
CA THR A 1292 -40.89 27.61 12.39
C THR A 1292 -40.40 26.82 11.20
N PHE A 1293 -41.15 26.82 10.09
CA PHE A 1293 -40.73 26.17 8.86
C PHE A 1293 -41.11 27.08 7.69
N ASP A 1294 -40.61 26.73 6.50
CA ASP A 1294 -40.78 27.56 5.32
C ASP A 1294 -41.22 26.78 4.09
N THR A 1295 -41.50 25.48 4.20
CA THR A 1295 -41.97 24.70 3.06
C THR A 1295 -42.47 23.36 3.57
N LEU A 1296 -43.41 22.77 2.81
CA LEU A 1296 -44.01 21.49 3.16
C LEU A 1296 -44.29 20.72 1.88
N ASP A 1297 -43.38 19.82 1.52
CA ASP A 1297 -43.57 18.93 0.38
C ASP A 1297 -44.24 17.64 0.85
N VAL A 1298 -45.38 17.31 0.23
CA VAL A 1298 -46.08 16.06 0.49
C VAL A 1298 -46.37 15.41 -0.86
N TRP A 1299 -46.05 14.12 -0.98
CA TRP A 1299 -46.13 13.44 -2.27
C TRP A 1299 -46.33 11.95 -2.03
N ASN A 1300 -46.69 11.26 -3.09
CA ASN A 1300 -46.96 9.83 -3.04
C ASN A 1300 -46.60 9.23 -4.40
N GLU A 1301 -47.12 8.04 -4.68
CA GLU A 1301 -46.86 7.41 -5.97
C GLU A 1301 -47.45 8.19 -7.14
N TYR A 1302 -48.49 9.00 -6.92
CA TYR A 1302 -49.15 9.70 -8.02
C TYR A 1302 -49.52 11.14 -7.72
N GLN A 1303 -49.00 11.74 -6.65
CA GLN A 1303 -49.30 13.13 -6.31
C GLN A 1303 -48.05 13.79 -5.78
N HIS A 1304 -47.99 15.12 -5.95
CA HIS A 1304 -46.87 15.89 -5.42
C HIS A 1304 -47.34 17.33 -5.27
N GLY A 1305 -47.43 17.79 -4.01
CA GLY A 1305 -47.85 19.15 -3.74
C GLY A 1305 -46.90 19.83 -2.78
N THR A 1306 -46.95 21.16 -2.75
CA THR A 1306 -46.10 21.95 -1.87
C THR A 1306 -46.73 23.32 -1.64
N THR A 1307 -46.61 23.80 -0.41
CA THR A 1307 -46.98 25.15 -0.02
C THR A 1307 -45.82 25.78 0.74
N PRO A 1308 -45.76 27.11 0.80
CA PRO A 1308 -44.61 27.77 1.45
C PRO A 1308 -44.69 27.89 2.97
N LEU A 1309 -45.81 27.50 3.59
CA LEU A 1309 -46.00 27.60 5.03
C LEU A 1309 -45.72 29.02 5.53
N THR A 1310 -46.55 29.95 5.05
CA THR A 1310 -46.56 31.33 5.51
C THR A 1310 -47.68 31.52 6.52
N ASN A 1311 -47.55 32.55 7.35
CA ASN A 1311 -48.52 32.88 8.39
C ASN A 1311 -48.96 34.32 8.21
N LEU A 1312 -50.23 34.51 7.87
CA LEU A 1312 -50.86 35.82 7.83
C LEU A 1312 -51.87 35.89 8.96
N LEU A 1313 -51.71 36.89 9.83
CA LEU A 1313 -52.47 36.92 11.08
C LEU A 1313 -53.97 37.02 10.81
N GLY A 1314 -54.37 37.90 9.89
CA GLY A 1314 -55.78 38.13 9.62
C GLY A 1314 -56.34 37.24 8.53
N HIS A 1315 -55.64 37.14 7.41
CA HIS A 1315 -56.13 36.38 6.28
C HIS A 1315 -55.80 34.89 6.45
N PRO A 1316 -56.56 34.01 5.79
CA PRO A 1316 -56.20 32.59 5.83
C PRO A 1316 -54.85 32.35 5.18
N SER A 1317 -54.10 31.40 5.73
CA SER A 1317 -52.77 31.08 5.24
C SER A 1317 -52.54 29.58 5.42
N PRO A 1318 -51.56 29.00 4.71
CA PRO A 1318 -51.30 27.57 4.89
C PRO A 1318 -50.91 27.18 6.29
N LEU A 1319 -50.21 28.06 7.01
CA LEU A 1319 -49.74 27.79 8.36
C LEU A 1319 -50.34 28.81 9.32
N LYS A 1320 -50.89 28.33 10.43
CA LYS A 1320 -51.49 29.20 11.44
C LYS A 1320 -51.32 28.55 12.80
N LYS A 1321 -50.96 29.35 13.79
CA LYS A 1321 -50.69 28.88 15.15
C LYS A 1321 -51.74 29.43 16.11
N LYS A 1322 -52.16 28.60 17.05
CA LYS A 1322 -53.02 29.06 18.13
C LYS A 1322 -52.81 28.19 19.37
N PHE A 1323 -52.54 28.84 20.50
CA PHE A 1323 -52.34 28.18 21.79
C PHE A 1323 -51.14 27.22 21.74
N ARG A 1324 -50.03 27.72 21.18
CA ARG A 1324 -48.73 27.06 21.22
C ARG A 1324 -48.71 25.73 20.48
N ILE A 1325 -49.60 25.54 19.52
CA ILE A 1325 -49.64 24.33 18.68
C ILE A 1325 -49.76 24.78 17.23
N TRP A 1326 -48.68 24.63 16.47
CA TRP A 1326 -48.72 24.93 15.05
C TRP A 1326 -49.54 23.90 14.31
N ARG A 1327 -50.12 24.32 13.18
CA ARG A 1327 -50.92 23.45 12.34
C ARG A 1327 -50.83 23.93 10.91
N ALA A 1328 -50.68 22.99 9.98
CA ALA A 1328 -50.50 23.28 8.57
C ALA A 1328 -51.40 22.40 7.73
N ASN A 1329 -51.81 22.93 6.58
CA ASN A 1329 -52.58 22.18 5.59
C ASN A 1329 -51.64 21.38 4.72
N ILE A 1330 -51.93 20.09 4.55
CA ILE A 1330 -51.19 19.33 3.55
C ILE A 1330 -51.41 19.97 2.19
N PRO A 1331 -50.37 20.11 1.33
CA PRO A 1331 -50.59 20.79 0.04
C PRO A 1331 -51.61 20.10 -0.84
N ARG A 1332 -51.93 20.72 -1.96
CA ARG A 1332 -52.73 20.11 -3.01
C ARG A 1332 -51.84 19.89 -4.24
N ALA A 1333 -52.09 18.80 -4.95
CA ALA A 1333 -51.19 18.38 -6.03
C ALA A 1333 -51.07 19.47 -7.09
N ILE A 1334 -49.86 19.62 -7.62
CA ILE A 1334 -49.60 20.71 -8.57
C ILE A 1334 -50.32 20.47 -9.89
N ALA A 1335 -50.56 19.20 -10.24
CA ALA A 1335 -51.26 18.91 -11.51
C ALA A 1335 -52.66 19.54 -11.51
N ASN A 1336 -53.43 19.30 -10.46
CA ASN A 1336 -54.73 19.92 -10.26
C ASN A 1336 -54.74 20.55 -8.86
N ASN A 1337 -54.90 21.87 -8.80
CA ASN A 1337 -54.87 22.56 -7.52
C ASN A 1337 -56.03 22.14 -6.60
N ARG A 1338 -57.06 21.50 -7.14
CA ARG A 1338 -58.16 20.96 -6.35
C ARG A 1338 -57.86 19.57 -5.80
N ASP A 1339 -56.64 19.07 -6.01
CA ASP A 1339 -56.27 17.69 -5.69
C ASP A 1339 -55.75 17.61 -4.27
N ARG A 1340 -56.60 17.12 -3.36
CA ARG A 1340 -56.13 16.78 -2.02
C ARG A 1340 -55.24 15.55 -2.07
N ILE A 1341 -54.38 15.42 -1.07
CA ILE A 1341 -53.51 14.25 -0.96
C ILE A 1341 -54.31 13.11 -0.34
N ARG A 1342 -54.71 12.15 -1.16
CA ARG A 1342 -55.55 11.03 -0.74
C ARG A 1342 -54.91 9.74 -1.21
N ASN A 1343 -54.39 8.95 -0.27
CA ASN A 1343 -53.81 7.66 -0.59
C ASN A 1343 -53.75 6.83 0.68
N THR A 1344 -53.36 5.56 0.52
CA THR A 1344 -53.13 4.68 1.67
C THR A 1344 -51.90 5.08 2.46
N TRP A 1345 -50.97 5.81 1.86
CA TRP A 1345 -49.79 6.30 2.57
C TRP A 1345 -49.24 7.50 1.81
N ALA A 1346 -48.51 8.35 2.52
CA ALA A 1346 -47.96 9.55 1.93
C ALA A 1346 -46.69 9.96 2.68
N TYR A 1347 -45.72 10.48 1.92
CA TYR A 1347 -44.51 11.06 2.50
C TYR A 1347 -44.76 12.52 2.80
N ILE A 1348 -44.32 12.97 3.98
CA ILE A 1348 -44.53 14.33 4.45
C ILE A 1348 -43.18 14.89 4.87
N LYS A 1349 -42.81 16.04 4.30
CA LYS A 1349 -41.46 16.59 4.44
C LYS A 1349 -41.56 18.04 4.92
N LEU A 1350 -41.15 18.28 6.16
CA LEU A 1350 -40.95 19.62 6.70
C LEU A 1350 -39.49 20.02 6.54
N GLY A 1351 -39.26 21.32 6.37
CA GLY A 1351 -37.91 21.83 6.28
C GLY A 1351 -37.80 23.31 5.95
N MET A 1352 -36.83 23.98 6.58
CA MET A 1352 -36.50 25.36 6.24
C MET A 1352 -35.57 25.37 5.05
N ASN A 1353 -35.93 26.14 4.00
CA ASN A 1353 -35.06 26.32 2.85
C ASN A 1353 -34.85 27.80 2.52
N THR A 1354 -35.08 28.70 3.50
CA THR A 1354 -34.74 30.11 3.39
C THR A 1354 -33.59 30.42 4.34
N PRO A 1355 -32.65 31.30 3.96
CA PRO A 1355 -31.54 31.62 4.88
C PRO A 1355 -32.04 32.11 6.23
N ASN A 1356 -31.41 31.59 7.29
CA ASN A 1356 -31.72 31.96 8.66
C ASN A 1356 -30.72 31.27 9.58
N THR A 1357 -30.54 31.83 10.77
CA THR A 1357 -29.66 31.27 11.80
C THR A 1357 -30.45 31.20 13.11
N TYR A 1358 -31.23 30.13 13.25
CA TYR A 1358 -32.02 29.88 14.45
C TYR A 1358 -31.90 28.41 14.82
N ARG A 1359 -32.11 28.11 16.10
CA ARG A 1359 -32.25 26.73 16.55
C ARG A 1359 -33.73 26.40 16.65
N THR A 1360 -34.14 25.33 15.97
CA THR A 1360 -35.55 24.97 15.82
C THR A 1360 -35.76 23.61 16.49
N GLU A 1361 -36.24 23.62 17.72
CA GLU A 1361 -36.59 22.39 18.42
C GLU A 1361 -37.95 21.91 17.93
N PHE A 1362 -37.98 20.73 17.32
CA PHE A 1362 -39.16 20.20 16.65
C PHE A 1362 -39.55 18.91 17.37
N HIS A 1363 -40.52 19.00 18.28
CA HIS A 1363 -40.79 17.92 19.21
C HIS A 1363 -41.56 16.77 18.55
N ASP A 1364 -42.77 17.04 18.09
CA ASP A 1364 -43.69 16.01 17.64
C ASP A 1364 -44.45 16.50 16.41
N ALA A 1365 -45.27 15.63 15.84
CA ALA A 1365 -46.08 15.99 14.68
C ALA A 1365 -47.24 15.00 14.56
N ILE A 1366 -48.46 15.50 14.70
CA ILE A 1366 -49.67 14.70 14.54
C ILE A 1366 -50.24 14.96 13.16
N ILE A 1367 -50.86 13.93 12.58
CA ILE A 1367 -51.42 13.98 11.23
C ILE A 1367 -52.91 13.64 11.34
N HIS A 1368 -53.76 14.65 11.15
CA HIS A 1368 -55.20 14.44 11.12
C HIS A 1368 -55.62 14.01 9.73
N TYR A 1369 -56.44 12.96 9.67
CA TYR A 1369 -56.89 12.40 8.40
C TYR A 1369 -58.32 11.89 8.55
N PHE A 1370 -58.92 11.55 7.41
CA PHE A 1370 -60.29 11.06 7.35
C PHE A 1370 -60.27 9.73 6.62
N ALA A 1371 -60.55 8.65 7.36
CA ALA A 1371 -60.60 7.30 6.79
C ALA A 1371 -62.02 6.78 6.82
N UNK B 1 -27.82 4.74 28.19
CA UNK B 1 -28.95 3.97 27.62
C UNK B 1 -30.30 4.56 28.03
N UNK B 2 -30.41 5.89 27.98
CA UNK B 2 -31.65 6.56 28.33
C UNK B 2 -32.68 6.51 27.20
N UNK B 3 -32.23 6.51 25.94
CA UNK B 3 -33.16 6.45 24.83
C UNK B 3 -33.95 5.14 24.83
N UNK B 4 -33.27 4.02 25.11
CA UNK B 4 -33.95 2.73 25.14
C UNK B 4 -35.01 2.70 26.25
N UNK B 5 -34.68 3.21 27.43
CA UNK B 5 -35.63 3.20 28.54
C UNK B 5 -36.85 4.05 28.23
N UNK B 6 -36.66 5.21 27.59
CA UNK B 6 -37.79 6.06 27.25
C UNK B 6 -38.64 5.45 26.13
N UNK B 7 -38.00 4.88 25.12
CA UNK B 7 -38.74 4.25 24.03
C UNK B 7 -39.52 3.04 24.52
N UNK B 8 -38.98 2.31 25.50
CA UNK B 8 -39.70 1.17 26.07
C UNK B 8 -40.91 1.60 26.90
N UNK B 9 -41.05 2.90 27.21
CA UNK B 9 -42.18 3.43 27.95
C UNK B 9 -43.08 4.29 27.07
N UNK B 10 -43.09 4.01 25.77
CA UNK B 10 -43.90 4.76 24.81
C UNK B 10 -43.59 6.25 24.87
N UNK B 11 -42.29 6.57 24.86
CA UNK B 11 -41.82 7.95 24.89
C UNK B 11 -42.32 8.68 26.13
N UNK B 12 -42.18 8.04 27.28
CA UNK B 12 -42.61 8.60 28.55
C UNK B 12 -44.11 8.88 28.53
N UNK B 13 -44.89 7.94 28.00
CA UNK B 13 -46.34 7.96 27.89
C UNK B 13 -46.84 8.89 26.79
N UNK B 14 -45.95 9.52 26.02
CA UNK B 14 -46.35 10.43 24.94
C UNK B 14 -47.23 11.56 25.46
N MET C 1 -76.86 25.52 -14.16
CA MET C 1 -75.45 25.05 -14.09
C MET C 1 -75.18 24.02 -15.18
N ASN C 2 -74.27 24.34 -16.10
CA ASN C 2 -73.91 23.38 -17.14
C ASN C 2 -73.24 22.16 -16.51
N VAL C 3 -73.11 21.11 -17.31
CA VAL C 3 -72.68 19.81 -16.80
C VAL C 3 -71.28 19.88 -16.19
N ASN C 4 -70.41 20.75 -16.73
CA ASN C 4 -69.10 20.90 -16.13
C ASN C 4 -69.20 21.40 -14.70
N GLU C 5 -70.08 22.37 -14.45
CA GLU C 5 -70.32 22.83 -13.08
C GLU C 5 -70.93 21.72 -12.24
N PHE C 6 -71.82 20.91 -12.82
CA PHE C 6 -72.38 19.78 -12.10
C PHE C 6 -71.27 18.86 -11.58
N SER C 7 -70.36 18.47 -12.46
CA SER C 7 -69.26 17.58 -12.05
C SER C 7 -68.33 18.25 -11.06
N ASN C 8 -68.01 19.52 -11.29
CA ASN C 8 -67.10 20.22 -10.38
C ASN C 8 -67.68 20.35 -8.98
N GLU C 9 -68.96 20.69 -8.88
CA GLU C 9 -69.58 20.79 -7.57
C GLU C 9 -69.78 19.41 -6.93
N PHE C 10 -70.04 18.39 -7.74
CA PHE C 10 -70.01 17.02 -7.23
C PHE C 10 -68.65 16.73 -6.60
N ASP C 11 -67.57 17.20 -7.24
CA ASP C 11 -66.24 17.02 -6.67
C ASP C 11 -66.08 17.80 -5.37
N VAL C 12 -66.61 19.01 -5.33
CA VAL C 12 -66.48 19.85 -4.14
C VAL C 12 -67.18 19.22 -2.95
N LEU C 13 -68.35 18.63 -3.17
CA LEU C 13 -69.16 18.10 -2.07
C LEU C 13 -68.91 16.64 -1.74
N TYR C 14 -68.40 15.82 -2.66
CA TYR C 14 -68.18 14.40 -2.41
C TYR C 14 -66.71 14.03 -2.27
N ASN C 15 -65.79 14.93 -2.58
CA ASN C 15 -64.35 14.74 -2.39
C ASN C 15 -63.76 13.66 -3.30
N ASN C 16 -64.47 13.24 -4.34
CA ASN C 16 -63.87 12.39 -5.35
C ASN C 16 -62.84 13.21 -6.14
N ILE C 17 -61.91 12.51 -6.79
CA ILE C 17 -60.72 13.15 -7.34
C ILE C 17 -60.75 13.02 -8.87
N MET C 18 -60.32 14.10 -9.53
CA MET C 18 -60.38 14.23 -10.99
C MET C 18 -59.25 13.49 -11.71
N SER C 19 -58.23 13.02 -11.00
CA SER C 19 -57.07 12.42 -11.63
C SER C 19 -57.36 10.97 -12.00
N ASN C 20 -56.80 10.53 -13.13
CA ASN C 20 -57.00 9.17 -13.61
C ASN C 20 -55.94 8.21 -13.11
N ALA C 21 -54.91 8.69 -12.42
CA ALA C 21 -53.95 7.76 -11.80
C ALA C 21 -54.62 6.99 -10.68
N ALA C 22 -55.30 7.69 -9.77
CA ALA C 22 -56.19 7.07 -8.80
C ALA C 22 -57.61 7.17 -9.33
N PRO C 23 -58.20 6.08 -9.88
CA PRO C 23 -59.56 6.18 -10.40
C PRO C 23 -60.55 6.52 -9.30
N GLY C 24 -61.14 7.70 -9.38
CA GLY C 24 -62.11 8.12 -8.39
C GLY C 24 -63.50 7.72 -8.83
N LEU C 25 -64.31 8.72 -9.18
CA LEU C 25 -65.66 8.53 -9.67
C LEU C 25 -65.71 8.93 -11.14
N ASN C 26 -65.99 7.94 -12.00
CA ASN C 26 -66.01 8.20 -13.43
C ASN C 26 -67.17 9.12 -13.81
N GLU C 27 -67.01 9.78 -14.97
CA GLU C 27 -68.06 10.67 -15.44
C GLU C 27 -69.32 9.89 -15.80
N TYR C 28 -69.18 8.65 -16.26
CA TYR C 28 -70.35 7.80 -16.49
C TYR C 28 -71.11 7.56 -15.20
N GLU C 29 -70.39 7.30 -14.11
CA GLU C 29 -71.03 7.02 -12.83
C GLU C 29 -71.79 8.25 -12.33
N LYS C 30 -71.16 9.41 -12.40
CA LYS C 30 -71.83 10.64 -11.98
C LYS C 30 -73.02 10.95 -12.88
N SER C 31 -72.89 10.68 -14.18
CA SER C 31 -74.02 10.88 -15.09
C SER C 31 -75.19 9.99 -14.71
N VAL C 32 -74.92 8.72 -14.41
CA VAL C 32 -75.98 7.79 -14.01
C VAL C 32 -76.64 8.29 -12.72
N LEU C 33 -75.83 8.68 -11.74
CA LEU C 33 -76.38 9.11 -10.47
C LEU C 33 -77.20 10.38 -10.63
N LEU C 34 -76.76 11.31 -11.47
CA LEU C 34 -77.52 12.54 -11.69
C LEU C 34 -78.82 12.26 -12.43
N THR C 35 -78.80 11.33 -13.39
CA THR C 35 -80.04 10.96 -14.07
C THR C 35 -81.04 10.37 -13.09
N LYS C 36 -80.57 9.45 -12.25
CA LYS C 36 -81.46 8.86 -11.24
C LYS C 36 -81.95 9.93 -10.27
N ALA C 37 -81.08 10.87 -9.90
CA ALA C 37 -81.45 11.92 -8.97
C ALA C 37 -82.53 12.82 -9.54
N GLN C 38 -82.40 13.22 -10.81
CA GLN C 38 -83.43 14.06 -11.41
C GLN C 38 -84.74 13.30 -11.58
N GLU C 39 -84.68 12.01 -11.94
CA GLU C 39 -85.90 11.23 -12.02
C GLU C 39 -86.59 11.15 -10.67
N GLU C 40 -85.81 10.90 -9.61
CA GLU C 40 -86.37 10.83 -8.26
C GLU C 40 -86.96 12.16 -7.83
N ILE C 41 -86.26 13.26 -8.14
CA ILE C 41 -86.76 14.58 -7.76
C ILE C 41 -88.07 14.87 -8.48
N VAL C 42 -88.17 14.52 -9.77
CA VAL C 42 -89.41 14.72 -10.50
C VAL C 42 -90.53 13.92 -9.85
N LYS C 43 -90.28 12.64 -9.56
CA LYS C 43 -91.34 11.80 -9.01
C LYS C 43 -91.74 12.23 -7.60
N ASN C 44 -90.82 12.81 -6.84
CA ASN C 44 -91.13 13.23 -5.47
C ASN C 44 -91.79 14.59 -5.41
N TYR C 45 -91.39 15.53 -6.28
CA TYR C 45 -91.99 16.84 -6.31
C TYR C 45 -93.28 16.88 -7.10
N PHE C 46 -93.56 15.84 -7.90
CA PHE C 46 -94.86 15.73 -8.55
C PHE C 46 -95.92 15.25 -7.58
N GLU C 47 -95.72 14.08 -6.99
CA GLU C 47 -96.63 13.57 -5.99
C GLU C 47 -96.47 14.39 -4.71
N PRO C 48 -97.52 14.99 -4.15
CA PRO C 48 -97.33 15.80 -2.95
C PRO C 48 -96.80 15.02 -1.76
N ALA C 49 -97.16 13.75 -1.63
CA ALA C 49 -96.76 12.95 -0.48
C ALA C 49 -95.35 12.38 -0.59
N GLY C 50 -94.65 12.64 -1.69
CA GLY C 50 -93.30 12.13 -1.86
C GLY C 50 -92.24 13.02 -1.25
N ASN C 51 -92.55 14.30 -1.06
CA ASN C 51 -91.63 15.27 -0.50
C ASN C 51 -91.98 15.54 0.95
N LYS C 52 -91.27 16.48 1.58
CA LYS C 52 -91.48 16.80 2.98
C LYS C 52 -92.50 17.90 3.21
N TYR C 53 -92.85 18.67 2.18
CA TYR C 53 -93.78 19.78 2.32
C TYR C 53 -95.23 19.40 2.07
N GLY C 54 -95.48 18.25 1.46
CA GLY C 54 -96.84 17.89 1.12
C GLY C 54 -97.41 18.69 -0.03
N LYS C 55 -96.58 19.01 -1.02
CA LYS C 55 -96.98 19.86 -2.14
C LYS C 55 -96.50 19.25 -3.44
N GLY C 56 -97.38 19.16 -4.43
CA GLY C 56 -97.11 18.46 -5.66
C GLY C 56 -96.71 19.33 -6.82
N LEU C 57 -97.50 19.31 -7.90
CA LEU C 57 -97.14 20.04 -9.11
C LEU C 57 -97.55 21.50 -9.03
N ASP C 58 -98.84 21.76 -8.78
CA ASP C 58 -99.43 23.08 -8.82
C ASP C 58 -99.94 23.51 -7.45
N ASP C 59 -99.16 23.21 -6.41
CA ASP C 59 -99.47 23.61 -5.05
C ASP C 59 -98.60 24.75 -4.54
N SER C 60 -97.60 25.18 -5.30
CA SER C 60 -96.79 26.32 -4.94
C SER C 60 -96.08 26.83 -6.19
N PRO C 61 -95.66 28.10 -6.22
CA PRO C 61 -94.92 28.58 -7.40
C PRO C 61 -93.62 27.85 -7.63
N LYS C 62 -92.94 27.41 -6.57
CA LYS C 62 -91.64 26.76 -6.73
C LYS C 62 -91.78 25.46 -7.51
N ARG C 63 -92.81 24.67 -7.21
CA ARG C 63 -93.05 23.46 -7.99
C ARG C 63 -93.37 23.79 -9.44
N GLN C 64 -94.11 24.88 -9.66
CA GLN C 64 -94.43 25.30 -11.03
C GLN C 64 -93.17 25.60 -11.81
N ILE C 65 -92.24 26.36 -11.23
CA ILE C 65 -91.00 26.65 -11.92
C ILE C 65 -90.15 25.39 -12.05
N ASP C 66 -90.26 24.46 -11.10
CA ASP C 66 -89.51 23.22 -11.19
C ASP C 66 -89.94 22.41 -12.42
N PHE C 67 -91.25 22.30 -12.64
CA PHE C 67 -91.78 21.50 -13.74
C PHE C 67 -92.07 22.31 -15.00
N SER C 68 -91.72 23.60 -15.03
CA SER C 68 -92.02 24.43 -16.20
C SER C 68 -91.38 23.87 -17.47
N GLU C 69 -90.08 23.58 -17.43
CA GLU C 69 -89.36 23.19 -18.64
C GLU C 69 -89.56 21.74 -19.04
N LEU C 70 -90.51 21.03 -18.42
CA LEU C 70 -90.93 19.72 -18.87
C LEU C 70 -92.34 19.69 -19.43
N ILE C 71 -93.18 20.67 -19.08
CA ILE C 71 -94.55 20.70 -19.58
C ILE C 71 -94.54 20.85 -21.09
N LYS C 72 -95.19 19.91 -21.78
CA LYS C 72 -95.29 19.88 -23.22
C LYS C 72 -96.74 19.68 -23.61
N VAL C 73 -97.16 20.33 -24.69
CA VAL C 73 -98.51 20.18 -25.24
C VAL C 73 -98.37 19.59 -26.63
N GLY C 74 -99.04 18.47 -26.88
CA GLY C 74 -98.97 17.80 -28.16
C GLY C 74 -100.30 17.15 -28.49
N GLU C 75 -100.45 16.83 -29.78
CA GLU C 75 -101.66 16.22 -30.29
C GLU C 75 -101.52 14.71 -30.36
N GLY C 76 -102.64 14.02 -30.13
CA GLY C 76 -102.68 12.57 -30.28
C GLY C 76 -102.99 12.18 -31.71
N VAL C 77 -102.38 11.09 -32.16
CA VAL C 77 -102.50 10.60 -33.53
C VAL C 77 -103.39 9.37 -33.53
N LEU C 78 -104.33 9.32 -34.46
CA LEU C 78 -105.24 8.19 -34.56
C LEU C 78 -104.48 6.90 -34.84
N ASN C 79 -104.90 5.82 -34.20
CA ASN C 79 -104.29 4.51 -34.34
C ASN C 79 -105.02 3.64 -35.36
N THR C 80 -105.61 4.27 -36.40
CA THR C 80 -106.32 3.52 -37.43
C THR C 80 -105.39 2.66 -38.28
N SER C 81 -104.07 2.86 -38.20
CA SER C 81 -103.14 2.03 -38.96
C SER C 81 -103.28 0.56 -38.58
N ALA C 82 -103.31 0.28 -37.28
CA ALA C 82 -103.46 -1.08 -36.79
C ALA C 82 -104.93 -1.37 -36.50
N PRO C 83 -105.55 -2.38 -37.14
CA PRO C 83 -106.98 -2.65 -36.82
C PRO C 83 -107.13 -3.56 -35.61
N THR C 84 -106.73 -3.04 -34.45
CA THR C 84 -106.79 -3.79 -33.21
C THR C 84 -108.23 -3.86 -32.70
N ILE C 85 -108.40 -4.47 -31.53
CA ILE C 85 -109.71 -4.65 -30.90
C ILE C 85 -109.75 -3.77 -29.66
N THR C 86 -110.87 -3.07 -29.49
CA THR C 86 -111.09 -2.20 -28.33
C THR C 86 -112.04 -2.87 -27.34
N PHE C 87 -112.07 -2.31 -26.13
CA PHE C 87 -112.94 -2.82 -25.08
C PHE C 87 -114.34 -2.22 -25.13
N ASP C 88 -114.49 -1.02 -25.70
CA ASP C 88 -115.77 -0.37 -25.86
C ASP C 88 -116.12 -0.26 -27.35
N LYS C 89 -117.42 -0.12 -27.62
CA LYS C 89 -117.90 -0.10 -28.99
C LYS C 89 -117.59 1.24 -29.66
N ARG C 90 -117.65 2.34 -28.90
CA ARG C 90 -117.47 3.69 -29.43
C ARG C 90 -116.09 4.25 -29.10
N ALA C 91 -115.06 3.41 -29.10
CA ALA C 91 -113.72 3.81 -28.68
C ALA C 91 -112.86 4.06 -29.92
N LYS C 92 -112.38 5.29 -30.06
CA LYS C 92 -111.42 5.65 -31.10
C LYS C 92 -110.03 5.63 -30.48
N VAL C 93 -109.18 4.72 -30.94
CA VAL C 93 -107.85 4.55 -30.37
C VAL C 93 -106.93 5.65 -30.89
N TYR C 94 -106.15 6.24 -29.98
CA TYR C 94 -105.21 7.30 -30.31
C TYR C 94 -103.85 6.99 -29.70
N ASP C 95 -102.80 7.29 -30.45
CA ASP C 95 -101.43 7.11 -29.99
C ASP C 95 -100.91 8.41 -29.39
N LEU C 96 -100.17 8.30 -28.29
CA LEU C 96 -99.63 9.43 -27.57
C LEU C 96 -98.17 9.65 -27.93
N PRO C 97 -97.59 10.79 -27.54
CA PRO C 97 -96.17 11.02 -27.83
C PRO C 97 -95.28 10.02 -27.13
N ALA C 98 -94.12 9.77 -27.74
CA ALA C 98 -93.16 8.81 -27.19
C ALA C 98 -92.47 9.35 -25.95
N ASP C 99 -92.19 10.65 -25.91
CA ASP C 99 -91.51 11.27 -24.77
C ASP C 99 -92.52 11.72 -23.72
N LEU C 100 -93.32 10.75 -23.26
CA LEU C 100 -94.35 10.98 -22.26
C LEU C 100 -93.88 10.48 -20.90
N PHE C 101 -94.03 11.33 -19.88
CA PHE C 101 -93.71 10.99 -18.50
C PHE C 101 -94.95 10.95 -17.62
N LEU C 102 -95.73 12.02 -17.60
CA LEU C 102 -96.94 12.10 -16.80
C LEU C 102 -97.95 12.99 -17.50
N VAL C 103 -99.21 12.55 -17.53
CA VAL C 103 -100.31 13.33 -18.10
C VAL C 103 -100.96 14.13 -16.98
N ILE C 104 -101.25 15.39 -17.25
CA ILE C 104 -101.91 16.27 -16.29
C ILE C 104 -103.17 16.94 -16.84
N ASN C 105 -103.32 17.09 -18.14
CA ASN C 105 -104.53 17.68 -18.72
C ASN C 105 -104.73 17.12 -20.11
N GLU C 106 -105.97 16.76 -20.43
CA GLU C 106 -106.35 16.25 -21.73
C GLU C 106 -107.67 16.89 -22.16
N ALA C 107 -107.78 17.18 -23.45
CA ALA C 107 -109.00 17.76 -24.01
C ALA C 107 -109.23 17.18 -25.40
N VAL C 108 -110.50 17.13 -25.80
CA VAL C 108 -110.91 16.64 -27.11
C VAL C 108 -111.89 17.63 -27.71
N ASP C 109 -111.68 17.98 -28.98
CA ASP C 109 -112.54 18.92 -29.69
C ASP C 109 -113.41 18.14 -30.66
N THR C 110 -114.70 18.04 -30.33
CA THR C 110 -115.68 17.35 -31.16
C THR C 110 -116.56 18.35 -31.89
N ASN C 111 -117.47 17.83 -32.71
CA ASN C 111 -118.41 18.70 -33.41
C ASN C 111 -119.31 19.44 -32.42
N ALA C 112 -119.60 18.83 -31.27
CA ALA C 112 -120.41 19.50 -30.25
C ALA C 112 -119.62 20.61 -29.56
N GLY C 113 -118.33 20.37 -29.31
CA GLY C 113 -117.50 21.36 -28.66
C GLY C 113 -116.40 20.68 -27.87
N THR C 114 -115.48 21.52 -27.36
CA THR C 114 -114.38 21.01 -26.56
C THR C 114 -114.90 20.37 -25.28
N LYS C 115 -114.33 19.22 -24.93
CA LYS C 115 -114.74 18.46 -23.75
C LYS C 115 -113.50 17.95 -23.03
N GLN C 116 -113.33 18.33 -21.78
CA GLN C 116 -112.19 17.88 -21.00
C GLN C 116 -112.30 16.38 -20.75
N ILE C 117 -111.17 15.70 -20.82
CA ILE C 117 -111.11 14.24 -20.68
C ILE C 117 -110.89 13.91 -19.21
N VAL C 118 -111.59 12.88 -18.74
CA VAL C 118 -111.52 12.39 -17.37
C VAL C 118 -110.84 11.04 -17.39
N PRO C 119 -109.67 10.86 -16.74
CA PRO C 119 -109.11 9.49 -16.65
C PRO C 119 -109.88 8.65 -15.65
N ILE C 120 -110.67 7.71 -16.16
CA ILE C 120 -111.59 6.94 -15.34
C ILE C 120 -110.91 5.63 -14.92
N SER C 121 -111.17 5.22 -13.69
CA SER C 121 -110.56 4.01 -13.15
C SER C 121 -111.30 2.77 -13.63
N TYR C 122 -110.66 1.61 -13.46
CA TYR C 122 -111.27 0.35 -13.83
C TYR C 122 -112.54 0.05 -13.03
N SER C 123 -112.66 0.61 -11.81
CA SER C 123 -113.86 0.42 -11.03
C SER C 123 -114.96 1.41 -11.42
N ASP C 124 -114.59 2.67 -11.65
CA ASP C 124 -115.57 3.66 -12.07
C ASP C 124 -116.17 3.31 -13.42
N TYR C 125 -115.38 2.68 -14.31
CA TYR C 125 -115.92 2.24 -15.59
C TYR C 125 -117.06 1.25 -15.38
N THR C 126 -116.81 0.21 -14.58
CA THR C 126 -117.85 -0.76 -14.30
C THR C 126 -119.03 -0.14 -13.57
N ARG C 127 -118.78 0.88 -12.75
CA ARG C 127 -119.86 1.48 -11.96
C ARG C 127 -120.78 2.31 -12.86
N LEU C 128 -120.21 3.12 -13.75
CA LEU C 128 -121.01 3.97 -14.62
C LEU C 128 -121.53 3.25 -15.87
N MET C 129 -120.98 2.09 -16.22
CA MET C 129 -121.48 1.28 -17.31
C MET C 129 -122.54 0.26 -16.86
N SER C 130 -122.93 0.28 -15.59
CA SER C 130 -124.03 -0.54 -15.10
C SER C 130 -125.32 0.25 -14.94
N ARG C 131 -125.40 1.43 -15.56
CA ARG C 131 -126.53 2.34 -15.47
C ARG C 131 -127.27 2.41 -16.81
N PRO C 132 -128.48 3.03 -16.83
CA PRO C 132 -129.21 3.12 -18.10
C PRO C 132 -128.46 3.78 -19.24
N TYR C 133 -128.02 5.03 -19.06
CA TYR C 133 -127.56 5.82 -20.20
C TYR C 133 -126.19 5.35 -20.71
N LYS C 134 -125.27 5.10 -19.79
CA LYS C 134 -123.93 4.61 -20.14
C LYS C 134 -123.18 5.59 -21.05
N GLU C 135 -123.28 6.88 -20.75
CA GLU C 135 -122.54 7.90 -21.47
C GLU C 135 -122.02 8.92 -20.46
N PRO C 136 -120.96 9.69 -20.82
CA PRO C 136 -120.46 10.71 -19.89
C PRO C 136 -121.43 11.87 -19.73
N VAL C 137 -121.05 12.86 -18.94
CA VAL C 137 -121.84 14.08 -18.80
C VAL C 137 -121.62 14.94 -20.03
N LYS C 138 -122.43 15.99 -20.18
CA LYS C 138 -122.44 16.79 -21.40
C LYS C 138 -121.10 17.44 -21.68
N TYR C 139 -120.25 17.65 -20.68
CA TYR C 139 -119.05 18.47 -20.79
C TYR C 139 -117.79 17.69 -20.41
N GLN C 140 -117.81 16.37 -20.56
CA GLN C 140 -116.65 15.55 -20.25
C GLN C 140 -116.61 14.35 -21.19
N ALA C 141 -115.43 13.74 -21.28
CA ALA C 141 -115.21 12.53 -22.05
C ALA C 141 -114.32 11.60 -21.26
N TRP C 142 -114.45 10.30 -21.52
CA TRP C 142 -113.74 9.28 -20.78
C TRP C 142 -112.51 8.81 -21.55
N ARG C 143 -111.56 8.22 -20.82
CA ARG C 143 -110.32 7.75 -21.40
C ARG C 143 -109.81 6.57 -20.58
N ILE C 144 -109.50 5.46 -21.24
CA ILE C 144 -108.92 4.29 -20.61
C ILE C 144 -107.82 3.75 -21.51
N ILE C 145 -106.89 3.02 -20.90
CA ILE C 145 -105.72 2.50 -21.60
C ILE C 145 -106.11 1.22 -22.31
N THR C 146 -105.44 0.93 -23.43
CA THR C 146 -105.69 -0.27 -24.21
C THR C 146 -104.39 -0.94 -24.61
N THR C 147 -104.47 -1.92 -25.52
CA THR C 147 -103.28 -2.63 -25.98
C THR C 147 -102.27 -1.67 -26.57
N SER C 148 -101.08 -1.65 -25.98
CA SER C 148 -99.99 -0.76 -26.40
C SER C 148 -98.79 -1.58 -26.82
N ILE C 149 -98.10 -1.13 -27.86
CA ILE C 149 -96.88 -1.76 -28.36
C ILE C 149 -95.78 -0.71 -28.41
N ASN C 150 -94.86 -0.78 -27.46
CA ASN C 150 -93.74 0.17 -27.30
C ASN C 150 -94.19 1.63 -27.37
N ASN C 151 -95.44 1.88 -27.02
CA ASN C 151 -96.05 3.21 -27.06
C ASN C 151 -97.12 3.25 -25.96
N ILE C 152 -98.00 4.24 -26.02
CA ILE C 152 -99.17 4.32 -25.15
C ILE C 152 -100.38 4.63 -26.02
N SER C 153 -101.37 3.75 -25.99
CA SER C 153 -102.60 3.89 -26.74
C SER C 153 -103.77 4.07 -25.78
N VAL C 154 -104.70 4.95 -26.14
CA VAL C 154 -105.82 5.31 -25.29
C VAL C 154 -107.12 5.15 -26.06
N GLU C 155 -108.11 4.53 -25.43
CA GLU C 155 -109.46 4.46 -25.96
C GLU C 155 -110.23 5.70 -25.54
N LEU C 156 -110.54 6.56 -26.51
CA LEU C 156 -111.27 7.80 -26.24
C LEU C 156 -112.76 7.50 -26.33
N ILE C 157 -113.39 7.32 -25.17
CA ILE C 157 -114.80 6.97 -25.09
C ILE C 157 -115.56 8.27 -24.93
N VAL C 158 -115.94 8.87 -26.05
CA VAL C 158 -116.76 10.07 -26.07
C VAL C 158 -118.20 9.65 -26.36
N ASN C 159 -119.14 10.51 -25.99
CA ASN C 159 -120.56 10.20 -26.18
C ASN C 159 -120.86 9.93 -27.64
N SER C 160 -121.73 8.96 -27.89
CA SER C 160 -122.09 8.59 -29.26
C SER C 160 -122.74 9.77 -29.98
N ASN C 161 -122.92 9.59 -31.29
CA ASN C 161 -123.45 10.63 -32.17
C ASN C 161 -122.52 11.83 -32.29
N GLU C 162 -121.24 11.65 -31.98
CA GLU C 162 -120.25 12.71 -32.06
C GLU C 162 -118.98 12.17 -32.71
N THR C 163 -118.19 13.08 -33.27
CA THR C 163 -116.94 12.74 -33.95
C THR C 163 -115.80 13.52 -33.31
N ILE C 164 -114.64 12.87 -33.23
CA ILE C 164 -113.44 13.46 -32.62
C ILE C 164 -112.61 14.08 -33.74
N THR C 165 -112.33 15.38 -33.60
CA THR C 165 -111.52 16.10 -34.58
C THR C 165 -110.11 16.39 -34.09
N ASP C 166 -109.87 16.40 -32.78
CA ASP C 166 -108.55 16.72 -32.25
C ASP C 166 -108.45 16.09 -30.87
N TYR C 167 -107.20 15.86 -30.44
CA TYR C 167 -106.93 15.29 -29.12
C TYR C 167 -105.61 15.88 -28.62
N LYS C 168 -105.72 16.94 -27.81
CA LYS C 168 -104.55 17.59 -27.23
C LYS C 168 -104.20 16.97 -25.89
N VAL C 169 -102.90 16.89 -25.61
CA VAL C 169 -102.38 16.29 -24.39
C VAL C 169 -101.32 17.23 -23.83
N ARG C 170 -101.60 17.82 -22.67
CA ARG C 170 -100.60 18.59 -21.92
C ARG C 170 -99.95 17.66 -20.91
N TYR C 171 -98.66 17.38 -21.09
CA TYR C 171 -97.97 16.36 -20.30
C TYR C 171 -96.58 16.85 -19.92
N ILE C 172 -96.01 16.17 -18.94
CA ILE C 172 -94.65 16.42 -18.49
C ILE C 172 -93.72 15.58 -19.36
N ARG C 173 -92.83 16.26 -20.10
CA ARG C 173 -91.91 15.56 -20.99
C ARG C 173 -90.93 14.72 -20.19
N ARG C 174 -90.52 13.60 -20.77
CA ARG C 174 -89.54 12.74 -20.15
C ARG C 174 -88.20 13.48 -20.03
N PRO C 175 -87.62 13.62 -18.83
CA PRO C 175 -86.36 14.35 -18.73
C PRO C 175 -85.23 13.65 -19.47
N ALA C 176 -84.35 14.44 -20.05
CA ALA C 176 -83.20 13.91 -20.77
C ALA C 176 -82.06 13.61 -19.78
N PRO C 177 -81.13 12.74 -20.16
CA PRO C 177 -80.04 12.39 -19.23
C PRO C 177 -79.10 13.56 -19.00
N ILE C 178 -78.41 13.51 -17.86
CA ILE C 178 -77.38 14.47 -17.50
C ILE C 178 -76.04 13.76 -17.70
N ILE C 179 -75.32 14.15 -18.76
CA ILE C 179 -74.06 13.53 -19.12
C ILE C 179 -73.00 14.62 -19.19
N THR C 180 -71.86 14.38 -18.55
CA THR C 180 -70.80 15.38 -18.43
C THR C 180 -69.78 15.33 -19.55
N THR C 181 -69.63 14.20 -20.23
CA THR C 181 -68.61 14.05 -21.26
C THR C 181 -69.07 12.99 -22.25
N ASN C 182 -68.47 13.03 -23.44
CA ASN C 182 -68.74 12.01 -24.45
C ASN C 182 -68.27 10.66 -23.94
N LEU C 183 -69.21 9.80 -23.56
CA LEU C 183 -68.85 8.52 -22.96
C LEU C 183 -68.14 7.60 -23.94
N SER C 184 -68.33 7.80 -25.24
CA SER C 184 -67.70 6.94 -26.24
C SER C 184 -66.18 7.07 -26.27
N SER C 185 -65.63 8.14 -25.69
CA SER C 185 -64.19 8.34 -25.74
C SER C 185 -63.45 7.27 -24.93
N GLU C 186 -63.71 7.22 -23.63
CA GLU C 186 -63.05 6.24 -22.76
C GLU C 186 -63.84 4.95 -22.63
N TYR C 187 -65.16 5.03 -22.68
CA TYR C 187 -66.04 3.90 -22.40
C TYR C 187 -66.66 3.44 -23.72
N GLY C 188 -66.51 2.15 -24.01
CA GLY C 188 -66.86 1.60 -25.32
C GLY C 188 -68.25 1.91 -25.83
N ASP C 189 -69.27 1.35 -25.17
CA ASP C 189 -70.65 1.49 -25.64
C ASP C 189 -71.63 1.67 -24.48
N VAL C 190 -71.19 2.34 -23.42
CA VAL C 190 -72.07 2.59 -22.28
C VAL C 190 -72.99 3.75 -22.61
N THR C 191 -74.25 3.63 -22.19
CA THR C 191 -75.25 4.68 -22.40
C THR C 191 -76.08 4.82 -21.14
N ILE C 192 -76.80 5.95 -21.06
CA ILE C 192 -77.62 6.25 -19.90
C ILE C 192 -79.08 5.92 -20.23
N ASN C 193 -79.61 6.57 -21.27
CA ASN C 193 -80.95 6.30 -21.77
C ASN C 193 -80.94 6.28 -23.29
N GLY C 194 -79.95 5.62 -23.88
CA GLY C 194 -79.75 5.66 -25.31
C GLY C 194 -78.94 6.83 -25.81
N VAL C 195 -78.28 7.58 -24.92
CA VAL C 195 -77.46 8.73 -25.27
C VAL C 195 -76.03 8.45 -24.83
N SER C 196 -75.07 8.82 -25.68
CA SER C 196 -73.65 8.62 -25.41
C SER C 196 -72.85 9.92 -25.35
N THR C 197 -73.38 11.03 -25.87
CA THR C 197 -72.68 12.30 -25.88
C THR C 197 -73.13 13.16 -24.71
N VAL C 198 -72.59 14.38 -24.64
CA VAL C 198 -72.98 15.31 -23.58
C VAL C 198 -74.44 15.68 -23.75
N SER C 199 -75.19 15.66 -22.65
CA SER C 199 -76.61 15.98 -22.63
C SER C 199 -76.84 16.95 -21.46
N GLU C 200 -76.79 18.24 -21.76
CA GLU C 200 -77.00 19.24 -20.72
C GLU C 200 -78.41 19.12 -20.16
N CYS C 201 -78.52 19.33 -18.85
CA CYS C 201 -79.80 19.16 -18.17
C CYS C 201 -80.84 20.11 -18.74
N GLU C 202 -82.05 19.58 -18.99
CA GLU C 202 -83.13 20.34 -19.63
C GLU C 202 -84.14 20.86 -18.62
N LEU C 203 -83.73 21.04 -17.36
CA LEU C 203 -84.62 21.48 -16.30
C LEU C 203 -84.21 22.85 -15.80
N ASN C 204 -85.08 23.44 -14.99
CA ASN C 204 -84.84 24.79 -14.51
C ASN C 204 -83.68 24.78 -13.51
N PRO C 205 -82.89 25.89 -13.43
CA PRO C 205 -81.83 25.94 -12.41
C PRO C 205 -82.31 25.88 -10.96
N ILE C 206 -83.62 25.93 -10.73
CA ILE C 206 -84.12 25.88 -9.35
C ILE C 206 -83.73 24.57 -8.69
N ILE C 207 -83.99 23.45 -9.36
CA ILE C 207 -83.80 22.13 -8.74
C ILE C 207 -82.48 21.48 -9.13
N HIS C 208 -81.58 22.25 -9.77
CA HIS C 208 -80.25 21.73 -10.03
C HIS C 208 -79.53 21.40 -8.74
N SER C 209 -79.66 22.28 -7.73
CA SER C 209 -79.02 22.02 -6.44
C SER C 209 -79.61 20.80 -5.75
N GLU C 210 -80.93 20.62 -5.83
CA GLU C 210 -81.53 19.43 -5.25
C GLU C 210 -81.04 18.17 -5.94
N ILE C 211 -80.92 18.22 -7.27
CA ILE C 211 -80.41 17.08 -8.02
C ILE C 211 -78.98 16.77 -7.58
N LEU C 212 -78.15 17.80 -7.44
CA LEU C 212 -76.77 17.59 -7.03
C LEU C 212 -76.69 16.97 -5.64
N GLN C 213 -77.47 17.51 -4.70
CA GLN C 213 -77.44 16.98 -3.34
C GLN C 213 -77.92 15.53 -3.30
N ARG C 214 -78.98 15.22 -4.04
CA ARG C 214 -79.48 13.85 -4.07
C ARG C 214 -78.46 12.91 -4.70
N ALA C 215 -77.78 13.37 -5.76
CA ALA C 215 -76.76 12.55 -6.38
C ALA C 215 -75.60 12.28 -5.42
N VAL C 216 -75.20 13.31 -4.65
CA VAL C 216 -74.13 13.12 -3.68
C VAL C 216 -74.56 12.13 -2.60
N GLU C 217 -75.80 12.25 -2.11
CA GLU C 217 -76.29 11.32 -1.10
C GLU C 217 -76.33 9.90 -1.63
N LEU C 218 -76.80 9.73 -2.87
CA LEU C 218 -76.83 8.40 -3.48
C LEU C 218 -75.42 7.83 -3.64
N ALA C 219 -74.46 8.67 -4.04
CA ALA C 219 -73.09 8.21 -4.19
C ALA C 219 -72.53 7.75 -2.85
N LYS C 220 -72.75 8.53 -1.80
CA LYS C 220 -72.25 8.16 -0.48
C LYS C 220 -72.89 6.86 -0.01
N ALA C 221 -74.20 6.71 -0.22
CA ALA C 221 -74.88 5.50 0.23
C ALA C 221 -74.48 4.28 -0.59
N ALA C 222 -74.14 4.49 -1.86
CA ALA C 222 -73.69 3.38 -2.70
C ALA C 222 -72.29 2.93 -2.31
N TYR C 223 -71.38 3.87 -2.08
CA TYR C 223 -70.04 3.48 -1.65
C TYR C 223 -70.05 2.89 -0.24
N GLN C 224 -70.98 3.33 0.61
CA GLN C 224 -71.10 2.73 1.92
C GLN C 224 -71.45 1.24 1.81
N GLY C 225 -72.37 0.90 0.91
CA GLY C 225 -72.74 -0.48 0.67
C GLY C 225 -73.67 -1.09 1.70
N ASP C 226 -74.07 -0.33 2.72
CA ASP C 226 -74.96 -0.87 3.74
C ASP C 226 -76.35 -1.09 3.16
N LEU C 227 -76.96 -2.23 3.52
CA LEU C 227 -78.30 -2.53 3.05
C LEU C 227 -79.31 -1.53 3.61
N GLN C 228 -79.15 -1.14 4.87
CA GLN C 228 -80.11 -0.23 5.49
C GLN C 228 -80.16 1.10 4.75
N ALA C 229 -78.99 1.66 4.40
CA ALA C 229 -78.96 2.90 3.64
C ALA C 229 -79.59 2.70 2.25
N SER C 230 -79.33 1.55 1.63
CA SER C 230 -79.88 1.28 0.31
C SER C 230 -81.40 1.30 0.34
N VAL C 231 -82.00 0.60 1.33
CA VAL C 231 -83.45 0.61 1.44
C VAL C 231 -83.98 1.99 1.80
N GLU C 232 -83.29 2.68 2.72
CA GLU C 232 -83.77 3.97 3.17
C GLU C 232 -83.81 4.99 2.03
N LEU C 233 -82.80 4.96 1.16
CA LEU C 233 -82.77 5.86 0.01
C LEU C 233 -83.43 5.29 -1.23
N GLY C 234 -83.88 4.03 -1.19
CA GLY C 234 -84.74 3.51 -2.22
C GLY C 234 -86.19 3.80 -1.93
N GLN C 235 -86.50 4.09 -0.65
CA GLN C 235 -87.83 4.59 -0.30
C GLN C 235 -88.17 5.84 -1.11
N ARG C 236 -87.17 6.68 -1.41
CA ARG C 236 -87.36 7.89 -2.18
C ARG C 236 -87.20 7.68 -3.68
N SER C 237 -87.31 6.42 -4.13
CA SER C 237 -87.20 6.10 -5.55
C SER C 237 -88.55 6.12 -6.26
N GLU C 238 -89.54 6.81 -5.70
CA GLU C 238 -90.88 6.82 -6.26
C GLU C 238 -91.61 8.09 -5.82
N MET D 1 -71.72 42.03 3.73
CA MET D 1 -70.24 41.84 3.83
C MET D 1 -69.65 41.61 2.46
N ASN D 2 -68.40 42.06 2.28
CA ASN D 2 -67.70 41.82 1.04
C ASN D 2 -67.32 40.35 0.91
N VAL D 3 -66.95 39.95 -0.31
CA VAL D 3 -66.59 38.56 -0.56
C VAL D 3 -65.34 38.19 0.22
N ASN D 4 -64.38 39.11 0.32
CA ASN D 4 -63.22 38.89 1.19
C ASN D 4 -63.64 38.72 2.64
N GLU D 5 -64.57 39.57 3.09
CA GLU D 5 -65.12 39.41 4.44
C GLU D 5 -65.83 38.08 4.58
N PHE D 6 -66.57 37.66 3.53
CA PHE D 6 -67.21 36.35 3.55
C PHE D 6 -66.19 35.25 3.78
N SER D 7 -65.10 35.27 3.01
CA SER D 7 -64.09 34.21 3.13
C SER D 7 -63.43 34.23 4.50
N ASN D 8 -63.06 35.41 4.98
CA ASN D 8 -62.35 35.50 6.25
C ASN D 8 -63.24 35.09 7.42
N GLU D 9 -64.51 35.54 7.42
CA GLU D 9 -65.40 35.11 8.49
C GLU D 9 -65.77 33.64 8.36
N PHE D 10 -65.79 33.12 7.12
CA PHE D 10 -66.01 31.70 6.92
C PHE D 10 -64.86 30.88 7.51
N ASP D 11 -63.63 31.37 7.37
CA ASP D 11 -62.48 30.71 7.97
C ASP D 11 -62.36 31.01 9.46
N VAL D 12 -63.11 31.99 9.98
CA VAL D 12 -63.19 32.19 11.42
C VAL D 12 -64.27 31.33 12.06
N LEU D 13 -65.29 30.90 11.30
CA LEU D 13 -66.34 30.04 11.82
C LEU D 13 -66.03 28.57 11.55
N TYR D 14 -65.91 28.19 10.28
CA TYR D 14 -65.23 26.97 9.90
C TYR D 14 -63.72 27.18 10.08
N ASN D 15 -62.97 26.07 10.07
CA ASN D 15 -61.54 26.09 10.34
C ASN D 15 -61.27 26.50 11.78
N ASN D 16 -62.18 26.11 12.67
CA ASN D 16 -62.20 26.59 14.04
C ASN D 16 -62.19 28.12 14.00
N ILE D 17 -61.53 28.77 14.96
CA ILE D 17 -61.23 30.20 14.85
C ILE D 17 -59.83 30.29 14.25
N MET D 18 -59.77 30.17 12.92
CA MET D 18 -58.55 30.33 12.12
C MET D 18 -57.35 29.62 12.76
N SER D 19 -57.55 28.37 13.17
CA SER D 19 -56.52 27.56 13.78
C SER D 19 -55.89 26.56 12.81
N ASN D 20 -56.41 26.45 11.59
CA ASN D 20 -55.93 25.46 10.62
C ASN D 20 -56.07 24.03 11.17
N ALA D 21 -57.13 23.81 11.96
CA ALA D 21 -57.36 22.53 12.64
C ALA D 21 -58.48 21.73 12.00
N ALA D 22 -58.94 22.11 10.81
CA ALA D 22 -59.96 21.39 10.07
C ALA D 22 -59.55 21.34 8.61
N PRO D 23 -60.16 20.44 7.81
CA PRO D 23 -59.82 20.33 6.38
C PRO D 23 -59.71 21.66 5.65
N GLY D 24 -58.55 21.91 5.05
CA GLY D 24 -58.37 23.15 4.31
C GLY D 24 -59.34 23.26 3.15
N LEU D 25 -59.88 24.46 2.95
CA LEU D 25 -60.89 24.73 1.93
C LEU D 25 -60.37 25.76 0.95
N ASN D 26 -60.60 25.51 -0.34
CA ASN D 26 -60.17 26.40 -1.39
C ASN D 26 -61.19 27.52 -1.60
N GLU D 27 -60.79 28.51 -2.41
CA GLU D 27 -61.70 29.63 -2.71
C GLU D 27 -62.83 29.20 -3.63
N TYR D 28 -62.55 28.32 -4.60
CA TYR D 28 -63.62 27.81 -5.45
C TYR D 28 -64.65 27.04 -4.64
N GLU D 29 -64.18 26.18 -3.72
CA GLU D 29 -65.11 25.41 -2.91
C GLU D 29 -65.93 26.31 -2.00
N LYS D 30 -65.30 27.34 -1.43
CA LYS D 30 -66.03 28.29 -0.61
C LYS D 30 -67.08 29.04 -1.42
N SER D 31 -66.73 29.45 -2.65
CA SER D 31 -67.72 30.10 -3.50
C SER D 31 -68.88 29.18 -3.82
N VAL D 32 -68.59 27.92 -4.13
CA VAL D 32 -69.65 26.96 -4.43
C VAL D 32 -70.57 26.80 -3.23
N LEU D 33 -69.99 26.64 -2.04
CA LEU D 33 -70.81 26.42 -0.85
C LEU D 33 -71.62 27.66 -0.50
N LEU D 34 -71.06 28.85 -0.71
CA LEU D 34 -71.82 30.07 -0.45
C LEU D 34 -72.99 30.21 -1.43
N THR D 35 -72.77 29.88 -2.70
CA THR D 35 -73.87 29.92 -3.66
C THR D 35 -74.96 28.93 -3.27
N LYS D 36 -74.57 27.70 -2.96
CA LYS D 36 -75.55 26.72 -2.50
C LYS D 36 -76.29 27.22 -1.28
N ALA D 37 -75.57 27.86 -0.36
CA ALA D 37 -76.19 28.37 0.86
C ALA D 37 -77.22 29.44 0.54
N GLN D 38 -76.92 30.36 -0.37
CA GLN D 38 -77.88 31.43 -0.64
C GLN D 38 -79.12 30.89 -1.33
N GLU D 39 -78.96 29.94 -2.27
CA GLU D 39 -80.15 29.27 -2.81
C GLU D 39 -80.95 28.57 -1.71
N GLU D 40 -80.28 27.87 -0.79
CA GLU D 40 -81.00 27.16 0.26
C GLU D 40 -81.76 28.12 1.16
N ILE D 41 -81.13 29.23 1.56
CA ILE D 41 -81.81 30.20 2.42
C ILE D 41 -82.98 30.83 1.69
N VAL D 42 -82.83 31.15 0.41
CA VAL D 42 -83.95 31.71 -0.35
C VAL D 42 -85.13 30.74 -0.36
N LYS D 43 -84.85 29.48 -0.72
CA LYS D 43 -85.93 28.50 -0.82
C LYS D 43 -86.55 28.19 0.53
N ASN D 44 -85.77 28.27 1.61
CA ASN D 44 -86.31 27.95 2.94
C ASN D 44 -87.11 29.12 3.50
N TYR D 45 -86.68 30.36 3.27
CA TYR D 45 -87.38 31.51 3.81
C TYR D 45 -88.53 31.99 2.92
N PHE D 46 -88.63 31.50 1.69
CA PHE D 46 -89.86 31.73 0.92
C PHE D 46 -90.96 30.79 1.41
N GLU D 47 -90.68 29.49 1.44
CA GLU D 47 -91.65 28.52 1.92
C GLU D 47 -91.74 28.61 3.43
N PRO D 48 -92.92 28.90 4.01
CA PRO D 48 -92.97 29.02 5.48
C PRO D 48 -92.62 27.74 6.22
N ALA D 49 -92.88 26.58 5.62
CA ALA D 49 -92.62 25.31 6.30
C ALA D 49 -91.17 24.88 6.23
N GLY D 50 -90.31 25.62 5.52
CA GLY D 50 -88.91 25.26 5.42
C GLY D 50 -88.05 25.81 6.54
N ASN D 51 -88.53 26.86 7.20
CA ASN D 51 -87.81 27.50 8.28
C ASN D 51 -88.35 27.03 9.62
N LYS D 52 -87.81 27.62 10.69
CA LYS D 52 -88.22 27.28 12.05
C LYS D 52 -89.34 28.15 12.58
N TYR D 53 -89.58 29.31 11.97
CA TYR D 53 -90.60 30.24 12.46
C TYR D 53 -91.97 30.02 11.85
N GLY D 54 -92.05 29.27 10.75
CA GLY D 54 -93.33 29.08 10.08
C GLY D 54 -93.81 30.31 9.34
N LYS D 55 -92.89 31.10 8.77
CA LYS D 55 -93.22 32.33 8.08
C LYS D 55 -92.52 32.34 6.72
N GLY D 56 -93.23 32.82 5.70
CA GLY D 56 -92.76 32.76 4.33
C GLY D 56 -92.18 34.06 3.81
N LEU D 57 -92.76 34.58 2.73
CA LEU D 57 -92.19 35.74 2.04
C LEU D 57 -92.59 37.05 2.72
N ASP D 58 -93.89 37.29 2.85
CA ASP D 58 -94.41 38.55 3.38
C ASP D 58 -95.20 38.32 4.65
N ASP D 59 -94.69 37.48 5.54
CA ASP D 59 -95.32 37.21 6.82
C ASP D 59 -94.67 37.98 7.97
N SER D 60 -93.57 38.66 7.74
CA SER D 60 -92.93 39.47 8.77
C SER D 60 -92.02 40.48 8.08
N PRO D 61 -91.67 41.59 8.75
CA PRO D 61 -90.78 42.57 8.11
C PRO D 61 -89.42 42.00 7.73
N LYS D 62 -88.89 41.09 8.54
CA LYS D 62 -87.56 40.54 8.28
C LYS D 62 -87.51 39.85 6.93
N ARG D 63 -88.53 39.04 6.62
CA ARG D 63 -88.56 38.36 5.33
C ARG D 63 -88.69 39.37 4.19
N GLN D 64 -89.47 40.43 4.41
CA GLN D 64 -89.61 41.48 3.39
C GLN D 64 -88.25 42.09 3.06
N ILE D 65 -87.50 42.50 4.09
CA ILE D 65 -86.18 43.06 3.82
C ILE D 65 -85.21 42.02 3.30
N ASP D 66 -85.42 40.73 3.62
CA ASP D 66 -84.56 39.69 3.08
C ASP D 66 -84.73 39.59 1.57
N PHE D 67 -85.97 39.50 1.10
CA PHE D 67 -86.26 39.34 -0.32
C PHE D 67 -86.36 40.65 -1.08
N SER D 68 -86.16 41.79 -0.41
CA SER D 68 -86.32 43.09 -1.05
C SER D 68 -85.45 43.23 -2.30
N GLU D 69 -84.15 42.95 -2.18
CA GLU D 69 -83.21 43.20 -3.27
C GLU D 69 -83.27 42.15 -4.37
N LEU D 70 -84.23 41.21 -4.33
CA LEU D 70 -84.46 40.27 -5.41
C LEU D 70 -85.77 40.49 -6.15
N ILE D 71 -86.71 41.26 -5.57
CA ILE D 71 -87.96 41.56 -6.27
C ILE D 71 -87.66 42.35 -7.52
N LYS D 72 -88.16 41.87 -8.66
CA LYS D 72 -88.01 42.53 -9.94
C LYS D 72 -89.35 42.53 -10.66
N VAL D 73 -89.66 43.64 -11.32
CA VAL D 73 -90.89 43.81 -12.08
C VAL D 73 -90.52 43.90 -13.56
N GLY D 74 -91.04 42.96 -14.35
CA GLY D 74 -90.72 42.91 -15.76
C GLY D 74 -91.94 42.54 -16.58
N GLU D 75 -91.87 42.88 -17.87
CA GLU D 75 -92.94 42.64 -18.81
C GLU D 75 -92.68 41.35 -19.59
N GLY D 76 -93.74 40.58 -19.80
CA GLY D 76 -93.64 39.39 -20.64
C GLY D 76 -93.79 39.75 -22.11
N VAL D 77 -93.06 39.02 -22.95
CA VAL D 77 -93.00 39.29 -24.37
C VAL D 77 -93.78 38.22 -25.12
N LEU D 78 -94.56 38.65 -26.10
CA LEU D 78 -95.35 37.72 -26.90
C LEU D 78 -94.45 36.74 -27.63
N ASN D 79 -94.87 35.46 -27.66
CA ASN D 79 -94.12 34.39 -28.29
C ASN D 79 -94.63 34.11 -29.70
N THR D 80 -95.11 35.13 -30.41
CA THR D 80 -95.59 34.96 -31.77
C THR D 80 -94.50 34.58 -32.75
N SER D 81 -93.22 34.69 -32.36
CA SER D 81 -92.13 34.33 -33.25
C SER D 81 -92.22 32.85 -33.65
N ALA D 82 -92.52 31.98 -32.69
CA ALA D 82 -92.67 30.54 -32.94
C ALA D 82 -94.14 30.20 -33.07
N PRO D 83 -94.61 29.72 -34.22
CA PRO D 83 -96.02 29.23 -34.28
C PRO D 83 -96.21 27.87 -33.61
N THR D 84 -96.04 27.83 -32.30
CA THR D 84 -96.24 26.61 -31.54
C THR D 84 -97.74 26.33 -31.38
N ILE D 85 -98.06 25.19 -30.78
CA ILE D 85 -99.44 24.75 -30.59
C ILE D 85 -99.79 24.94 -29.13
N THR D 86 -100.96 25.52 -28.87
CA THR D 86 -101.45 25.77 -27.53
C THR D 86 -102.45 24.70 -27.12
N PHE D 87 -102.70 24.60 -25.82
CA PHE D 87 -103.67 23.66 -25.28
C PHE D 87 -105.08 24.24 -25.25
N ASP D 88 -105.21 25.56 -25.14
CA ASP D 88 -106.49 26.24 -25.14
C ASP D 88 -106.62 27.09 -26.39
N LYS D 89 -107.87 27.30 -26.83
CA LYS D 89 -108.10 27.99 -28.09
C LYS D 89 -107.81 29.48 -27.99
N ARG D 90 -108.08 30.10 -26.84
CA ARG D 90 -107.94 31.54 -26.65
C ARG D 90 -106.69 31.90 -25.86
N ALA D 91 -105.62 31.14 -26.00
CA ALA D 91 -104.39 31.32 -25.22
C ALA D 91 -103.36 32.05 -26.06
N LYS D 92 -102.90 33.20 -25.57
CA LYS D 92 -101.81 33.96 -26.17
C LYS D 92 -100.53 33.60 -25.41
N VAL D 93 -99.58 33.00 -26.11
CA VAL D 93 -98.35 32.54 -25.48
C VAL D 93 -97.43 33.74 -25.23
N TYR D 94 -96.86 33.80 -24.04
CA TYR D 94 -95.96 34.87 -23.63
C TYR D 94 -94.72 34.26 -23.01
N ASP D 95 -93.56 34.86 -23.30
CA ASP D 95 -92.28 34.42 -22.77
C ASP D 95 -91.90 35.26 -21.55
N LEU D 96 -91.51 34.59 -20.48
CA LEU D 96 -91.13 35.25 -19.24
C LEU D 96 -89.66 35.63 -19.26
N PRO D 97 -89.22 36.49 -18.34
CA PRO D 97 -87.80 36.85 -18.30
C PRO D 97 -86.92 35.64 -18.00
N ALA D 98 -85.66 35.75 -18.44
CA ALA D 98 -84.72 34.65 -18.27
C ALA D 98 -84.24 34.52 -16.83
N ASP D 99 -84.03 35.66 -16.15
CA ASP D 99 -83.53 35.65 -14.77
C ASP D 99 -84.69 35.57 -13.78
N LEU D 100 -85.49 34.53 -13.95
CA LEU D 100 -86.69 34.30 -13.14
C LEU D 100 -86.43 33.17 -12.15
N PHE D 101 -86.73 33.42 -10.88
CA PHE D 101 -86.60 32.44 -9.81
C PHE D 101 -87.95 32.01 -9.26
N LEU D 102 -88.84 32.96 -8.99
CA LEU D 102 -90.12 32.66 -8.38
C LEU D 102 -91.09 33.79 -8.69
N VAL D 103 -92.31 33.43 -9.12
CA VAL D 103 -93.34 34.41 -9.44
C VAL D 103 -94.26 34.58 -8.24
N ILE D 104 -94.58 35.83 -7.92
CA ILE D 104 -95.44 36.14 -6.77
C ILE D 104 -96.62 37.02 -7.13
N ASN D 105 -96.57 37.82 -8.18
CA ASN D 105 -97.70 38.62 -8.61
C ASN D 105 -97.62 38.81 -10.12
N GLU D 106 -98.73 38.57 -10.81
CA GLU D 106 -98.80 38.74 -12.26
C GLU D 106 -100.12 39.41 -12.60
N ALA D 107 -100.09 40.31 -13.58
CA ALA D 107 -101.27 41.05 -13.99
C ALA D 107 -101.23 41.27 -15.50
N VAL D 108 -102.40 41.47 -16.07
CA VAL D 108 -102.57 41.70 -17.51
C VAL D 108 -103.48 42.91 -17.69
N ASP D 109 -103.10 43.80 -18.61
CA ASP D 109 -103.88 44.98 -18.92
C ASP D 109 -104.58 44.75 -20.26
N THR D 110 -105.90 44.61 -20.21
CA THR D 110 -106.72 44.36 -21.39
C THR D 110 -107.49 45.63 -21.75
N ASN D 111 -108.21 45.57 -22.88
CA ASN D 111 -109.07 46.68 -23.27
C ASN D 111 -110.18 46.91 -22.24
N ALA D 112 -110.66 45.82 -21.62
CA ALA D 112 -111.67 45.98 -20.57
C ALA D 112 -111.09 46.58 -19.30
N GLY D 113 -109.86 46.23 -18.98
CA GLY D 113 -109.20 46.76 -17.80
C GLY D 113 -108.20 45.77 -17.24
N THR D 114 -107.47 46.22 -16.23
CA THR D 114 -106.47 45.38 -15.59
C THR D 114 -107.14 44.22 -14.86
N LYS D 115 -106.54 43.04 -14.96
CA LYS D 115 -107.09 41.82 -14.37
C LYS D 115 -105.94 41.02 -13.76
N GLN D 116 -106.01 40.79 -12.45
CA GLN D 116 -104.99 40.01 -11.78
C GLN D 116 -105.03 38.56 -12.25
N ILE D 117 -103.87 37.99 -12.47
CA ILE D 117 -103.76 36.63 -13.01
C ILE D 117 -103.75 35.64 -11.86
N VAL D 118 -104.45 34.52 -12.05
CA VAL D 118 -104.55 33.45 -11.07
C VAL D 118 -103.81 32.23 -11.63
N PRO D 119 -102.76 31.73 -10.96
CA PRO D 119 -102.14 30.48 -11.44
C PRO D 119 -103.01 29.28 -11.14
N ILE D 120 -103.65 28.73 -12.17
CA ILE D 120 -104.62 27.65 -12.01
C ILE D 120 -103.91 26.31 -12.10
N SER D 121 -104.36 25.36 -11.30
CA SER D 121 -103.76 24.03 -11.26
C SER D 121 -104.29 23.17 -12.40
N TYR D 122 -103.58 22.08 -12.66
CA TYR D 122 -104.00 21.15 -13.72
C TYR D 122 -105.36 20.54 -13.42
N SER D 123 -105.72 20.40 -12.14
CA SER D 123 -107.01 19.87 -11.76
C SER D 123 -108.10 20.94 -11.79
N ASP D 124 -107.78 22.15 -11.32
CA ASP D 124 -108.76 23.24 -11.35
C ASP D 124 -109.13 23.59 -12.79
N TYR D 125 -108.18 23.47 -13.72
CA TYR D 125 -108.50 23.70 -15.13
C TYR D 125 -109.57 22.72 -15.62
N THR D 126 -109.38 21.43 -15.35
CA THR D 126 -110.37 20.44 -15.75
C THR D 126 -111.70 20.67 -15.05
N ARG D 127 -111.66 21.12 -13.79
CA ARG D 127 -112.90 21.32 -13.05
C ARG D 127 -113.69 22.50 -13.62
N LEU D 128 -113.01 23.61 -13.91
CA LEU D 128 -113.69 24.82 -14.37
C LEU D 128 -113.99 24.79 -15.87
N MET D 129 -113.33 23.93 -16.65
CA MET D 129 -113.64 23.79 -18.06
C MET D 129 -114.70 22.74 -18.35
N SER D 130 -115.28 22.13 -17.31
CA SER D 130 -116.38 21.19 -17.46
C SER D 130 -117.73 21.84 -17.14
N ARG D 131 -117.81 23.16 -17.18
CA ARG D 131 -118.97 23.94 -16.81
C ARG D 131 -119.56 24.65 -18.04
N PRO D 132 -120.75 25.26 -17.90
CA PRO D 132 -121.34 25.98 -19.03
C PRO D 132 -120.45 27.07 -19.63
N TYR D 133 -120.01 28.04 -18.81
CA TYR D 133 -119.42 29.25 -19.37
C TYR D 133 -117.96 29.03 -19.79
N LYS D 134 -117.18 28.37 -18.94
CA LYS D 134 -115.77 28.07 -19.23
C LYS D 134 -114.96 29.34 -19.47
N GLU D 135 -115.18 30.35 -18.66
CA GLU D 135 -114.40 31.58 -18.69
C GLU D 135 -114.12 32.03 -17.27
N PRO D 136 -113.08 32.86 -17.07
CA PRO D 136 -112.78 33.32 -15.70
C PRO D 136 -113.84 34.27 -15.17
N VAL D 137 -113.65 34.77 -13.95
CA VAL D 137 -114.54 35.77 -13.38
C VAL D 137 -114.19 37.12 -13.99
N LYS D 138 -115.02 38.13 -13.75
CA LYS D 138 -114.90 39.41 -14.45
C LYS D 138 -113.54 40.07 -14.19
N TYR D 139 -112.91 39.77 -13.06
CA TYR D 139 -111.76 40.54 -12.57
C TYR D 139 -110.53 39.64 -12.38
N GLN D 140 -110.43 38.55 -13.13
CA GLN D 140 -109.29 37.66 -13.02
C GLN D 140 -109.00 37.05 -14.39
N ALA D 141 -107.80 36.50 -14.52
CA ALA D 141 -107.37 35.80 -15.72
C ALA D 141 -106.56 34.58 -15.32
N TRP D 142 -106.56 33.58 -16.20
CA TRP D 142 -105.91 32.31 -15.93
C TRP D 142 -104.55 32.24 -16.63
N ARG D 143 -103.68 31.38 -16.09
CA ARG D 143 -102.35 31.18 -16.67
C ARG D 143 -101.93 29.74 -16.43
N ILE D 144 -101.47 29.08 -17.49
CA ILE D 144 -100.92 27.73 -17.40
C ILE D 144 -99.66 27.67 -18.24
N ILE D 145 -98.74 26.80 -17.84
CA ILE D 145 -97.45 26.67 -18.52
C ILE D 145 -97.59 25.68 -19.67
N THR D 146 -96.84 25.94 -20.75
CA THR D 146 -96.92 25.16 -21.97
C THR D 146 -95.50 24.86 -22.45
N THR D 147 -95.38 24.41 -23.70
CA THR D 147 -94.07 24.12 -24.29
C THR D 147 -93.12 25.30 -24.18
N SER D 148 -92.02 25.10 -23.46
CA SER D 148 -90.95 26.07 -23.33
C SER D 148 -89.64 25.44 -23.78
N ILE D 149 -88.78 26.26 -24.38
CA ILE D 149 -87.48 25.82 -24.87
C ILE D 149 -86.41 26.75 -24.28
N ASN D 150 -85.59 26.20 -23.37
CA ASN D 150 -84.60 26.93 -22.59
C ASN D 150 -85.12 28.28 -22.11
N ASN D 151 -86.40 28.34 -21.74
CA ASN D 151 -87.03 29.54 -21.22
C ASN D 151 -88.29 29.12 -20.47
N ILE D 152 -89.16 30.09 -20.17
CA ILE D 152 -90.46 29.82 -19.58
C ILE D 152 -91.51 30.51 -20.43
N SER D 153 -92.42 29.72 -21.00
CA SER D 153 -93.54 30.22 -21.79
C SER D 153 -94.84 29.91 -21.07
N VAL D 154 -95.75 30.88 -21.04
CA VAL D 154 -96.98 30.80 -20.27
C VAL D 154 -98.17 31.10 -21.18
N GLU D 155 -99.22 30.30 -21.05
CA GLU D 155 -100.44 30.45 -21.83
C GLU D 155 -101.39 31.37 -21.06
N LEU D 156 -101.61 32.57 -21.59
CA LEU D 156 -102.50 33.54 -20.95
C LEU D 156 -103.92 33.30 -21.46
N ILE D 157 -104.74 32.66 -20.63
CA ILE D 157 -106.13 32.34 -20.98
C ILE D 157 -106.98 33.44 -20.37
N VAL D 158 -107.25 34.48 -21.15
CA VAL D 158 -108.12 35.58 -20.75
C VAL D 158 -109.48 35.36 -21.39
N ASN D 159 -110.50 35.99 -20.82
CA ASN D 159 -111.86 35.85 -21.33
C ASN D 159 -111.94 36.30 -22.78
N SER D 160 -112.76 35.60 -23.56
CA SER D 160 -112.90 35.90 -24.98
C SER D 160 -113.44 37.32 -25.18
N ASN D 161 -113.42 37.76 -26.43
CA ASN D 161 -113.85 39.11 -26.83
C ASN D 161 -112.99 40.19 -26.17
N GLU D 162 -111.76 39.86 -25.81
CA GLU D 162 -110.83 40.80 -25.20
C GLU D 162 -109.45 40.61 -25.80
N THR D 163 -108.63 41.65 -25.68
CA THR D 163 -107.26 41.64 -26.20
C THR D 163 -106.30 41.99 -25.08
N ILE D 164 -105.08 41.47 -25.19
CA ILE D 164 -104.04 41.67 -24.19
C ILE D 164 -103.07 42.72 -24.71
N THR D 165 -102.88 43.79 -23.93
CA THR D 165 -101.96 44.86 -24.28
C THR D 165 -100.68 44.86 -23.45
N ASP D 166 -100.70 44.25 -22.28
CA ASP D 166 -99.52 44.23 -21.41
C ASP D 166 -99.60 43.03 -20.48
N TYR D 167 -98.43 42.51 -20.10
CA TYR D 167 -98.34 41.39 -19.17
C TYR D 167 -97.15 41.66 -18.24
N LYS D 168 -97.45 42.21 -17.07
CA LYS D 168 -96.44 42.54 -16.08
C LYS D 168 -96.25 41.37 -15.12
N VAL D 169 -95.00 41.18 -14.68
CA VAL D 169 -94.64 40.06 -13.81
C VAL D 169 -93.73 40.60 -12.71
N ARG D 170 -94.19 40.53 -11.46
CA ARG D 170 -93.38 40.83 -10.29
C ARG D 170 -92.83 39.51 -9.76
N TYR D 171 -91.54 39.27 -9.97
CA TYR D 171 -90.92 37.98 -9.70
C TYR D 171 -89.66 38.17 -8.88
N ILE D 172 -89.21 37.08 -8.27
CA ILE D 172 -87.97 37.04 -7.52
C ILE D 172 -86.84 36.74 -8.49
N ARG D 173 -85.88 37.66 -8.59
CA ARG D 173 -84.78 37.49 -9.53
C ARG D 173 -83.85 36.37 -9.07
N ARG D 174 -83.26 35.68 -10.03
CA ARG D 174 -82.29 34.63 -9.73
C ARG D 174 -81.07 35.25 -9.04
N PRO D 175 -80.69 34.78 -7.84
CA PRO D 175 -79.52 35.38 -7.18
C PRO D 175 -78.24 35.12 -7.97
N ALA D 176 -77.33 36.09 -7.92
CA ALA D 176 -76.05 35.96 -8.58
C ALA D 176 -75.08 35.16 -7.70
N PRO D 177 -74.05 34.57 -8.30
CA PRO D 177 -73.12 33.75 -7.50
C PRO D 177 -72.30 34.60 -6.55
N ILE D 178 -71.76 33.92 -5.54
CA ILE D 178 -70.84 34.53 -4.56
C ILE D 178 -69.47 33.94 -4.83
N ILE D 179 -68.59 34.73 -5.44
CA ILE D 179 -67.24 34.30 -5.82
C ILE D 179 -66.25 35.22 -5.12
N THR D 180 -65.25 34.64 -4.47
CA THR D 180 -64.29 35.39 -3.68
C THR D 180 -63.07 35.85 -4.47
N THR D 181 -62.75 35.19 -5.59
CA THR D 181 -61.56 35.53 -6.34
C THR D 181 -61.74 35.06 -7.77
N ASN D 182 -60.95 35.65 -8.67
CA ASN D 182 -60.98 35.28 -10.08
C ASN D 182 -60.55 33.82 -10.23
N LEU D 183 -61.50 32.96 -10.59
CA LEU D 183 -61.21 31.52 -10.65
C LEU D 183 -60.32 31.16 -11.82
N SER D 184 -60.23 32.02 -12.84
CA SER D 184 -59.37 31.74 -13.98
C SER D 184 -57.88 31.89 -13.67
N SER D 185 -57.54 32.48 -12.52
CA SER D 185 -56.13 32.69 -12.19
C SER D 185 -55.45 31.36 -11.85
N GLU D 186 -55.93 30.68 -10.81
CA GLU D 186 -55.33 29.43 -10.36
C GLU D 186 -55.94 28.21 -11.04
N TYR D 187 -57.24 28.22 -11.27
CA TYR D 187 -57.96 27.07 -11.79
C TYR D 187 -58.20 27.25 -13.29
N GLY D 188 -58.09 26.16 -14.03
CA GLY D 188 -58.17 26.21 -15.48
C GLY D 188 -59.48 26.77 -16.00
N ASP D 189 -60.58 26.04 -15.81
CA ASP D 189 -61.90 26.50 -16.27
C ASP D 189 -62.95 25.92 -15.32
N VAL D 190 -63.34 26.72 -14.34
CA VAL D 190 -64.37 26.36 -13.37
C VAL D 190 -65.29 27.55 -13.17
N THR D 191 -66.59 27.29 -13.10
CA THR D 191 -67.59 28.33 -12.94
C THR D 191 -68.61 27.88 -11.89
N ILE D 192 -69.38 28.84 -11.41
CA ILE D 192 -70.42 28.59 -10.41
C ILE D 192 -71.79 28.56 -11.06
N ASN D 193 -72.15 29.60 -11.81
CA ASN D 193 -73.36 29.63 -12.62
C ASN D 193 -73.06 30.26 -13.97
N GLY D 194 -71.91 29.93 -14.54
CA GLY D 194 -71.42 30.58 -15.74
C GLY D 194 -70.60 31.82 -15.50
N VAL D 195 -70.11 32.04 -14.28
CA VAL D 195 -69.32 33.20 -13.92
C VAL D 195 -67.97 32.72 -13.40
N SER D 196 -66.90 33.42 -13.79
CA SER D 196 -65.54 33.09 -13.38
C SER D 196 -64.85 34.17 -12.56
N THR D 197 -65.37 35.39 -12.54
CA THR D 197 -64.74 36.50 -11.84
C THR D 197 -65.41 36.71 -10.49
N VAL D 198 -64.94 37.72 -9.75
CA VAL D 198 -65.48 38.01 -8.44
C VAL D 198 -66.91 38.50 -8.58
N SER D 199 -67.80 37.99 -7.72
CA SER D 199 -69.22 38.31 -7.76
C SER D 199 -69.69 38.61 -6.34
N GLU D 200 -69.98 39.88 -6.07
CA GLU D 200 -70.51 40.26 -4.77
C GLU D 200 -71.94 39.72 -4.62
N CYS D 201 -72.33 39.45 -3.37
CA CYS D 201 -73.68 38.97 -3.11
C CYS D 201 -74.70 40.05 -3.44
N GLU D 202 -75.67 39.71 -4.28
CA GLU D 202 -76.72 40.64 -4.68
C GLU D 202 -77.95 40.48 -3.78
N LEU D 203 -77.72 40.54 -2.47
CA LEU D 203 -78.76 40.39 -1.47
C LEU D 203 -78.57 41.44 -0.39
N ASN D 204 -79.61 41.61 0.42
CA ASN D 204 -79.52 42.53 1.55
C ASN D 204 -78.57 41.96 2.61
N PRO D 205 -77.84 42.83 3.32
CA PRO D 205 -76.95 42.31 4.40
C PRO D 205 -77.66 41.55 5.51
N ILE D 206 -78.99 41.51 5.55
CA ILE D 206 -79.68 40.80 6.62
C ILE D 206 -79.31 39.33 6.63
N ILE D 207 -79.35 38.68 5.46
CA ILE D 207 -79.22 37.23 5.39
C ILE D 207 -77.78 36.82 5.08
N HIS D 208 -76.86 37.77 5.08
CA HIS D 208 -75.47 37.43 4.79
C HIS D 208 -74.88 36.53 5.88
N SER D 209 -75.16 36.85 7.15
CA SER D 209 -74.68 36.01 8.24
C SER D 209 -75.33 34.63 8.19
N GLU D 210 -76.61 34.57 7.85
CA GLU D 210 -77.28 33.28 7.70
C GLU D 210 -76.64 32.46 6.59
N ILE D 211 -76.32 33.10 5.47
CA ILE D 211 -75.66 32.40 4.37
C ILE D 211 -74.30 31.88 4.82
N LEU D 212 -73.55 32.71 5.55
CA LEU D 212 -72.25 32.29 6.04
C LEU D 212 -72.36 31.07 6.96
N GLN D 213 -73.33 31.11 7.88
CA GLN D 213 -73.49 29.99 8.81
C GLN D 213 -73.93 28.73 8.07
N ARG D 214 -74.85 28.86 7.11
CA ARG D 214 -75.29 27.69 6.36
C ARG D 214 -74.15 27.11 5.54
N ALA D 215 -73.31 27.97 4.96
CA ALA D 215 -72.13 27.48 4.25
C ALA D 215 -71.17 26.77 5.19
N VAL D 216 -71.02 27.29 6.41
CA VAL D 216 -70.15 26.63 7.38
C VAL D 216 -70.67 25.25 7.71
N GLU D 217 -71.99 25.13 7.93
CA GLU D 217 -72.57 23.83 8.24
C GLU D 217 -72.43 22.88 7.06
N LEU D 218 -72.64 23.37 5.83
CA LEU D 218 -72.47 22.52 4.66
C LEU D 218 -71.03 22.03 4.54
N ALA D 219 -70.07 22.92 4.76
CA ALA D 219 -68.67 22.52 4.72
C ALA D 219 -68.36 21.48 5.78
N LYS D 220 -68.87 21.69 7.00
CA LYS D 220 -68.60 20.74 8.09
C LYS D 220 -69.19 19.37 7.76
N ALA D 221 -70.43 19.35 7.24
CA ALA D 221 -71.05 18.07 6.89
C ALA D 221 -70.27 17.37 5.78
N ALA D 222 -69.87 18.12 4.74
CA ALA D 222 -69.25 17.50 3.59
C ALA D 222 -67.83 17.01 3.90
N TYR D 223 -67.07 17.77 4.68
CA TYR D 223 -65.65 17.54 4.85
C TYR D 223 -65.27 16.92 6.20
N GLN D 224 -66.21 16.84 7.14
CA GLN D 224 -65.96 16.24 8.44
C GLN D 224 -67.05 15.28 8.88
N GLY D 225 -68.08 15.07 8.05
CA GLY D 225 -69.22 14.25 8.41
C GLY D 225 -69.29 12.98 7.57
N ASP D 226 -70.27 12.15 7.91
CA ASP D 226 -70.53 10.87 7.27
C ASP D 226 -71.78 10.97 6.40
N LEU D 227 -72.22 9.82 5.88
CA LEU D 227 -73.43 9.78 5.08
C LEU D 227 -74.63 10.32 5.84
N GLN D 228 -74.72 10.01 7.13
CA GLN D 228 -75.87 10.47 7.92
C GLN D 228 -75.93 11.99 7.97
N ALA D 229 -74.77 12.64 8.14
CA ALA D 229 -74.77 14.10 8.18
C ALA D 229 -75.23 14.69 6.85
N SER D 230 -74.76 14.14 5.73
CA SER D 230 -75.17 14.64 4.42
C SER D 230 -76.66 14.46 4.22
N VAL D 231 -77.19 13.28 4.56
CA VAL D 231 -78.62 13.03 4.39
C VAL D 231 -79.44 13.96 5.28
N GLU D 232 -79.00 14.18 6.52
CA GLU D 232 -79.76 15.00 7.44
C GLU D 232 -79.74 16.46 7.01
N LEU D 233 -78.60 16.95 6.52
CA LEU D 233 -78.49 18.35 6.12
C LEU D 233 -79.04 18.61 4.72
N GLY D 234 -79.26 17.57 3.92
CA GLY D 234 -79.94 17.76 2.65
C GLY D 234 -81.42 17.99 2.79
N GLN D 235 -81.99 17.75 3.97
CA GLN D 235 -83.40 18.05 4.19
C GLN D 235 -83.67 19.54 4.05
N ARG D 236 -82.73 20.38 4.50
CA ARG D 236 -82.88 21.83 4.45
C ARG D 236 -82.39 22.41 3.13
N SER D 237 -82.29 21.60 2.08
CA SER D 237 -81.89 22.06 0.77
C SER D 237 -83.07 22.48 -0.10
N GLU D 238 -84.30 22.38 0.42
CA GLU D 238 -85.49 22.69 -0.35
C GLU D 238 -86.39 23.65 0.42
MG MG E . 68.34 -18.60 -25.97
#